data_1RTT
# 
_entry.id   1RTT 
# 
_audit_conform.dict_name       mmcif_pdbx.dic 
_audit_conform.dict_version    5.386 
_audit_conform.dict_location   http://mmcif.pdb.org/dictionaries/ascii/mmcif_pdbx.dic 
# 
loop_
_database_2.database_id 
_database_2.database_code 
_database_2.pdbx_database_accession 
_database_2.pdbx_DOI 
PDB   1RTT         pdb_00001rtt 10.2210/pdb1rtt/pdb 
RCSB  RCSB021029   ?            ?                   
WWPDB D_1000021029 ?            ?                   
# 
loop_
_pdbx_audit_revision_history.ordinal 
_pdbx_audit_revision_history.data_content_type 
_pdbx_audit_revision_history.major_revision 
_pdbx_audit_revision_history.minor_revision 
_pdbx_audit_revision_history.revision_date 
1 'Structure model' 1 0 2004-08-17 
2 'Structure model' 1 1 2008-04-29 
3 'Structure model' 1 2 2011-07-13 
4 'Structure model' 1 3 2021-02-03 
5 'Structure model' 1 4 2024-02-14 
# 
_pdbx_audit_revision_details.ordinal             1 
_pdbx_audit_revision_details.revision_ordinal    1 
_pdbx_audit_revision_details.data_content_type   'Structure model' 
_pdbx_audit_revision_details.provider            repository 
_pdbx_audit_revision_details.type                'Initial release' 
_pdbx_audit_revision_details.description         ? 
_pdbx_audit_revision_details.details             ? 
# 
loop_
_pdbx_audit_revision_group.ordinal 
_pdbx_audit_revision_group.revision_ordinal 
_pdbx_audit_revision_group.data_content_type 
_pdbx_audit_revision_group.group 
1 2 'Structure model' 'Version format compliance' 
2 3 'Structure model' 'Source and taxonomy'       
3 3 'Structure model' 'Version format compliance' 
4 4 'Structure model' 'Database references'       
5 4 'Structure model' 'Derived calculations'      
6 4 'Structure model' 'Structure summary'         
7 5 'Structure model' 'Data collection'           
8 5 'Structure model' 'Database references'       
# 
loop_
_pdbx_audit_revision_category.ordinal 
_pdbx_audit_revision_category.revision_ordinal 
_pdbx_audit_revision_category.data_content_type 
_pdbx_audit_revision_category.category 
1 4 'Structure model' audit_author       
2 4 'Structure model' citation_author    
3 4 'Structure model' struct_ref_seq_dif 
4 4 'Structure model' struct_site        
5 5 'Structure model' chem_comp_atom     
6 5 'Structure model' chem_comp_bond     
7 5 'Structure model' database_2         
# 
loop_
_pdbx_audit_revision_item.ordinal 
_pdbx_audit_revision_item.revision_ordinal 
_pdbx_audit_revision_item.data_content_type 
_pdbx_audit_revision_item.item 
1 4 'Structure model' '_audit_author.identifier_ORCID'      
2 4 'Structure model' '_citation_author.identifier_ORCID'   
3 4 'Structure model' '_struct_ref_seq_dif.details'         
4 4 'Structure model' '_struct_site.pdbx_auth_asym_id'      
5 4 'Structure model' '_struct_site.pdbx_auth_comp_id'      
6 4 'Structure model' '_struct_site.pdbx_auth_seq_id'       
7 5 'Structure model' '_database_2.pdbx_DOI'                
8 5 'Structure model' '_database_2.pdbx_database_accession' 
# 
_pdbx_database_status.status_code                     REL 
_pdbx_database_status.entry_id                        1RTT 
_pdbx_database_status.recvd_initial_deposition_date   2003-12-10 
_pdbx_database_status.deposit_site                    RCSB 
_pdbx_database_status.process_site                    RCSB 
_pdbx_database_status.SG_entry                        Y 
_pdbx_database_status.status_code_sf                  REL 
_pdbx_database_status.pdb_format_compatible           Y 
_pdbx_database_status.status_code_mr                  ? 
_pdbx_database_status.status_code_cs                  ? 
_pdbx_database_status.status_code_nmr_data            ? 
_pdbx_database_status.methods_development_category    ? 
# 
_pdbx_database_related.db_name        TargetDB 
_pdbx_database_related.db_id          NYSGXRC-T1501 
_pdbx_database_related.details        . 
_pdbx_database_related.content_type   unspecified 
# 
loop_
_audit_author.name 
_audit_author.pdbx_ordinal 
_audit_author.identifier_ORCID 
'Agarwal, R.'                                                    1 ?                   
'Swaminathan, S.'                                                2 ?                   
'Burley, S.K.'                                                   3 0000-0002-2487-9713 
'New York SGX Research Center for Structural Genomics (NYSGXRC)' 4 ?                   
# 
_citation.id                        primary 
_citation.title                     
'Structure determination of an FMN reductase from Pseudomonas aeruginosa PA01 using sulfur anomalous signal.' 
_citation.journal_abbrev            'ACTA CRYSTALLOGR.,SECT.D' 
_citation.journal_volume            62 
_citation.page_first                383 
_citation.page_last                 391 
_citation.year                      2006 
_citation.journal_id_ASTM           ABCRE6 
_citation.country                   DK 
_citation.journal_id_ISSN           0907-4449 
_citation.journal_id_CSD            0766 
_citation.book_publisher            ? 
_citation.pdbx_database_id_PubMed   16552139 
_citation.pdbx_database_id_DOI      10.1107/S0907444906001600 
# 
loop_
_citation_author.citation_id 
_citation_author.name 
_citation_author.ordinal 
_citation_author.identifier_ORCID 
primary 'Agarwal, R.'     1 ?                   
primary 'Bonanno, J.B.'   2 ?                   
primary 'Burley, S.K.'    3 0000-0002-2487-9713 
primary 'Swaminathan, S.' 4 ?                   
# 
loop_
_entity.id 
_entity.type 
_entity.src_method 
_entity.pdbx_description 
_entity.formula_weight 
_entity.pdbx_number_of_molecules 
_entity.pdbx_ec 
_entity.pdbx_mutation 
_entity.pdbx_fragment 
_entity.details 
1 polymer     man 'conserved hypothetical protein' 21118.842 1   ? ? ? ? 
2 non-polymer syn 'SULFATE ION'                    96.063    1   ? ? ? ? 
3 water       nat water                            18.015    164 ? ? ? ? 
# 
_entity_poly.entity_id                      1 
_entity_poly.type                           'polypeptide(L)' 
_entity_poly.nstd_linkage                   no 
_entity_poly.nstd_monomer                   no 
_entity_poly.pdbx_seq_one_letter_code       
;MSLSDDIKVLGISGSLRSGSYNSAALQEAIGLVPPGMSIELADISGIPLYNEDVYALGFPPAVERFREQIRAADALLFAT
PEYNYSMAGVLKNAIDWASRPPEQPFSGKPAAILGASAGRFGTARAQYHLRQTLVFLDVHPLNKPEVMISSAQNAFDAQG
RLLDDKARELIQQQLQALQLWVREGGSHHHHHH
;
_entity_poly.pdbx_seq_one_letter_code_can   
;MSLSDDIKVLGISGSLRSGSYNSAALQEAIGLVPPGMSIELADISGIPLYNEDVYALGFPPAVERFREQIRAADALLFAT
PEYNYSMAGVLKNAIDWASRPPEQPFSGKPAAILGASAGRFGTARAQYHLRQTLVFLDVHPLNKPEVMISSAQNAFDAQG
RLLDDKARELIQQQLQALQLWVREGGSHHHHHH
;
_entity_poly.pdbx_strand_id                 A 
_entity_poly.pdbx_target_identifier         NYSGXRC-T1501 
# 
loop_
_pdbx_entity_nonpoly.entity_id 
_pdbx_entity_nonpoly.name 
_pdbx_entity_nonpoly.comp_id 
2 'SULFATE ION' SO4 
3 water         HOH 
# 
loop_
_entity_poly_seq.entity_id 
_entity_poly_seq.num 
_entity_poly_seq.mon_id 
_entity_poly_seq.hetero 
1 1   MET n 
1 2   SER n 
1 3   LEU n 
1 4   SER n 
1 5   ASP n 
1 6   ASP n 
1 7   ILE n 
1 8   LYS n 
1 9   VAL n 
1 10  LEU n 
1 11  GLY n 
1 12  ILE n 
1 13  SER n 
1 14  GLY n 
1 15  SER n 
1 16  LEU n 
1 17  ARG n 
1 18  SER n 
1 19  GLY n 
1 20  SER n 
1 21  TYR n 
1 22  ASN n 
1 23  SER n 
1 24  ALA n 
1 25  ALA n 
1 26  LEU n 
1 27  GLN n 
1 28  GLU n 
1 29  ALA n 
1 30  ILE n 
1 31  GLY n 
1 32  LEU n 
1 33  VAL n 
1 34  PRO n 
1 35  PRO n 
1 36  GLY n 
1 37  MET n 
1 38  SER n 
1 39  ILE n 
1 40  GLU n 
1 41  LEU n 
1 42  ALA n 
1 43  ASP n 
1 44  ILE n 
1 45  SER n 
1 46  GLY n 
1 47  ILE n 
1 48  PRO n 
1 49  LEU n 
1 50  TYR n 
1 51  ASN n 
1 52  GLU n 
1 53  ASP n 
1 54  VAL n 
1 55  TYR n 
1 56  ALA n 
1 57  LEU n 
1 58  GLY n 
1 59  PHE n 
1 60  PRO n 
1 61  PRO n 
1 62  ALA n 
1 63  VAL n 
1 64  GLU n 
1 65  ARG n 
1 66  PHE n 
1 67  ARG n 
1 68  GLU n 
1 69  GLN n 
1 70  ILE n 
1 71  ARG n 
1 72  ALA n 
1 73  ALA n 
1 74  ASP n 
1 75  ALA n 
1 76  LEU n 
1 77  LEU n 
1 78  PHE n 
1 79  ALA n 
1 80  THR n 
1 81  PRO n 
1 82  GLU n 
1 83  TYR n 
1 84  ASN n 
1 85  TYR n 
1 86  SER n 
1 87  MET n 
1 88  ALA n 
1 89  GLY n 
1 90  VAL n 
1 91  LEU n 
1 92  LYS n 
1 93  ASN n 
1 94  ALA n 
1 95  ILE n 
1 96  ASP n 
1 97  TRP n 
1 98  ALA n 
1 99  SER n 
1 100 ARG n 
1 101 PRO n 
1 102 PRO n 
1 103 GLU n 
1 104 GLN n 
1 105 PRO n 
1 106 PHE n 
1 107 SER n 
1 108 GLY n 
1 109 LYS n 
1 110 PRO n 
1 111 ALA n 
1 112 ALA n 
1 113 ILE n 
1 114 LEU n 
1 115 GLY n 
1 116 ALA n 
1 117 SER n 
1 118 ALA n 
1 119 GLY n 
1 120 ARG n 
1 121 PHE n 
1 122 GLY n 
1 123 THR n 
1 124 ALA n 
1 125 ARG n 
1 126 ALA n 
1 127 GLN n 
1 128 TYR n 
1 129 HIS n 
1 130 LEU n 
1 131 ARG n 
1 132 GLN n 
1 133 THR n 
1 134 LEU n 
1 135 VAL n 
1 136 PHE n 
1 137 LEU n 
1 138 ASP n 
1 139 VAL n 
1 140 HIS n 
1 141 PRO n 
1 142 LEU n 
1 143 ASN n 
1 144 LYS n 
1 145 PRO n 
1 146 GLU n 
1 147 VAL n 
1 148 MET n 
1 149 ILE n 
1 150 SER n 
1 151 SER n 
1 152 ALA n 
1 153 GLN n 
1 154 ASN n 
1 155 ALA n 
1 156 PHE n 
1 157 ASP n 
1 158 ALA n 
1 159 GLN n 
1 160 GLY n 
1 161 ARG n 
1 162 LEU n 
1 163 LEU n 
1 164 ASP n 
1 165 ASP n 
1 166 LYS n 
1 167 ALA n 
1 168 ARG n 
1 169 GLU n 
1 170 LEU n 
1 171 ILE n 
1 172 GLN n 
1 173 GLN n 
1 174 GLN n 
1 175 LEU n 
1 176 GLN n 
1 177 ALA n 
1 178 LEU n 
1 179 GLN n 
1 180 LEU n 
1 181 TRP n 
1 182 VAL n 
1 183 ARG n 
1 184 GLU n 
1 185 GLY n 
1 186 GLY n 
1 187 SER n 
1 188 HIS n 
1 189 HIS n 
1 190 HIS n 
1 191 HIS n 
1 192 HIS n 
1 193 HIS n 
# 
_entity_src_gen.entity_id                          1 
_entity_src_gen.pdbx_src_id                        1 
_entity_src_gen.pdbx_alt_source_flag               sample 
_entity_src_gen.pdbx_seq_type                      ? 
_entity_src_gen.pdbx_beg_seq_num                   ? 
_entity_src_gen.pdbx_end_seq_num                   ? 
_entity_src_gen.gene_src_common_name               ? 
_entity_src_gen.gene_src_genus                     Pseudomonas 
_entity_src_gen.pdbx_gene_src_gene                 ? 
_entity_src_gen.gene_src_species                   'Pseudomonas aeruginosa' 
_entity_src_gen.gene_src_strain                    PAO1 
_entity_src_gen.gene_src_tissue                    ? 
_entity_src_gen.gene_src_tissue_fraction           ? 
_entity_src_gen.gene_src_details                   ? 
_entity_src_gen.pdbx_gene_src_fragment             ? 
_entity_src_gen.pdbx_gene_src_scientific_name      'Pseudomonas aeruginosa' 
_entity_src_gen.pdbx_gene_src_ncbi_taxonomy_id     208964 
_entity_src_gen.pdbx_gene_src_variant              ? 
_entity_src_gen.pdbx_gene_src_cell_line            ? 
_entity_src_gen.pdbx_gene_src_atcc                 ? 
_entity_src_gen.pdbx_gene_src_organ                ? 
_entity_src_gen.pdbx_gene_src_organelle            ? 
_entity_src_gen.pdbx_gene_src_cell                 ? 
_entity_src_gen.pdbx_gene_src_cellular_location    ? 
_entity_src_gen.host_org_common_name               ? 
_entity_src_gen.pdbx_host_org_scientific_name      'Escherichia coli' 
_entity_src_gen.pdbx_host_org_ncbi_taxonomy_id     562 
_entity_src_gen.host_org_genus                     Escherichia 
_entity_src_gen.pdbx_host_org_gene                 ? 
_entity_src_gen.pdbx_host_org_organ                ? 
_entity_src_gen.host_org_species                   ? 
_entity_src_gen.pdbx_host_org_tissue               ? 
_entity_src_gen.pdbx_host_org_tissue_fraction      ? 
_entity_src_gen.pdbx_host_org_strain               ? 
_entity_src_gen.pdbx_host_org_variant              ? 
_entity_src_gen.pdbx_host_org_cell_line            ? 
_entity_src_gen.pdbx_host_org_atcc                 ? 
_entity_src_gen.pdbx_host_org_culture_collection   ? 
_entity_src_gen.pdbx_host_org_cell                 ? 
_entity_src_gen.pdbx_host_org_organelle            ? 
_entity_src_gen.pdbx_host_org_cellular_location    ? 
_entity_src_gen.pdbx_host_org_vector_type          ? 
_entity_src_gen.pdbx_host_org_vector               ? 
_entity_src_gen.host_org_details                   ? 
_entity_src_gen.expression_system_id               ? 
_entity_src_gen.plasmid_name                       ? 
_entity_src_gen.plasmid_details                    ? 
_entity_src_gen.pdbx_description                   ? 
# 
loop_
_chem_comp.id 
_chem_comp.type 
_chem_comp.mon_nstd_flag 
_chem_comp.name 
_chem_comp.pdbx_synonyms 
_chem_comp.formula 
_chem_comp.formula_weight 
ALA 'L-peptide linking' y ALANINE         ? 'C3 H7 N O2'     89.093  
ARG 'L-peptide linking' y ARGININE        ? 'C6 H15 N4 O2 1' 175.209 
ASN 'L-peptide linking' y ASPARAGINE      ? 'C4 H8 N2 O3'    132.118 
ASP 'L-peptide linking' y 'ASPARTIC ACID' ? 'C4 H7 N O4'     133.103 
GLN 'L-peptide linking' y GLUTAMINE       ? 'C5 H10 N2 O3'   146.144 
GLU 'L-peptide linking' y 'GLUTAMIC ACID' ? 'C5 H9 N O4'     147.129 
GLY 'peptide linking'   y GLYCINE         ? 'C2 H5 N O2'     75.067  
HIS 'L-peptide linking' y HISTIDINE       ? 'C6 H10 N3 O2 1' 156.162 
HOH non-polymer         . WATER           ? 'H2 O'           18.015  
ILE 'L-peptide linking' y ISOLEUCINE      ? 'C6 H13 N O2'    131.173 
LEU 'L-peptide linking' y LEUCINE         ? 'C6 H13 N O2'    131.173 
LYS 'L-peptide linking' y LYSINE          ? 'C6 H15 N2 O2 1' 147.195 
MET 'L-peptide linking' y METHIONINE      ? 'C5 H11 N O2 S'  149.211 
PHE 'L-peptide linking' y PHENYLALANINE   ? 'C9 H11 N O2'    165.189 
PRO 'L-peptide linking' y PROLINE         ? 'C5 H9 N O2'     115.130 
SER 'L-peptide linking' y SERINE          ? 'C3 H7 N O3'     105.093 
SO4 non-polymer         . 'SULFATE ION'   ? 'O4 S -2'        96.063  
THR 'L-peptide linking' y THREONINE       ? 'C4 H9 N O3'     119.119 
TRP 'L-peptide linking' y TRYPTOPHAN      ? 'C11 H12 N2 O2'  204.225 
TYR 'L-peptide linking' y TYROSINE        ? 'C9 H11 N O3'    181.189 
VAL 'L-peptide linking' y VALINE          ? 'C5 H11 N O2'    117.146 
# 
loop_
_pdbx_poly_seq_scheme.asym_id 
_pdbx_poly_seq_scheme.entity_id 
_pdbx_poly_seq_scheme.seq_id 
_pdbx_poly_seq_scheme.mon_id 
_pdbx_poly_seq_scheme.ndb_seq_num 
_pdbx_poly_seq_scheme.pdb_seq_num 
_pdbx_poly_seq_scheme.auth_seq_num 
_pdbx_poly_seq_scheme.pdb_mon_id 
_pdbx_poly_seq_scheme.auth_mon_id 
_pdbx_poly_seq_scheme.pdb_strand_id 
_pdbx_poly_seq_scheme.pdb_ins_code 
_pdbx_poly_seq_scheme.hetero 
A 1 1   MET 1   1   ?   ?   ?   A . n 
A 1 2   SER 2   2   ?   ?   ?   A . n 
A 1 3   LEU 3   3   ?   ?   ?   A . n 
A 1 4   SER 4   4   ?   ?   ?   A . n 
A 1 5   ASP 5   5   ?   ?   ?   A . n 
A 1 6   ASP 6   6   ?   ?   ?   A . n 
A 1 7   ILE 7   7   7   ILE ILE A . n 
A 1 8   LYS 8   8   8   LYS LYS A . n 
A 1 9   VAL 9   9   9   VAL VAL A . n 
A 1 10  LEU 10  10  10  LEU LEU A . n 
A 1 11  GLY 11  11  11  GLY GLY A . n 
A 1 12  ILE 12  12  12  ILE ILE A . n 
A 1 13  SER 13  13  13  SER SER A . n 
A 1 14  GLY 14  14  14  GLY GLY A . n 
A 1 15  SER 15  15  15  SER SER A . n 
A 1 16  LEU 16  16  16  LEU LEU A . n 
A 1 17  ARG 17  17  17  ARG ARG A . n 
A 1 18  SER 18  18  18  SER SER A . n 
A 1 19  GLY 19  19  19  GLY GLY A . n 
A 1 20  SER 20  20  20  SER SER A . n 
A 1 21  TYR 21  21  21  TYR TYR A . n 
A 1 22  ASN 22  22  22  ASN ASN A . n 
A 1 23  SER 23  23  23  SER SER A . n 
A 1 24  ALA 24  24  24  ALA ALA A . n 
A 1 25  ALA 25  25  25  ALA ALA A . n 
A 1 26  LEU 26  26  26  LEU LEU A . n 
A 1 27  GLN 27  27  27  GLN GLN A . n 
A 1 28  GLU 28  28  28  GLU GLU A . n 
A 1 29  ALA 29  29  29  ALA ALA A . n 
A 1 30  ILE 30  30  30  ILE ILE A . n 
A 1 31  GLY 31  31  31  GLY GLY A . n 
A 1 32  LEU 32  32  32  LEU LEU A . n 
A 1 33  VAL 33  33  33  VAL VAL A . n 
A 1 34  PRO 34  34  34  PRO PRO A . n 
A 1 35  PRO 35  35  35  PRO PRO A . n 
A 1 36  GLY 36  36  36  GLY GLY A . n 
A 1 37  MET 37  37  37  MET MET A . n 
A 1 38  SER 38  38  38  SER SER A . n 
A 1 39  ILE 39  39  39  ILE ILE A . n 
A 1 40  GLU 40  40  40  GLU GLU A . n 
A 1 41  LEU 41  41  41  LEU LEU A . n 
A 1 42  ALA 42  42  42  ALA ALA A . n 
A 1 43  ASP 43  43  43  ASP ASP A . n 
A 1 44  ILE 44  44  44  ILE ILE A . n 
A 1 45  SER 45  45  45  SER SER A . n 
A 1 46  GLY 46  46  46  GLY GLY A . n 
A 1 47  ILE 47  47  47  ILE ILE A . n 
A 1 48  PRO 48  48  48  PRO PRO A . n 
A 1 49  LEU 49  49  49  LEU LEU A . n 
A 1 50  TYR 50  50  50  TYR TYR A . n 
A 1 51  ASN 51  51  51  ASN ASN A . n 
A 1 52  GLU 52  52  52  GLU GLU A . n 
A 1 53  ASP 53  53  53  ASP ASP A . n 
A 1 54  VAL 54  54  54  VAL VAL A . n 
A 1 55  TYR 55  55  55  TYR TYR A . n 
A 1 56  ALA 56  56  56  ALA ALA A . n 
A 1 57  LEU 57  57  57  LEU LEU A . n 
A 1 58  GLY 58  58  58  GLY GLY A . n 
A 1 59  PHE 59  59  59  PHE PHE A . n 
A 1 60  PRO 60  60  60  PRO PRO A . n 
A 1 61  PRO 61  61  61  PRO PRO A . n 
A 1 62  ALA 62  62  62  ALA ALA A . n 
A 1 63  VAL 63  63  63  VAL VAL A . n 
A 1 64  GLU 64  64  64  GLU GLU A . n 
A 1 65  ARG 65  65  65  ARG ARG A . n 
A 1 66  PHE 66  66  66  PHE PHE A . n 
A 1 67  ARG 67  67  67  ARG ARG A . n 
A 1 68  GLU 68  68  68  GLU GLU A . n 
A 1 69  GLN 69  69  69  GLN GLN A . n 
A 1 70  ILE 70  70  70  ILE ILE A . n 
A 1 71  ARG 71  71  71  ARG ARG A . n 
A 1 72  ALA 72  72  72  ALA ALA A . n 
A 1 73  ALA 73  73  73  ALA ALA A . n 
A 1 74  ASP 74  74  74  ASP ASP A . n 
A 1 75  ALA 75  75  75  ALA ALA A . n 
A 1 76  LEU 76  76  76  LEU LEU A . n 
A 1 77  LEU 77  77  77  LEU LEU A . n 
A 1 78  PHE 78  78  78  PHE PHE A . n 
A 1 79  ALA 79  79  79  ALA ALA A . n 
A 1 80  THR 80  80  80  THR THR A . n 
A 1 81  PRO 81  81  81  PRO PRO A . n 
A 1 82  GLU 82  82  82  GLU GLU A . n 
A 1 83  TYR 83  83  83  TYR TYR A . n 
A 1 84  ASN 84  84  84  ASN ASN A . n 
A 1 85  TYR 85  85  85  TYR TYR A . n 
A 1 86  SER 86  86  86  SER SER A . n 
A 1 87  MET 87  87  87  MET MET A . n 
A 1 88  ALA 88  88  88  ALA ALA A . n 
A 1 89  GLY 89  89  89  GLY GLY A . n 
A 1 90  VAL 90  90  90  VAL VAL A . n 
A 1 91  LEU 91  91  91  LEU LEU A . n 
A 1 92  LYS 92  92  92  LYS LYS A . n 
A 1 93  ASN 93  93  93  ASN ASN A . n 
A 1 94  ALA 94  94  94  ALA ALA A . n 
A 1 95  ILE 95  95  95  ILE ILE A . n 
A 1 96  ASP 96  96  96  ASP ASP A . n 
A 1 97  TRP 97  97  97  TRP TRP A . n 
A 1 98  ALA 98  98  98  ALA ALA A . n 
A 1 99  SER 99  99  99  SER SER A . n 
A 1 100 ARG 100 100 100 ARG ARG A . n 
A 1 101 PRO 101 101 101 PRO PRO A . n 
A 1 102 PRO 102 102 102 PRO PRO A . n 
A 1 103 GLU 103 103 103 GLU GLU A . n 
A 1 104 GLN 104 104 104 GLN GLN A . n 
A 1 105 PRO 105 105 105 PRO PRO A . n 
A 1 106 PHE 106 106 106 PHE PHE A . n 
A 1 107 SER 107 107 107 SER SER A . n 
A 1 108 GLY 108 108 108 GLY GLY A . n 
A 1 109 LYS 109 109 109 LYS LYS A . n 
A 1 110 PRO 110 110 110 PRO PRO A . n 
A 1 111 ALA 111 111 111 ALA ALA A . n 
A 1 112 ALA 112 112 112 ALA ALA A . n 
A 1 113 ILE 113 113 113 ILE ILE A . n 
A 1 114 LEU 114 114 114 LEU LEU A . n 
A 1 115 GLY 115 115 115 GLY GLY A . n 
A 1 116 ALA 116 116 116 ALA ALA A . n 
A 1 117 SER 117 117 117 SER SER A . n 
A 1 118 ALA 118 118 118 ALA ALA A . n 
A 1 119 GLY 119 119 119 GLY GLY A . n 
A 1 120 ARG 120 120 120 ARG ARG A . n 
A 1 121 PHE 121 121 121 PHE PHE A . n 
A 1 122 GLY 122 122 122 GLY GLY A . n 
A 1 123 THR 123 123 123 THR THR A . n 
A 1 124 ALA 124 124 124 ALA ALA A . n 
A 1 125 ARG 125 125 125 ARG ARG A . n 
A 1 126 ALA 126 126 126 ALA ALA A . n 
A 1 127 GLN 127 127 127 GLN GLN A . n 
A 1 128 TYR 128 128 128 TYR TYR A . n 
A 1 129 HIS 129 129 129 HIS HIS A . n 
A 1 130 LEU 130 130 130 LEU LEU A . n 
A 1 131 ARG 131 131 131 ARG ARG A . n 
A 1 132 GLN 132 132 132 GLN GLN A . n 
A 1 133 THR 133 133 133 THR THR A . n 
A 1 134 LEU 134 134 134 LEU LEU A . n 
A 1 135 VAL 135 135 135 VAL VAL A . n 
A 1 136 PHE 136 136 136 PHE PHE A . n 
A 1 137 LEU 137 137 137 LEU LEU A . n 
A 1 138 ASP 138 138 138 ASP ASP A . n 
A 1 139 VAL 139 139 139 VAL VAL A . n 
A 1 140 HIS 140 140 140 HIS HIS A . n 
A 1 141 PRO 141 141 141 PRO PRO A . n 
A 1 142 LEU 142 142 142 LEU LEU A . n 
A 1 143 ASN 143 143 143 ASN ASN A . n 
A 1 144 LYS 144 144 144 LYS LYS A . n 
A 1 145 PRO 145 145 145 PRO PRO A . n 
A 1 146 GLU 146 146 146 GLU GLU A . n 
A 1 147 VAL 147 147 147 VAL VAL A . n 
A 1 148 MET 148 148 148 MET MET A . n 
A 1 149 ILE 149 149 149 ILE ILE A . n 
A 1 150 SER 150 150 150 SER SER A . n 
A 1 151 SER 151 151 151 SER SER A . n 
A 1 152 ALA 152 152 152 ALA ALA A . n 
A 1 153 GLN 153 153 153 GLN GLN A . n 
A 1 154 ASN 154 154 154 ASN ASN A . n 
A 1 155 ALA 155 155 155 ALA ALA A . n 
A 1 156 PHE 156 156 156 PHE PHE A . n 
A 1 157 ASP 157 157 157 ASP ASP A . n 
A 1 158 ALA 158 158 158 ALA ALA A . n 
A 1 159 GLN 159 159 159 GLN GLN A . n 
A 1 160 GLY 160 160 160 GLY GLY A . n 
A 1 161 ARG 161 161 161 ARG ARG A . n 
A 1 162 LEU 162 162 162 LEU LEU A . n 
A 1 163 LEU 163 163 163 LEU LEU A . n 
A 1 164 ASP 164 164 164 ASP ASP A . n 
A 1 165 ASP 165 165 165 ASP ASP A . n 
A 1 166 LYS 166 166 166 LYS LYS A . n 
A 1 167 ALA 167 167 167 ALA ALA A . n 
A 1 168 ARG 168 168 168 ARG ARG A . n 
A 1 169 GLU 169 169 169 GLU GLU A . n 
A 1 170 LEU 170 170 170 LEU LEU A . n 
A 1 171 ILE 171 171 171 ILE ILE A . n 
A 1 172 GLN 172 172 172 GLN GLN A . n 
A 1 173 GLN 173 173 173 GLN GLN A . n 
A 1 174 GLN 174 174 174 GLN GLN A . n 
A 1 175 LEU 175 175 175 LEU LEU A . n 
A 1 176 GLN 176 176 176 GLN GLN A . n 
A 1 177 ALA 177 177 177 ALA ALA A . n 
A 1 178 LEU 178 178 178 LEU LEU A . n 
A 1 179 GLN 179 179 179 GLN GLN A . n 
A 1 180 LEU 180 180 180 LEU LEU A . n 
A 1 181 TRP 181 181 ?   ?   ?   A . n 
A 1 182 VAL 182 182 ?   ?   ?   A . n 
A 1 183 ARG 183 183 ?   ?   ?   A . n 
A 1 184 GLU 184 184 ?   ?   ?   A . n 
A 1 185 GLY 185 185 ?   ?   ?   A . n 
A 1 186 GLY 186 186 ?   ?   ?   A . n 
A 1 187 SER 187 187 ?   ?   ?   A . n 
A 1 188 HIS 188 188 ?   ?   ?   A . n 
A 1 189 HIS 189 189 ?   ?   ?   A . n 
A 1 190 HIS 190 190 ?   ?   ?   A . n 
A 1 191 HIS 191 191 ?   ?   ?   A . n 
A 1 192 HIS 192 192 ?   ?   ?   A . n 
A 1 193 HIS 193 193 ?   ?   ?   A . n 
# 
loop_
_pdbx_nonpoly_scheme.asym_id 
_pdbx_nonpoly_scheme.entity_id 
_pdbx_nonpoly_scheme.mon_id 
_pdbx_nonpoly_scheme.ndb_seq_num 
_pdbx_nonpoly_scheme.pdb_seq_num 
_pdbx_nonpoly_scheme.auth_seq_num 
_pdbx_nonpoly_scheme.pdb_mon_id 
_pdbx_nonpoly_scheme.auth_mon_id 
_pdbx_nonpoly_scheme.pdb_strand_id 
_pdbx_nonpoly_scheme.pdb_ins_code 
B 2 SO4 1   194 190 SO4 SO4 A . 
C 3 HOH 1   195 1   HOH TIP A . 
C 3 HOH 2   196 2   HOH TIP A . 
C 3 HOH 3   197 3   HOH TIP A . 
C 3 HOH 4   198 4   HOH TIP A . 
C 3 HOH 5   199 5   HOH TIP A . 
C 3 HOH 6   200 6   HOH TIP A . 
C 3 HOH 7   201 7   HOH TIP A . 
C 3 HOH 8   202 8   HOH TIP A . 
C 3 HOH 9   203 9   HOH TIP A . 
C 3 HOH 10  204 10  HOH TIP A . 
C 3 HOH 11  205 11  HOH TIP A . 
C 3 HOH 12  206 12  HOH TIP A . 
C 3 HOH 13  207 13  HOH TIP A . 
C 3 HOH 14  208 14  HOH TIP A . 
C 3 HOH 15  209 15  HOH TIP A . 
C 3 HOH 16  210 16  HOH TIP A . 
C 3 HOH 17  211 17  HOH TIP A . 
C 3 HOH 18  212 18  HOH TIP A . 
C 3 HOH 19  213 19  HOH TIP A . 
C 3 HOH 20  214 20  HOH TIP A . 
C 3 HOH 21  215 21  HOH TIP A . 
C 3 HOH 22  216 22  HOH TIP A . 
C 3 HOH 23  217 23  HOH TIP A . 
C 3 HOH 24  218 24  HOH TIP A . 
C 3 HOH 25  219 25  HOH TIP A . 
C 3 HOH 26  220 26  HOH TIP A . 
C 3 HOH 27  221 27  HOH TIP A . 
C 3 HOH 28  222 28  HOH TIP A . 
C 3 HOH 29  223 29  HOH TIP A . 
C 3 HOH 30  224 30  HOH TIP A . 
C 3 HOH 31  225 31  HOH TIP A . 
C 3 HOH 32  226 32  HOH TIP A . 
C 3 HOH 33  227 33  HOH TIP A . 
C 3 HOH 34  228 34  HOH TIP A . 
C 3 HOH 35  229 35  HOH TIP A . 
C 3 HOH 36  230 36  HOH TIP A . 
C 3 HOH 37  231 37  HOH TIP A . 
C 3 HOH 38  232 38  HOH TIP A . 
C 3 HOH 39  233 39  HOH TIP A . 
C 3 HOH 40  234 40  HOH TIP A . 
C 3 HOH 41  235 41  HOH TIP A . 
C 3 HOH 42  236 42  HOH TIP A . 
C 3 HOH 43  237 43  HOH TIP A . 
C 3 HOH 44  238 44  HOH TIP A . 
C 3 HOH 45  239 45  HOH TIP A . 
C 3 HOH 46  240 46  HOH TIP A . 
C 3 HOH 47  241 47  HOH TIP A . 
C 3 HOH 48  242 48  HOH TIP A . 
C 3 HOH 49  243 49  HOH TIP A . 
C 3 HOH 50  244 50  HOH TIP A . 
C 3 HOH 51  245 51  HOH TIP A . 
C 3 HOH 52  246 52  HOH TIP A . 
C 3 HOH 53  247 53  HOH TIP A . 
C 3 HOH 54  248 55  HOH TIP A . 
C 3 HOH 55  249 56  HOH TIP A . 
C 3 HOH 56  250 57  HOH TIP A . 
C 3 HOH 57  251 58  HOH TIP A . 
C 3 HOH 58  252 59  HOH TIP A . 
C 3 HOH 59  253 60  HOH TIP A . 
C 3 HOH 60  254 61  HOH TIP A . 
C 3 HOH 61  255 62  HOH TIP A . 
C 3 HOH 62  256 63  HOH TIP A . 
C 3 HOH 63  257 65  HOH TIP A . 
C 3 HOH 64  258 66  HOH TIP A . 
C 3 HOH 65  259 67  HOH TIP A . 
C 3 HOH 66  260 68  HOH TIP A . 
C 3 HOH 67  261 69  HOH TIP A . 
C 3 HOH 68  262 70  HOH TIP A . 
C 3 HOH 69  263 71  HOH TIP A . 
C 3 HOH 70  264 72  HOH TIP A . 
C 3 HOH 71  265 73  HOH TIP A . 
C 3 HOH 72  266 74  HOH TIP A . 
C 3 HOH 73  267 75  HOH TIP A . 
C 3 HOH 74  268 76  HOH TIP A . 
C 3 HOH 75  269 77  HOH TIP A . 
C 3 HOH 76  270 78  HOH TIP A . 
C 3 HOH 77  271 79  HOH TIP A . 
C 3 HOH 78  272 80  HOH TIP A . 
C 3 HOH 79  273 82  HOH TIP A . 
C 3 HOH 80  274 83  HOH TIP A . 
C 3 HOH 81  275 84  HOH TIP A . 
C 3 HOH 82  276 85  HOH TIP A . 
C 3 HOH 83  277 86  HOH TIP A . 
C 3 HOH 84  278 87  HOH TIP A . 
C 3 HOH 85  279 88  HOH TIP A . 
C 3 HOH 86  280 89  HOH TIP A . 
C 3 HOH 87  281 90  HOH TIP A . 
C 3 HOH 88  282 91  HOH TIP A . 
C 3 HOH 89  283 92  HOH TIP A . 
C 3 HOH 90  284 93  HOH TIP A . 
C 3 HOH 91  285 94  HOH TIP A . 
C 3 HOH 92  286 95  HOH TIP A . 
C 3 HOH 93  287 96  HOH TIP A . 
C 3 HOH 94  288 97  HOH TIP A . 
C 3 HOH 95  289 99  HOH TIP A . 
C 3 HOH 96  290 100 HOH TIP A . 
C 3 HOH 97  291 101 HOH TIP A . 
C 3 HOH 98  292 102 HOH TIP A . 
C 3 HOH 99  293 103 HOH TIP A . 
C 3 HOH 100 294 104 HOH TIP A . 
C 3 HOH 101 295 105 HOH TIP A . 
C 3 HOH 102 296 106 HOH TIP A . 
C 3 HOH 103 297 107 HOH TIP A . 
C 3 HOH 104 298 110 HOH TIP A . 
C 3 HOH 105 299 111 HOH TIP A . 
C 3 HOH 106 300 112 HOH TIP A . 
C 3 HOH 107 301 114 HOH TIP A . 
C 3 HOH 108 302 115 HOH TIP A . 
C 3 HOH 109 303 116 HOH TIP A . 
C 3 HOH 110 304 118 HOH TIP A . 
C 3 HOH 111 305 121 HOH TIP A . 
C 3 HOH 112 306 122 HOH TIP A . 
C 3 HOH 113 307 123 HOH TIP A . 
C 3 HOH 114 308 124 HOH TIP A . 
C 3 HOH 115 309 125 HOH TIP A . 
C 3 HOH 116 310 126 HOH TIP A . 
C 3 HOH 117 311 128 HOH TIP A . 
C 3 HOH 118 312 131 HOH TIP A . 
C 3 HOH 119 313 134 HOH TIP A . 
C 3 HOH 120 314 135 HOH TIP A . 
C 3 HOH 121 315 140 HOH TIP A . 
C 3 HOH 122 316 151 HOH TIP A . 
C 3 HOH 123 317 152 HOH TIP A . 
C 3 HOH 124 318 153 HOH TIP A . 
C 3 HOH 125 319 154 HOH TIP A . 
C 3 HOH 126 320 155 HOH TIP A . 
C 3 HOH 127 321 156 HOH TIP A . 
C 3 HOH 128 322 157 HOH TIP A . 
C 3 HOH 129 323 158 HOH TIP A . 
C 3 HOH 130 324 159 HOH TIP A . 
C 3 HOH 131 325 160 HOH TIP A . 
C 3 HOH 132 326 162 HOH TIP A . 
C 3 HOH 133 327 163 HOH TIP A . 
C 3 HOH 134 328 164 HOH TIP A . 
C 3 HOH 135 329 165 HOH TIP A . 
C 3 HOH 136 330 166 HOH TIP A . 
C 3 HOH 137 331 167 HOH TIP A . 
C 3 HOH 138 332 168 HOH TIP A . 
C 3 HOH 139 333 169 HOH TIP A . 
C 3 HOH 140 334 170 HOH TIP A . 
C 3 HOH 141 335 171 HOH TIP A . 
C 3 HOH 142 336 173 HOH TIP A . 
C 3 HOH 143 337 176 HOH TIP A . 
C 3 HOH 144 338 177 HOH TIP A . 
C 3 HOH 145 339 181 HOH TIP A . 
C 3 HOH 146 340 182 HOH TIP A . 
C 3 HOH 147 341 183 HOH TIP A . 
C 3 HOH 148 342 184 HOH TIP A . 
C 3 HOH 149 343 186 HOH TIP A . 
C 3 HOH 150 344 188 HOH TIP A . 
C 3 HOH 151 345 191 HOH TIP A . 
C 3 HOH 152 346 194 HOH TIP A . 
C 3 HOH 153 347 200 HOH TIP A . 
C 3 HOH 154 348 204 HOH TIP A . 
C 3 HOH 155 349 212 HOH TIP A . 
C 3 HOH 156 350 224 HOH TIP A . 
C 3 HOH 157 351 225 HOH TIP A . 
C 3 HOH 158 352 229 HOH TIP A . 
C 3 HOH 159 353 232 HOH TIP A . 
C 3 HOH 160 354 242 HOH TIP A . 
C 3 HOH 161 355 245 HOH TIP A . 
C 3 HOH 162 356 246 HOH TIP A . 
C 3 HOH 163 357 247 HOH TIP A . 
C 3 HOH 164 358 249 HOH TIP A . 
# 
loop_
_software.name 
_software.classification 
_software.version 
_software.citation_id 
_software.pdbx_ordinal 
CNS      refinement        1.1 ? 1 
CBASS    'data collection' .   ? 2 
HKL-2000 'data scaling'    .   ? 3 
PHASES   phasing           .   ? 4 
SOLVE    phasing           .   ? 5 
SHARP    phasing           .   ? 6 
ARP/wARP 'model building'  .   ? 7 
# 
_cell.entry_id           1RTT 
_cell.length_a           66.071 
_cell.length_b           70.386 
_cell.length_c           85.382 
_cell.angle_alpha        90.00 
_cell.angle_beta         90.00 
_cell.angle_gamma        90.00 
_cell.Z_PDB              8 
_cell.pdbx_unique_axis   ? 
# 
_symmetry.entry_id                         1RTT 
_symmetry.space_group_name_H-M             'I 2 2 2' 
_symmetry.pdbx_full_space_group_name_H-M   ? 
_symmetry.cell_setting                     ? 
_symmetry.Int_Tables_number                23 
_symmetry.space_group_name_Hall            ? 
# 
_exptl.entry_id          1RTT 
_exptl.method            'X-RAY DIFFRACTION' 
_exptl.crystals_number   2 
# 
_exptl_crystal.id                    1 
_exptl_crystal.density_meas          ? 
_exptl_crystal.density_percent_sol   47.63 
_exptl_crystal.description           ? 
_exptl_crystal.density_Matthews      2.35 
_exptl_crystal.F_000                 ? 
_exptl_crystal.preparation           ? 
# 
_exptl_crystal_grow.crystal_id      1 
_exptl_crystal_grow.method          'VAPOR DIFFUSION, SITTING DROP' 
_exptl_crystal_grow.temp            293 
_exptl_crystal_grow.temp_details    ? 
_exptl_crystal_grow.pH              6.5 
_exptl_crystal_grow.pdbx_details    
'Calcium acetate, Sodium Cacodylate, PEG 8000, pH 6.5, VAPOR DIFFUSION, SITTING DROP, temperature 293K' 
_exptl_crystal_grow.pdbx_pH_range   . 
# 
loop_
_diffrn.id 
_diffrn.ambient_temp 
_diffrn.ambient_temp_details 
_diffrn.crystal_id 
1   100 ? 1 
2   100 ? 1 
1,2 ?   ? 1 
# 
loop_
_diffrn_detector.diffrn_id 
_diffrn_detector.detector 
_diffrn_detector.type 
_diffrn_detector.pdbx_collection_date 
_diffrn_detector.details 
1 CCD 'BRANDEIS - B4' 2003-11-01 Mirrors 
2 CCD 'BRANDEIS - B4' 2003-11-01 Mirrors 
# 
loop_
_diffrn_radiation.diffrn_id 
_diffrn_radiation.wavelength_id 
_diffrn_radiation.pdbx_monochromatic_or_laue_m_l 
_diffrn_radiation.monochromator 
_diffrn_radiation.pdbx_diffrn_protocol 
_diffrn_radiation.pdbx_scattering_type 
1 1 M Graphite 'SINGLE WAVELENGTH' x-ray 
2 1 M Graphite 'SINGLE WAVELENGTH' x-ray 
# 
loop_
_diffrn_radiation_wavelength.id 
_diffrn_radiation_wavelength.wavelength 
_diffrn_radiation_wavelength.wt 
1 1.70 1.0 
2 1.1  1.0 
# 
loop_
_diffrn_source.diffrn_id 
_diffrn_source.source 
_diffrn_source.type 
_diffrn_source.pdbx_synchrotron_site 
_diffrn_source.pdbx_synchrotron_beamline 
_diffrn_source.pdbx_wavelength 
_diffrn_source.pdbx_wavelength_list 
1 SYNCHROTRON 'NSLS BEAMLINE X12C' NSLS X12C ? 1.70 
2 SYNCHROTRON 'NSLS BEAMLINE X12C' NSLS X12C ? 1.1  
# 
_reflns.entry_id                     1RTT 
_reflns.observed_criterion_sigma_I   ? 
_reflns.observed_criterion_sigma_F   0.0 
_reflns.d_resolution_low             33.04 
_reflns.d_resolution_high            1.28 
_reflns.number_obs                   44069 
_reflns.number_all                   44069 
_reflns.percent_possible_obs         85.3 
_reflns.pdbx_Rmerge_I_obs            0.036 
_reflns.pdbx_Rsym_value              ? 
_reflns.pdbx_netI_over_sigmaI        21.2 
_reflns.B_iso_Wilson_estimate        10.0 
_reflns.pdbx_redundancy              6.9 
_reflns.R_free_details               ? 
_reflns.limit_h_max                  ? 
_reflns.limit_h_min                  ? 
_reflns.limit_k_max                  ? 
_reflns.limit_k_min                  ? 
_reflns.limit_l_max                  ? 
_reflns.limit_l_min                  ? 
_reflns.observed_criterion_F_max     ? 
_reflns.observed_criterion_F_min     ? 
_reflns.pdbx_chi_squared             ? 
_reflns.pdbx_scaling_rejects         ? 
_reflns.pdbx_ordinal                 1 
_reflns.pdbx_diffrn_id               1,2 
# 
_refine.entry_id                                 1RTT 
_refine.ls_number_reflns_obs                     44069 
_refine.ls_number_reflns_all                     ? 
_refine.pdbx_ls_sigma_I                          ? 
_refine.pdbx_ls_sigma_F                          0.0 
_refine.pdbx_data_cutoff_high_absF               495941.69 
_refine.pdbx_data_cutoff_low_absF                0.000000 
_refine.pdbx_data_cutoff_high_rms_absF           ? 
_refine.ls_d_res_low                             33.04 
_refine.ls_d_res_high                            1.28 
_refine.ls_percent_reflns_obs                    85.3 
_refine.ls_R_factor_obs                          0.211 
_refine.ls_R_factor_all                          ? 
_refine.ls_R_factor_R_work                       0.211 
_refine.ls_R_factor_R_free                       0.228 
_refine.ls_R_factor_R_free_error                 0.006 
_refine.ls_R_factor_R_free_error_details         ? 
_refine.ls_percent_reflns_R_free                 3.0 
_refine.ls_number_reflns_R_free                  1341 
_refine.ls_number_parameters                     ? 
_refine.ls_number_restraints                     ? 
_refine.occupancy_min                            ? 
_refine.occupancy_max                            ? 
_refine.correlation_coeff_Fo_to_Fc               ? 
_refine.correlation_coeff_Fo_to_Fc_free          ? 
_refine.B_iso_mean                               12.8 
_refine.aniso_B[1][1]                            0.03 
_refine.aniso_B[2][2]                            1.72 
_refine.aniso_B[3][3]                            -1.75 
_refine.aniso_B[1][2]                            0.00 
_refine.aniso_B[1][3]                            0.00 
_refine.aniso_B[2][3]                            0.00 
_refine.solvent_model_details                    'FLAT MODEL' 
_refine.solvent_model_param_ksol                 0.369441 
_refine.solvent_model_param_bsol                 55.6353 
_refine.pdbx_solvent_vdw_probe_radii             ? 
_refine.pdbx_solvent_ion_probe_radii             ? 
_refine.pdbx_solvent_shrinkage_radii             ? 
_refine.pdbx_ls_cross_valid_method               THROUGHOUT 
_refine.details                                  
'Though this is a hypothetical flavin mononucleotide reductase protein, FMN is not seen in the structure.' 
_refine.pdbx_starting_model                      ? 
_refine.pdbx_method_to_determine_struct          SAD 
_refine.pdbx_isotropic_thermal_model             RESTRAINED 
_refine.pdbx_stereochemistry_target_values       'Engh & Huber' 
_refine.pdbx_stereochem_target_val_spec_case     ? 
_refine.pdbx_R_Free_selection_details            RANDOM 
_refine.pdbx_overall_ESU_R                       ? 
_refine.pdbx_overall_ESU_R_Free                  ? 
_refine.overall_SU_ML                            ? 
_refine.overall_SU_B                             ? 
_refine.ls_redundancy_reflns_obs                 ? 
_refine.B_iso_min                                ? 
_refine.B_iso_max                                ? 
_refine.overall_SU_R_Cruickshank_DPI             ? 
_refine.overall_SU_R_free                        ? 
_refine.ls_wR_factor_R_free                      ? 
_refine.ls_wR_factor_R_work                      ? 
_refine.overall_FOM_free_R_set                   ? 
_refine.overall_FOM_work_R_set                   ? 
_refine.pdbx_refine_id                           'X-RAY DIFFRACTION' 
_refine.pdbx_diffrn_id                           1 
_refine.pdbx_TLS_residual_ADP_flag               ? 
_refine.pdbx_overall_phase_error                 ? 
_refine.pdbx_overall_SU_R_free_Cruickshank_DPI   ? 
_refine.pdbx_overall_SU_R_Blow_DPI               ? 
_refine.pdbx_overall_SU_R_free_Blow_DPI          ? 
# 
_refine_analyze.entry_id                        1RTT 
_refine_analyze.Luzzati_coordinate_error_obs    0.15 
_refine_analyze.Luzzati_sigma_a_obs             0.08 
_refine_analyze.Luzzati_d_res_low_obs           5.00 
_refine_analyze.Luzzati_coordinate_error_free   0.16 
_refine_analyze.Luzzati_sigma_a_free            0.08 
_refine_analyze.Luzzati_d_res_low_free          ? 
_refine_analyze.number_disordered_residues      ? 
_refine_analyze.occupancy_sum_hydrogen          ? 
_refine_analyze.occupancy_sum_non_hydrogen      ? 
_refine_analyze.pdbx_Luzzati_d_res_high_obs     ? 
_refine_analyze.pdbx_refine_id                  'X-RAY DIFFRACTION' 
# 
_refine_hist.pdbx_refine_id                   'X-RAY DIFFRACTION' 
_refine_hist.cycle_id                         LAST 
_refine_hist.pdbx_number_atoms_protein        1330 
_refine_hist.pdbx_number_atoms_nucleic_acid   0 
_refine_hist.pdbx_number_atoms_ligand         5 
_refine_hist.number_atoms_solvent             164 
_refine_hist.number_atoms_total               1499 
_refine_hist.d_res_high                       1.28 
_refine_hist.d_res_low                        33.04 
# 
loop_
_refine_ls_restr.type 
_refine_ls_restr.dev_ideal 
_refine_ls_restr.dev_ideal_target 
_refine_ls_restr.weight 
_refine_ls_restr.number 
_refine_ls_restr.pdbx_refine_id 
_refine_ls_restr.pdbx_restraint_function 
c_bond_d           0.005 ? ? ? 'X-RAY DIFFRACTION' ? 
c_angle_deg        1.4   ? ? ? 'X-RAY DIFFRACTION' ? 
c_dihedral_angle_d 22.4  ? ? ? 'X-RAY DIFFRACTION' ? 
c_improper_angle_d 0.97  ? ? ? 'X-RAY DIFFRACTION' ? 
# 
_refine_ls_shell.pdbx_total_number_of_bins_used   6 
_refine_ls_shell.d_res_high                       1.28 
_refine_ls_shell.d_res_low                        1.36 
_refine_ls_shell.number_reflns_R_work             3354 
_refine_ls_shell.R_factor_R_work                  0.234 
_refine_ls_shell.percent_reflns_obs               40.8 
_refine_ls_shell.R_factor_R_free                  0.203 
_refine_ls_shell.R_factor_R_free_error            0.020 
_refine_ls_shell.percent_reflns_R_free            3.0 
_refine_ls_shell.number_reflns_R_free             105 
_refine_ls_shell.number_reflns_obs                ? 
_refine_ls_shell.redundancy_reflns_obs            ? 
_refine_ls_shell.number_reflns_all                ? 
_refine_ls_shell.pdbx_refine_id                   'X-RAY DIFFRACTION' 
_refine_ls_shell.R_factor_all                     ? 
# 
loop_
_pdbx_xplor_file.serial_no 
_pdbx_xplor_file.param_file 
_pdbx_xplor_file.topol_file 
_pdbx_xplor_file.pdbx_refine_id 
1 PROTEIN_REP.PARAM PROTEIN.TOP 'X-RAY DIFFRACTION' 
2 ION.PARAM         ION.TOP     'X-RAY DIFFRACTION' 
3 WATER.PARAM       WATER.TOP   'X-RAY DIFFRACTION' 
# 
_struct.entry_id                  1RTT 
_struct.title                     
'Crystal structure determination of a putative NADH-dependent reductase using sulfur anomalous signal' 
_struct.pdbx_model_details        ? 
_struct.pdbx_CASP_flag            ? 
_struct.pdbx_model_type_details   ? 
# 
_struct_keywords.entry_id        1RTT 
_struct_keywords.pdbx_keywords   'Structural genomics, unknown function' 
_struct_keywords.text            
;Protein Structure Initiative, SAD with sulfur, putative reductase, PSI, New York SGX Research Center for Structural Genomics, NYSGXRC, Structural genomics, unknown function
;
# 
loop_
_struct_asym.id 
_struct_asym.pdbx_blank_PDB_chainid_flag 
_struct_asym.pdbx_modified 
_struct_asym.entity_id 
_struct_asym.details 
A N N 1 ? 
B N N 2 ? 
C N N 3 ? 
# 
_struct_ref.id                         1 
_struct_ref.db_name                    UNP 
_struct_ref.db_code                    Q9I4D4_PSEAE 
_struct_ref.pdbx_db_accession          Q9I4D4 
_struct_ref.entity_id                  1 
_struct_ref.pdbx_seq_one_letter_code   
;SDDIKVLGISGSLRSGSYNSAALQEAIGLVPPGMSIELADISGIPLYNEDVYALGFPPAVERFREQIRAADALLFATPEY
NYSMAGVLKNAIDWASRPPEQPFSGKPAAILGASAGRFGTARAQYHLRQTLVFLDVHPLNKPEVMISSAQNAFDAQGRLL
DDKARELIQQQLQALQLWVR
;
_struct_ref.pdbx_align_begin           2 
_struct_ref.pdbx_db_isoform            ? 
# 
_struct_ref_seq.align_id                      1 
_struct_ref_seq.ref_id                        1 
_struct_ref_seq.pdbx_PDB_id_code              1RTT 
_struct_ref_seq.pdbx_strand_id                A 
_struct_ref_seq.seq_align_beg                 4 
_struct_ref_seq.pdbx_seq_align_beg_ins_code   ? 
_struct_ref_seq.seq_align_end                 183 
_struct_ref_seq.pdbx_seq_align_end_ins_code   ? 
_struct_ref_seq.pdbx_db_accession             Q9I4D4 
_struct_ref_seq.db_align_beg                  2 
_struct_ref_seq.pdbx_db_align_beg_ins_code    ? 
_struct_ref_seq.db_align_end                  181 
_struct_ref_seq.pdbx_db_align_end_ins_code    ? 
_struct_ref_seq.pdbx_auth_seq_align_beg       4 
_struct_ref_seq.pdbx_auth_seq_align_end       183 
# 
loop_
_struct_ref_seq_dif.align_id 
_struct_ref_seq_dif.pdbx_pdb_id_code 
_struct_ref_seq_dif.mon_id 
_struct_ref_seq_dif.pdbx_pdb_strand_id 
_struct_ref_seq_dif.seq_num 
_struct_ref_seq_dif.pdbx_pdb_ins_code 
_struct_ref_seq_dif.pdbx_seq_db_name 
_struct_ref_seq_dif.pdbx_seq_db_accession_code 
_struct_ref_seq_dif.db_mon_id 
_struct_ref_seq_dif.pdbx_seq_db_seq_num 
_struct_ref_seq_dif.details 
_struct_ref_seq_dif.pdbx_auth_seq_num 
_struct_ref_seq_dif.pdbx_ordinal 
1 1RTT MET A 1   ? UNP Q9I4D4 ? ? 'cloning artifact' 1   1  
1 1RTT SER A 2   ? UNP Q9I4D4 ? ? 'cloning artifact' 2   2  
1 1RTT LEU A 3   ? UNP Q9I4D4 ? ? 'cloning artifact' 3   3  
1 1RTT GLU A 184 ? UNP Q9I4D4 ? ? 'expression tag'   184 4  
1 1RTT GLY A 185 ? UNP Q9I4D4 ? ? 'expression tag'   185 5  
1 1RTT GLY A 186 ? UNP Q9I4D4 ? ? 'expression tag'   186 6  
1 1RTT SER A 187 ? UNP Q9I4D4 ? ? 'expression tag'   187 7  
1 1RTT HIS A 188 ? UNP Q9I4D4 ? ? 'expression tag'   188 8  
1 1RTT HIS A 189 ? UNP Q9I4D4 ? ? 'expression tag'   189 9  
1 1RTT HIS A 190 ? UNP Q9I4D4 ? ? 'expression tag'   190 10 
1 1RTT HIS A 191 ? UNP Q9I4D4 ? ? 'expression tag'   191 11 
1 1RTT HIS A 192 ? UNP Q9I4D4 ? ? 'expression tag'   192 12 
1 1RTT HIS A 193 ? UNP Q9I4D4 ? ? 'expression tag'   193 13 
# 
_pdbx_struct_assembly.id                   1 
_pdbx_struct_assembly.details              author_defined_assembly 
_pdbx_struct_assembly.method_details       ? 
_pdbx_struct_assembly.oligomeric_details   monomeric 
_pdbx_struct_assembly.oligomeric_count     1 
# 
_pdbx_struct_assembly_gen.assembly_id       1 
_pdbx_struct_assembly_gen.oper_expression   1 
_pdbx_struct_assembly_gen.asym_id_list      A,B,C 
# 
_pdbx_struct_oper_list.id                   1 
_pdbx_struct_oper_list.type                 'identity operation' 
_pdbx_struct_oper_list.name                 1_555 
_pdbx_struct_oper_list.symmetry_operation   x,y,z 
_pdbx_struct_oper_list.matrix[1][1]         1.0000000000 
_pdbx_struct_oper_list.matrix[1][2]         0.0000000000 
_pdbx_struct_oper_list.matrix[1][3]         0.0000000000 
_pdbx_struct_oper_list.vector[1]            0.0000000000 
_pdbx_struct_oper_list.matrix[2][1]         0.0000000000 
_pdbx_struct_oper_list.matrix[2][2]         1.0000000000 
_pdbx_struct_oper_list.matrix[2][3]         0.0000000000 
_pdbx_struct_oper_list.vector[2]            0.0000000000 
_pdbx_struct_oper_list.matrix[3][1]         0.0000000000 
_pdbx_struct_oper_list.matrix[3][2]         0.0000000000 
_pdbx_struct_oper_list.matrix[3][3]         1.0000000000 
_pdbx_struct_oper_list.vector[3]            0.0000000000 
# 
_struct_biol.id                    1 
_struct_biol.pdbx_parent_biol_id   ? 
_struct_biol.details               ? 
# 
loop_
_struct_conf.conf_type_id 
_struct_conf.id 
_struct_conf.pdbx_PDB_helix_id 
_struct_conf.beg_label_comp_id 
_struct_conf.beg_label_asym_id 
_struct_conf.beg_label_seq_id 
_struct_conf.pdbx_beg_PDB_ins_code 
_struct_conf.end_label_comp_id 
_struct_conf.end_label_asym_id 
_struct_conf.end_label_seq_id 
_struct_conf.pdbx_end_PDB_ins_code 
_struct_conf.beg_auth_comp_id 
_struct_conf.beg_auth_asym_id 
_struct_conf.beg_auth_seq_id 
_struct_conf.end_auth_comp_id 
_struct_conf.end_auth_asym_id 
_struct_conf.end_auth_seq_id 
_struct_conf.pdbx_PDB_helix_class 
_struct_conf.details 
_struct_conf.pdbx_PDB_helix_length 
HELX_P HELX_P1 1 SER A 20  ? GLY A 31  ? SER A 20  GLY A 31  1 ? 12 
HELX_P HELX_P2 2 ASN A 51  ? ALA A 56  ? ASN A 51  ALA A 56  1 ? 6  
HELX_P HELX_P3 3 PRO A 60  ? ALA A 73  ? PRO A 60  ALA A 73  1 ? 14 
HELX_P HELX_P4 4 ALA A 88  ? SER A 99  ? ALA A 88  SER A 99  1 ? 12 
HELX_P HELX_P5 5 THR A 123 ? ASP A 138 ? THR A 123 ASP A 138 1 ? 16 
HELX_P HELX_P6 6 SER A 151 ? ALA A 155 ? SER A 151 ALA A 155 5 ? 5  
HELX_P HELX_P7 7 ASP A 164 ? LEU A 180 ? ASP A 164 LEU A 180 1 ? 17 
# 
_struct_conf_type.id          HELX_P 
_struct_conf_type.criteria    ? 
_struct_conf_type.reference   ? 
# 
loop_
_struct_mon_prot_cis.pdbx_id 
_struct_mon_prot_cis.label_comp_id 
_struct_mon_prot_cis.label_seq_id 
_struct_mon_prot_cis.label_asym_id 
_struct_mon_prot_cis.label_alt_id 
_struct_mon_prot_cis.pdbx_PDB_ins_code 
_struct_mon_prot_cis.auth_comp_id 
_struct_mon_prot_cis.auth_seq_id 
_struct_mon_prot_cis.auth_asym_id 
_struct_mon_prot_cis.pdbx_label_comp_id_2 
_struct_mon_prot_cis.pdbx_label_seq_id_2 
_struct_mon_prot_cis.pdbx_label_asym_id_2 
_struct_mon_prot_cis.pdbx_PDB_ins_code_2 
_struct_mon_prot_cis.pdbx_auth_comp_id_2 
_struct_mon_prot_cis.pdbx_auth_seq_id_2 
_struct_mon_prot_cis.pdbx_auth_asym_id_2 
_struct_mon_prot_cis.pdbx_PDB_model_num 
_struct_mon_prot_cis.pdbx_omega_angle 
1 PRO 101 A . ? PRO 101 A PRO 102 A ? PRO 102 A 1 0.07  
2 LYS 144 A . ? LYS 144 A PRO 145 A ? PRO 145 A 1 -0.50 
# 
loop_
_struct_sheet.id 
_struct_sheet.type 
_struct_sheet.number_strands 
_struct_sheet.details 
A ? 5 ? 
B ? 5 ? 
C ? 2 ? 
# 
loop_
_struct_sheet_order.sheet_id 
_struct_sheet_order.range_id_1 
_struct_sheet_order.range_id_2 
_struct_sheet_order.offset 
_struct_sheet_order.sense 
A 1 2 ? parallel      
A 2 3 ? parallel      
A 3 4 ? parallel      
A 4 5 ? parallel      
B 1 2 ? parallel      
B 2 3 ? parallel      
B 3 4 ? parallel      
B 4 5 ? parallel      
C 1 2 ? anti-parallel 
# 
loop_
_struct_sheet_range.sheet_id 
_struct_sheet_range.id 
_struct_sheet_range.beg_label_comp_id 
_struct_sheet_range.beg_label_asym_id 
_struct_sheet_range.beg_label_seq_id 
_struct_sheet_range.pdbx_beg_PDB_ins_code 
_struct_sheet_range.end_label_comp_id 
_struct_sheet_range.end_label_asym_id 
_struct_sheet_range.end_label_seq_id 
_struct_sheet_range.pdbx_end_PDB_ins_code 
_struct_sheet_range.beg_auth_comp_id 
_struct_sheet_range.beg_auth_asym_id 
_struct_sheet_range.beg_auth_seq_id 
_struct_sheet_range.end_auth_comp_id 
_struct_sheet_range.end_auth_asym_id 
_struct_sheet_range.end_auth_seq_id 
A 1 SER A 38  ? LEU A 41  ? SER A 38  LEU A 41  
A 2 LYS A 8   ? SER A 13  ? LYS A 8   SER A 13  
A 3 ALA A 75  ? ALA A 79  ? ALA A 75  ALA A 79  
A 4 PRO A 110 ? ALA A 116 ? PRO A 110 ALA A 116 
A 5 HIS A 140 ? PRO A 141 ? HIS A 140 PRO A 141 
B 1 SER A 38  ? LEU A 41  ? SER A 38  LEU A 41  
B 2 LYS A 8   ? SER A 13  ? LYS A 8   SER A 13  
B 3 ALA A 75  ? ALA A 79  ? ALA A 75  ALA A 79  
B 4 PRO A 110 ? ALA A 116 ? PRO A 110 ALA A 116 
B 5 VAL A 147 ? ILE A 149 ? VAL A 147 ILE A 149 
C 1 GLU A 82  ? TYR A 83  ? GLU A 82  TYR A 83  
C 2 SER A 86  ? MET A 87  ? SER A 86  MET A 87  
# 
loop_
_pdbx_struct_sheet_hbond.sheet_id 
_pdbx_struct_sheet_hbond.range_id_1 
_pdbx_struct_sheet_hbond.range_id_2 
_pdbx_struct_sheet_hbond.range_1_label_atom_id 
_pdbx_struct_sheet_hbond.range_1_label_comp_id 
_pdbx_struct_sheet_hbond.range_1_label_asym_id 
_pdbx_struct_sheet_hbond.range_1_label_seq_id 
_pdbx_struct_sheet_hbond.range_1_PDB_ins_code 
_pdbx_struct_sheet_hbond.range_1_auth_atom_id 
_pdbx_struct_sheet_hbond.range_1_auth_comp_id 
_pdbx_struct_sheet_hbond.range_1_auth_asym_id 
_pdbx_struct_sheet_hbond.range_1_auth_seq_id 
_pdbx_struct_sheet_hbond.range_2_label_atom_id 
_pdbx_struct_sheet_hbond.range_2_label_comp_id 
_pdbx_struct_sheet_hbond.range_2_label_asym_id 
_pdbx_struct_sheet_hbond.range_2_label_seq_id 
_pdbx_struct_sheet_hbond.range_2_PDB_ins_code 
_pdbx_struct_sheet_hbond.range_2_auth_atom_id 
_pdbx_struct_sheet_hbond.range_2_auth_comp_id 
_pdbx_struct_sheet_hbond.range_2_auth_asym_id 
_pdbx_struct_sheet_hbond.range_2_auth_seq_id 
A 1 2 O GLU A 40  ? O GLU A 40  N GLY A 11  ? N GLY A 11  
A 2 3 N ILE A 12  ? N ILE A 12  O LEU A 77  ? O LEU A 77  
A 3 4 N PHE A 78  ? N PHE A 78  O LEU A 114 ? O LEU A 114 
A 4 5 N ALA A 111 ? N ALA A 111 O HIS A 140 ? O HIS A 140 
B 1 2 O GLU A 40  ? O GLU A 40  N GLY A 11  ? N GLY A 11  
B 2 3 N ILE A 12  ? N ILE A 12  O LEU A 77  ? O LEU A 77  
B 3 4 N PHE A 78  ? N PHE A 78  O LEU A 114 ? O LEU A 114 
B 4 5 N GLY A 115 ? N GLY A 115 O ILE A 149 ? O ILE A 149 
C 1 2 N TYR A 83  ? N TYR A 83  O SER A 86  ? O SER A 86  
# 
_struct_site.id                   AC1 
_struct_site.pdbx_evidence_code   Software 
_struct_site.pdbx_auth_asym_id    A 
_struct_site.pdbx_auth_comp_id    SO4 
_struct_site.pdbx_auth_seq_id     194 
_struct_site.pdbx_auth_ins_code   ? 
_struct_site.pdbx_num_residues    6 
_struct_site.details              'BINDING SITE FOR RESIDUE SO4 A 194' 
# 
loop_
_struct_site_gen.id 
_struct_site_gen.site_id 
_struct_site_gen.pdbx_num_res 
_struct_site_gen.label_comp_id 
_struct_site_gen.label_asym_id 
_struct_site_gen.label_seq_id 
_struct_site_gen.pdbx_auth_ins_code 
_struct_site_gen.auth_comp_id 
_struct_site_gen.auth_asym_id 
_struct_site_gen.auth_seq_id 
_struct_site_gen.label_atom_id 
_struct_site_gen.label_alt_id 
_struct_site_gen.symmetry 
_struct_site_gen.details 
1 AC1 6 SER A 15 ? SER A 15  . ? 1_555 ? 
2 AC1 6 ARG A 17 ? ARG A 17  . ? 1_555 ? 
3 AC1 6 SER A 20 ? SER A 20  . ? 1_555 ? 
4 AC1 6 TYR A 21 ? TYR A 21  . ? 1_555 ? 
5 AC1 6 ASN A 22 ? ASN A 22  . ? 1_555 ? 
6 AC1 6 HOH C .  ? HOH A 207 . ? 1_555 ? 
# 
_pdbx_validate_symm_contact.id                1 
_pdbx_validate_symm_contact.PDB_model_num     1 
_pdbx_validate_symm_contact.auth_atom_id_1    O 
_pdbx_validate_symm_contact.auth_asym_id_1    A 
_pdbx_validate_symm_contact.auth_comp_id_1    HOH 
_pdbx_validate_symm_contact.auth_seq_id_1     315 
_pdbx_validate_symm_contact.PDB_ins_code_1    ? 
_pdbx_validate_symm_contact.label_alt_id_1    ? 
_pdbx_validate_symm_contact.site_symmetry_1   1_555 
_pdbx_validate_symm_contact.auth_atom_id_2    O 
_pdbx_validate_symm_contact.auth_asym_id_2    A 
_pdbx_validate_symm_contact.auth_comp_id_2    HOH 
_pdbx_validate_symm_contact.auth_seq_id_2     315 
_pdbx_validate_symm_contact.PDB_ins_code_2    ? 
_pdbx_validate_symm_contact.label_alt_id_2    ? 
_pdbx_validate_symm_contact.site_symmetry_2   3_656 
_pdbx_validate_symm_contact.dist              2.04 
# 
loop_
_pdbx_validate_torsion.id 
_pdbx_validate_torsion.PDB_model_num 
_pdbx_validate_torsion.auth_comp_id 
_pdbx_validate_torsion.auth_asym_id 
_pdbx_validate_torsion.auth_seq_id 
_pdbx_validate_torsion.PDB_ins_code 
_pdbx_validate_torsion.label_alt_id 
_pdbx_validate_torsion.phi 
_pdbx_validate_torsion.psi 
1 1 GLU A 103 ? ? 29.48   65.71   
2 1 ASP A 157 ? ? -107.33 -138.23 
3 1 GLN A 159 ? ? 63.05   -94.40  
# 
_pdbx_SG_project.id                    1 
_pdbx_SG_project.project_name          'PSI, Protein Structure Initiative' 
_pdbx_SG_project.full_name_of_center   'New York SGX Research Center for Structural Genomics' 
_pdbx_SG_project.initial_of_center     NYSGXRC 
# 
loop_
_pdbx_unobs_or_zero_occ_residues.id 
_pdbx_unobs_or_zero_occ_residues.PDB_model_num 
_pdbx_unobs_or_zero_occ_residues.polymer_flag 
_pdbx_unobs_or_zero_occ_residues.occupancy_flag 
_pdbx_unobs_or_zero_occ_residues.auth_asym_id 
_pdbx_unobs_or_zero_occ_residues.auth_comp_id 
_pdbx_unobs_or_zero_occ_residues.auth_seq_id 
_pdbx_unobs_or_zero_occ_residues.PDB_ins_code 
_pdbx_unobs_or_zero_occ_residues.label_asym_id 
_pdbx_unobs_or_zero_occ_residues.label_comp_id 
_pdbx_unobs_or_zero_occ_residues.label_seq_id 
1  1 Y 1 A MET 1   ? A MET 1   
2  1 Y 1 A SER 2   ? A SER 2   
3  1 Y 1 A LEU 3   ? A LEU 3   
4  1 Y 1 A SER 4   ? A SER 4   
5  1 Y 1 A ASP 5   ? A ASP 5   
6  1 Y 1 A ASP 6   ? A ASP 6   
7  1 Y 1 A TRP 181 ? A TRP 181 
8  1 Y 1 A VAL 182 ? A VAL 182 
9  1 Y 1 A ARG 183 ? A ARG 183 
10 1 Y 1 A GLU 184 ? A GLU 184 
11 1 Y 1 A GLY 185 ? A GLY 185 
12 1 Y 1 A GLY 186 ? A GLY 186 
13 1 Y 1 A SER 187 ? A SER 187 
14 1 Y 1 A HIS 188 ? A HIS 188 
15 1 Y 1 A HIS 189 ? A HIS 189 
16 1 Y 1 A HIS 190 ? A HIS 190 
17 1 Y 1 A HIS 191 ? A HIS 191 
18 1 Y 1 A HIS 192 ? A HIS 192 
19 1 Y 1 A HIS 193 ? A HIS 193 
# 
loop_
_chem_comp_atom.comp_id 
_chem_comp_atom.atom_id 
_chem_comp_atom.type_symbol 
_chem_comp_atom.pdbx_aromatic_flag 
_chem_comp_atom.pdbx_stereo_config 
_chem_comp_atom.pdbx_ordinal 
ALA N    N N N 1   
ALA CA   C N S 2   
ALA C    C N N 3   
ALA O    O N N 4   
ALA CB   C N N 5   
ALA OXT  O N N 6   
ALA H    H N N 7   
ALA H2   H N N 8   
ALA HA   H N N 9   
ALA HB1  H N N 10  
ALA HB2  H N N 11  
ALA HB3  H N N 12  
ALA HXT  H N N 13  
ARG N    N N N 14  
ARG CA   C N S 15  
ARG C    C N N 16  
ARG O    O N N 17  
ARG CB   C N N 18  
ARG CG   C N N 19  
ARG CD   C N N 20  
ARG NE   N N N 21  
ARG CZ   C N N 22  
ARG NH1  N N N 23  
ARG NH2  N N N 24  
ARG OXT  O N N 25  
ARG H    H N N 26  
ARG H2   H N N 27  
ARG HA   H N N 28  
ARG HB2  H N N 29  
ARG HB3  H N N 30  
ARG HG2  H N N 31  
ARG HG3  H N N 32  
ARG HD2  H N N 33  
ARG HD3  H N N 34  
ARG HE   H N N 35  
ARG HH11 H N N 36  
ARG HH12 H N N 37  
ARG HH21 H N N 38  
ARG HH22 H N N 39  
ARG HXT  H N N 40  
ASN N    N N N 41  
ASN CA   C N S 42  
ASN C    C N N 43  
ASN O    O N N 44  
ASN CB   C N N 45  
ASN CG   C N N 46  
ASN OD1  O N N 47  
ASN ND2  N N N 48  
ASN OXT  O N N 49  
ASN H    H N N 50  
ASN H2   H N N 51  
ASN HA   H N N 52  
ASN HB2  H N N 53  
ASN HB3  H N N 54  
ASN HD21 H N N 55  
ASN HD22 H N N 56  
ASN HXT  H N N 57  
ASP N    N N N 58  
ASP CA   C N S 59  
ASP C    C N N 60  
ASP O    O N N 61  
ASP CB   C N N 62  
ASP CG   C N N 63  
ASP OD1  O N N 64  
ASP OD2  O N N 65  
ASP OXT  O N N 66  
ASP H    H N N 67  
ASP H2   H N N 68  
ASP HA   H N N 69  
ASP HB2  H N N 70  
ASP HB3  H N N 71  
ASP HD2  H N N 72  
ASP HXT  H N N 73  
GLN N    N N N 74  
GLN CA   C N S 75  
GLN C    C N N 76  
GLN O    O N N 77  
GLN CB   C N N 78  
GLN CG   C N N 79  
GLN CD   C N N 80  
GLN OE1  O N N 81  
GLN NE2  N N N 82  
GLN OXT  O N N 83  
GLN H    H N N 84  
GLN H2   H N N 85  
GLN HA   H N N 86  
GLN HB2  H N N 87  
GLN HB3  H N N 88  
GLN HG2  H N N 89  
GLN HG3  H N N 90  
GLN HE21 H N N 91  
GLN HE22 H N N 92  
GLN HXT  H N N 93  
GLU N    N N N 94  
GLU CA   C N S 95  
GLU C    C N N 96  
GLU O    O N N 97  
GLU CB   C N N 98  
GLU CG   C N N 99  
GLU CD   C N N 100 
GLU OE1  O N N 101 
GLU OE2  O N N 102 
GLU OXT  O N N 103 
GLU H    H N N 104 
GLU H2   H N N 105 
GLU HA   H N N 106 
GLU HB2  H N N 107 
GLU HB3  H N N 108 
GLU HG2  H N N 109 
GLU HG3  H N N 110 
GLU HE2  H N N 111 
GLU HXT  H N N 112 
GLY N    N N N 113 
GLY CA   C N N 114 
GLY C    C N N 115 
GLY O    O N N 116 
GLY OXT  O N N 117 
GLY H    H N N 118 
GLY H2   H N N 119 
GLY HA2  H N N 120 
GLY HA3  H N N 121 
GLY HXT  H N N 122 
HIS N    N N N 123 
HIS CA   C N S 124 
HIS C    C N N 125 
HIS O    O N N 126 
HIS CB   C N N 127 
HIS CG   C Y N 128 
HIS ND1  N Y N 129 
HIS CD2  C Y N 130 
HIS CE1  C Y N 131 
HIS NE2  N Y N 132 
HIS OXT  O N N 133 
HIS H    H N N 134 
HIS H2   H N N 135 
HIS HA   H N N 136 
HIS HB2  H N N 137 
HIS HB3  H N N 138 
HIS HD1  H N N 139 
HIS HD2  H N N 140 
HIS HE1  H N N 141 
HIS HE2  H N N 142 
HIS HXT  H N N 143 
HOH O    O N N 144 
HOH H1   H N N 145 
HOH H2   H N N 146 
ILE N    N N N 147 
ILE CA   C N S 148 
ILE C    C N N 149 
ILE O    O N N 150 
ILE CB   C N S 151 
ILE CG1  C N N 152 
ILE CG2  C N N 153 
ILE CD1  C N N 154 
ILE OXT  O N N 155 
ILE H    H N N 156 
ILE H2   H N N 157 
ILE HA   H N N 158 
ILE HB   H N N 159 
ILE HG12 H N N 160 
ILE HG13 H N N 161 
ILE HG21 H N N 162 
ILE HG22 H N N 163 
ILE HG23 H N N 164 
ILE HD11 H N N 165 
ILE HD12 H N N 166 
ILE HD13 H N N 167 
ILE HXT  H N N 168 
LEU N    N N N 169 
LEU CA   C N S 170 
LEU C    C N N 171 
LEU O    O N N 172 
LEU CB   C N N 173 
LEU CG   C N N 174 
LEU CD1  C N N 175 
LEU CD2  C N N 176 
LEU OXT  O N N 177 
LEU H    H N N 178 
LEU H2   H N N 179 
LEU HA   H N N 180 
LEU HB2  H N N 181 
LEU HB3  H N N 182 
LEU HG   H N N 183 
LEU HD11 H N N 184 
LEU HD12 H N N 185 
LEU HD13 H N N 186 
LEU HD21 H N N 187 
LEU HD22 H N N 188 
LEU HD23 H N N 189 
LEU HXT  H N N 190 
LYS N    N N N 191 
LYS CA   C N S 192 
LYS C    C N N 193 
LYS O    O N N 194 
LYS CB   C N N 195 
LYS CG   C N N 196 
LYS CD   C N N 197 
LYS CE   C N N 198 
LYS NZ   N N N 199 
LYS OXT  O N N 200 
LYS H    H N N 201 
LYS H2   H N N 202 
LYS HA   H N N 203 
LYS HB2  H N N 204 
LYS HB3  H N N 205 
LYS HG2  H N N 206 
LYS HG3  H N N 207 
LYS HD2  H N N 208 
LYS HD3  H N N 209 
LYS HE2  H N N 210 
LYS HE3  H N N 211 
LYS HZ1  H N N 212 
LYS HZ2  H N N 213 
LYS HZ3  H N N 214 
LYS HXT  H N N 215 
MET N    N N N 216 
MET CA   C N S 217 
MET C    C N N 218 
MET O    O N N 219 
MET CB   C N N 220 
MET CG   C N N 221 
MET SD   S N N 222 
MET CE   C N N 223 
MET OXT  O N N 224 
MET H    H N N 225 
MET H2   H N N 226 
MET HA   H N N 227 
MET HB2  H N N 228 
MET HB3  H N N 229 
MET HG2  H N N 230 
MET HG3  H N N 231 
MET HE1  H N N 232 
MET HE2  H N N 233 
MET HE3  H N N 234 
MET HXT  H N N 235 
PHE N    N N N 236 
PHE CA   C N S 237 
PHE C    C N N 238 
PHE O    O N N 239 
PHE CB   C N N 240 
PHE CG   C Y N 241 
PHE CD1  C Y N 242 
PHE CD2  C Y N 243 
PHE CE1  C Y N 244 
PHE CE2  C Y N 245 
PHE CZ   C Y N 246 
PHE OXT  O N N 247 
PHE H    H N N 248 
PHE H2   H N N 249 
PHE HA   H N N 250 
PHE HB2  H N N 251 
PHE HB3  H N N 252 
PHE HD1  H N N 253 
PHE HD2  H N N 254 
PHE HE1  H N N 255 
PHE HE2  H N N 256 
PHE HZ   H N N 257 
PHE HXT  H N N 258 
PRO N    N N N 259 
PRO CA   C N S 260 
PRO C    C N N 261 
PRO O    O N N 262 
PRO CB   C N N 263 
PRO CG   C N N 264 
PRO CD   C N N 265 
PRO OXT  O N N 266 
PRO H    H N N 267 
PRO HA   H N N 268 
PRO HB2  H N N 269 
PRO HB3  H N N 270 
PRO HG2  H N N 271 
PRO HG3  H N N 272 
PRO HD2  H N N 273 
PRO HD3  H N N 274 
PRO HXT  H N N 275 
SER N    N N N 276 
SER CA   C N S 277 
SER C    C N N 278 
SER O    O N N 279 
SER CB   C N N 280 
SER OG   O N N 281 
SER OXT  O N N 282 
SER H    H N N 283 
SER H2   H N N 284 
SER HA   H N N 285 
SER HB2  H N N 286 
SER HB3  H N N 287 
SER HG   H N N 288 
SER HXT  H N N 289 
SO4 S    S N N 290 
SO4 O1   O N N 291 
SO4 O2   O N N 292 
SO4 O3   O N N 293 
SO4 O4   O N N 294 
THR N    N N N 295 
THR CA   C N S 296 
THR C    C N N 297 
THR O    O N N 298 
THR CB   C N R 299 
THR OG1  O N N 300 
THR CG2  C N N 301 
THR OXT  O N N 302 
THR H    H N N 303 
THR H2   H N N 304 
THR HA   H N N 305 
THR HB   H N N 306 
THR HG1  H N N 307 
THR HG21 H N N 308 
THR HG22 H N N 309 
THR HG23 H N N 310 
THR HXT  H N N 311 
TRP N    N N N 312 
TRP CA   C N S 313 
TRP C    C N N 314 
TRP O    O N N 315 
TRP CB   C N N 316 
TRP CG   C Y N 317 
TRP CD1  C Y N 318 
TRP CD2  C Y N 319 
TRP NE1  N Y N 320 
TRP CE2  C Y N 321 
TRP CE3  C Y N 322 
TRP CZ2  C Y N 323 
TRP CZ3  C Y N 324 
TRP CH2  C Y N 325 
TRP OXT  O N N 326 
TRP H    H N N 327 
TRP H2   H N N 328 
TRP HA   H N N 329 
TRP HB2  H N N 330 
TRP HB3  H N N 331 
TRP HD1  H N N 332 
TRP HE1  H N N 333 
TRP HE3  H N N 334 
TRP HZ2  H N N 335 
TRP HZ3  H N N 336 
TRP HH2  H N N 337 
TRP HXT  H N N 338 
TYR N    N N N 339 
TYR CA   C N S 340 
TYR C    C N N 341 
TYR O    O N N 342 
TYR CB   C N N 343 
TYR CG   C Y N 344 
TYR CD1  C Y N 345 
TYR CD2  C Y N 346 
TYR CE1  C Y N 347 
TYR CE2  C Y N 348 
TYR CZ   C Y N 349 
TYR OH   O N N 350 
TYR OXT  O N N 351 
TYR H    H N N 352 
TYR H2   H N N 353 
TYR HA   H N N 354 
TYR HB2  H N N 355 
TYR HB3  H N N 356 
TYR HD1  H N N 357 
TYR HD2  H N N 358 
TYR HE1  H N N 359 
TYR HE2  H N N 360 
TYR HH   H N N 361 
TYR HXT  H N N 362 
VAL N    N N N 363 
VAL CA   C N S 364 
VAL C    C N N 365 
VAL O    O N N 366 
VAL CB   C N N 367 
VAL CG1  C N N 368 
VAL CG2  C N N 369 
VAL OXT  O N N 370 
VAL H    H N N 371 
VAL H2   H N N 372 
VAL HA   H N N 373 
VAL HB   H N N 374 
VAL HG11 H N N 375 
VAL HG12 H N N 376 
VAL HG13 H N N 377 
VAL HG21 H N N 378 
VAL HG22 H N N 379 
VAL HG23 H N N 380 
VAL HXT  H N N 381 
# 
loop_
_chem_comp_bond.comp_id 
_chem_comp_bond.atom_id_1 
_chem_comp_bond.atom_id_2 
_chem_comp_bond.value_order 
_chem_comp_bond.pdbx_aromatic_flag 
_chem_comp_bond.pdbx_stereo_config 
_chem_comp_bond.pdbx_ordinal 
ALA N   CA   sing N N 1   
ALA N   H    sing N N 2   
ALA N   H2   sing N N 3   
ALA CA  C    sing N N 4   
ALA CA  CB   sing N N 5   
ALA CA  HA   sing N N 6   
ALA C   O    doub N N 7   
ALA C   OXT  sing N N 8   
ALA CB  HB1  sing N N 9   
ALA CB  HB2  sing N N 10  
ALA CB  HB3  sing N N 11  
ALA OXT HXT  sing N N 12  
ARG N   CA   sing N N 13  
ARG N   H    sing N N 14  
ARG N   H2   sing N N 15  
ARG CA  C    sing N N 16  
ARG CA  CB   sing N N 17  
ARG CA  HA   sing N N 18  
ARG C   O    doub N N 19  
ARG C   OXT  sing N N 20  
ARG CB  CG   sing N N 21  
ARG CB  HB2  sing N N 22  
ARG CB  HB3  sing N N 23  
ARG CG  CD   sing N N 24  
ARG CG  HG2  sing N N 25  
ARG CG  HG3  sing N N 26  
ARG CD  NE   sing N N 27  
ARG CD  HD2  sing N N 28  
ARG CD  HD3  sing N N 29  
ARG NE  CZ   sing N N 30  
ARG NE  HE   sing N N 31  
ARG CZ  NH1  sing N N 32  
ARG CZ  NH2  doub N N 33  
ARG NH1 HH11 sing N N 34  
ARG NH1 HH12 sing N N 35  
ARG NH2 HH21 sing N N 36  
ARG NH2 HH22 sing N N 37  
ARG OXT HXT  sing N N 38  
ASN N   CA   sing N N 39  
ASN N   H    sing N N 40  
ASN N   H2   sing N N 41  
ASN CA  C    sing N N 42  
ASN CA  CB   sing N N 43  
ASN CA  HA   sing N N 44  
ASN C   O    doub N N 45  
ASN C   OXT  sing N N 46  
ASN CB  CG   sing N N 47  
ASN CB  HB2  sing N N 48  
ASN CB  HB3  sing N N 49  
ASN CG  OD1  doub N N 50  
ASN CG  ND2  sing N N 51  
ASN ND2 HD21 sing N N 52  
ASN ND2 HD22 sing N N 53  
ASN OXT HXT  sing N N 54  
ASP N   CA   sing N N 55  
ASP N   H    sing N N 56  
ASP N   H2   sing N N 57  
ASP CA  C    sing N N 58  
ASP CA  CB   sing N N 59  
ASP CA  HA   sing N N 60  
ASP C   O    doub N N 61  
ASP C   OXT  sing N N 62  
ASP CB  CG   sing N N 63  
ASP CB  HB2  sing N N 64  
ASP CB  HB3  sing N N 65  
ASP CG  OD1  doub N N 66  
ASP CG  OD2  sing N N 67  
ASP OD2 HD2  sing N N 68  
ASP OXT HXT  sing N N 69  
GLN N   CA   sing N N 70  
GLN N   H    sing N N 71  
GLN N   H2   sing N N 72  
GLN CA  C    sing N N 73  
GLN CA  CB   sing N N 74  
GLN CA  HA   sing N N 75  
GLN C   O    doub N N 76  
GLN C   OXT  sing N N 77  
GLN CB  CG   sing N N 78  
GLN CB  HB2  sing N N 79  
GLN CB  HB3  sing N N 80  
GLN CG  CD   sing N N 81  
GLN CG  HG2  sing N N 82  
GLN CG  HG3  sing N N 83  
GLN CD  OE1  doub N N 84  
GLN CD  NE2  sing N N 85  
GLN NE2 HE21 sing N N 86  
GLN NE2 HE22 sing N N 87  
GLN OXT HXT  sing N N 88  
GLU N   CA   sing N N 89  
GLU N   H    sing N N 90  
GLU N   H2   sing N N 91  
GLU CA  C    sing N N 92  
GLU CA  CB   sing N N 93  
GLU CA  HA   sing N N 94  
GLU C   O    doub N N 95  
GLU C   OXT  sing N N 96  
GLU CB  CG   sing N N 97  
GLU CB  HB2  sing N N 98  
GLU CB  HB3  sing N N 99  
GLU CG  CD   sing N N 100 
GLU CG  HG2  sing N N 101 
GLU CG  HG3  sing N N 102 
GLU CD  OE1  doub N N 103 
GLU CD  OE2  sing N N 104 
GLU OE2 HE2  sing N N 105 
GLU OXT HXT  sing N N 106 
GLY N   CA   sing N N 107 
GLY N   H    sing N N 108 
GLY N   H2   sing N N 109 
GLY CA  C    sing N N 110 
GLY CA  HA2  sing N N 111 
GLY CA  HA3  sing N N 112 
GLY C   O    doub N N 113 
GLY C   OXT  sing N N 114 
GLY OXT HXT  sing N N 115 
HIS N   CA   sing N N 116 
HIS N   H    sing N N 117 
HIS N   H2   sing N N 118 
HIS CA  C    sing N N 119 
HIS CA  CB   sing N N 120 
HIS CA  HA   sing N N 121 
HIS C   O    doub N N 122 
HIS C   OXT  sing N N 123 
HIS CB  CG   sing N N 124 
HIS CB  HB2  sing N N 125 
HIS CB  HB3  sing N N 126 
HIS CG  ND1  sing Y N 127 
HIS CG  CD2  doub Y N 128 
HIS ND1 CE1  doub Y N 129 
HIS ND1 HD1  sing N N 130 
HIS CD2 NE2  sing Y N 131 
HIS CD2 HD2  sing N N 132 
HIS CE1 NE2  sing Y N 133 
HIS CE1 HE1  sing N N 134 
HIS NE2 HE2  sing N N 135 
HIS OXT HXT  sing N N 136 
HOH O   H1   sing N N 137 
HOH O   H2   sing N N 138 
ILE N   CA   sing N N 139 
ILE N   H    sing N N 140 
ILE N   H2   sing N N 141 
ILE CA  C    sing N N 142 
ILE CA  CB   sing N N 143 
ILE CA  HA   sing N N 144 
ILE C   O    doub N N 145 
ILE C   OXT  sing N N 146 
ILE CB  CG1  sing N N 147 
ILE CB  CG2  sing N N 148 
ILE CB  HB   sing N N 149 
ILE CG1 CD1  sing N N 150 
ILE CG1 HG12 sing N N 151 
ILE CG1 HG13 sing N N 152 
ILE CG2 HG21 sing N N 153 
ILE CG2 HG22 sing N N 154 
ILE CG2 HG23 sing N N 155 
ILE CD1 HD11 sing N N 156 
ILE CD1 HD12 sing N N 157 
ILE CD1 HD13 sing N N 158 
ILE OXT HXT  sing N N 159 
LEU N   CA   sing N N 160 
LEU N   H    sing N N 161 
LEU N   H2   sing N N 162 
LEU CA  C    sing N N 163 
LEU CA  CB   sing N N 164 
LEU CA  HA   sing N N 165 
LEU C   O    doub N N 166 
LEU C   OXT  sing N N 167 
LEU CB  CG   sing N N 168 
LEU CB  HB2  sing N N 169 
LEU CB  HB3  sing N N 170 
LEU CG  CD1  sing N N 171 
LEU CG  CD2  sing N N 172 
LEU CG  HG   sing N N 173 
LEU CD1 HD11 sing N N 174 
LEU CD1 HD12 sing N N 175 
LEU CD1 HD13 sing N N 176 
LEU CD2 HD21 sing N N 177 
LEU CD2 HD22 sing N N 178 
LEU CD2 HD23 sing N N 179 
LEU OXT HXT  sing N N 180 
LYS N   CA   sing N N 181 
LYS N   H    sing N N 182 
LYS N   H2   sing N N 183 
LYS CA  C    sing N N 184 
LYS CA  CB   sing N N 185 
LYS CA  HA   sing N N 186 
LYS C   O    doub N N 187 
LYS C   OXT  sing N N 188 
LYS CB  CG   sing N N 189 
LYS CB  HB2  sing N N 190 
LYS CB  HB3  sing N N 191 
LYS CG  CD   sing N N 192 
LYS CG  HG2  sing N N 193 
LYS CG  HG3  sing N N 194 
LYS CD  CE   sing N N 195 
LYS CD  HD2  sing N N 196 
LYS CD  HD3  sing N N 197 
LYS CE  NZ   sing N N 198 
LYS CE  HE2  sing N N 199 
LYS CE  HE3  sing N N 200 
LYS NZ  HZ1  sing N N 201 
LYS NZ  HZ2  sing N N 202 
LYS NZ  HZ3  sing N N 203 
LYS OXT HXT  sing N N 204 
MET N   CA   sing N N 205 
MET N   H    sing N N 206 
MET N   H2   sing N N 207 
MET CA  C    sing N N 208 
MET CA  CB   sing N N 209 
MET CA  HA   sing N N 210 
MET C   O    doub N N 211 
MET C   OXT  sing N N 212 
MET CB  CG   sing N N 213 
MET CB  HB2  sing N N 214 
MET CB  HB3  sing N N 215 
MET CG  SD   sing N N 216 
MET CG  HG2  sing N N 217 
MET CG  HG3  sing N N 218 
MET SD  CE   sing N N 219 
MET CE  HE1  sing N N 220 
MET CE  HE2  sing N N 221 
MET CE  HE3  sing N N 222 
MET OXT HXT  sing N N 223 
PHE N   CA   sing N N 224 
PHE N   H    sing N N 225 
PHE N   H2   sing N N 226 
PHE CA  C    sing N N 227 
PHE CA  CB   sing N N 228 
PHE CA  HA   sing N N 229 
PHE C   O    doub N N 230 
PHE C   OXT  sing N N 231 
PHE CB  CG   sing N N 232 
PHE CB  HB2  sing N N 233 
PHE CB  HB3  sing N N 234 
PHE CG  CD1  doub Y N 235 
PHE CG  CD2  sing Y N 236 
PHE CD1 CE1  sing Y N 237 
PHE CD1 HD1  sing N N 238 
PHE CD2 CE2  doub Y N 239 
PHE CD2 HD2  sing N N 240 
PHE CE1 CZ   doub Y N 241 
PHE CE1 HE1  sing N N 242 
PHE CE2 CZ   sing Y N 243 
PHE CE2 HE2  sing N N 244 
PHE CZ  HZ   sing N N 245 
PHE OXT HXT  sing N N 246 
PRO N   CA   sing N N 247 
PRO N   CD   sing N N 248 
PRO N   H    sing N N 249 
PRO CA  C    sing N N 250 
PRO CA  CB   sing N N 251 
PRO CA  HA   sing N N 252 
PRO C   O    doub N N 253 
PRO C   OXT  sing N N 254 
PRO CB  CG   sing N N 255 
PRO CB  HB2  sing N N 256 
PRO CB  HB3  sing N N 257 
PRO CG  CD   sing N N 258 
PRO CG  HG2  sing N N 259 
PRO CG  HG3  sing N N 260 
PRO CD  HD2  sing N N 261 
PRO CD  HD3  sing N N 262 
PRO OXT HXT  sing N N 263 
SER N   CA   sing N N 264 
SER N   H    sing N N 265 
SER N   H2   sing N N 266 
SER CA  C    sing N N 267 
SER CA  CB   sing N N 268 
SER CA  HA   sing N N 269 
SER C   O    doub N N 270 
SER C   OXT  sing N N 271 
SER CB  OG   sing N N 272 
SER CB  HB2  sing N N 273 
SER CB  HB3  sing N N 274 
SER OG  HG   sing N N 275 
SER OXT HXT  sing N N 276 
SO4 S   O1   doub N N 277 
SO4 S   O2   doub N N 278 
SO4 S   O3   sing N N 279 
SO4 S   O4   sing N N 280 
THR N   CA   sing N N 281 
THR N   H    sing N N 282 
THR N   H2   sing N N 283 
THR CA  C    sing N N 284 
THR CA  CB   sing N N 285 
THR CA  HA   sing N N 286 
THR C   O    doub N N 287 
THR C   OXT  sing N N 288 
THR CB  OG1  sing N N 289 
THR CB  CG2  sing N N 290 
THR CB  HB   sing N N 291 
THR OG1 HG1  sing N N 292 
THR CG2 HG21 sing N N 293 
THR CG2 HG22 sing N N 294 
THR CG2 HG23 sing N N 295 
THR OXT HXT  sing N N 296 
TRP N   CA   sing N N 297 
TRP N   H    sing N N 298 
TRP N   H2   sing N N 299 
TRP CA  C    sing N N 300 
TRP CA  CB   sing N N 301 
TRP CA  HA   sing N N 302 
TRP C   O    doub N N 303 
TRP C   OXT  sing N N 304 
TRP CB  CG   sing N N 305 
TRP CB  HB2  sing N N 306 
TRP CB  HB3  sing N N 307 
TRP CG  CD1  doub Y N 308 
TRP CG  CD2  sing Y N 309 
TRP CD1 NE1  sing Y N 310 
TRP CD1 HD1  sing N N 311 
TRP CD2 CE2  doub Y N 312 
TRP CD2 CE3  sing Y N 313 
TRP NE1 CE2  sing Y N 314 
TRP NE1 HE1  sing N N 315 
TRP CE2 CZ2  sing Y N 316 
TRP CE3 CZ3  doub Y N 317 
TRP CE3 HE3  sing N N 318 
TRP CZ2 CH2  doub Y N 319 
TRP CZ2 HZ2  sing N N 320 
TRP CZ3 CH2  sing Y N 321 
TRP CZ3 HZ3  sing N N 322 
TRP CH2 HH2  sing N N 323 
TRP OXT HXT  sing N N 324 
TYR N   CA   sing N N 325 
TYR N   H    sing N N 326 
TYR N   H2   sing N N 327 
TYR CA  C    sing N N 328 
TYR CA  CB   sing N N 329 
TYR CA  HA   sing N N 330 
TYR C   O    doub N N 331 
TYR C   OXT  sing N N 332 
TYR CB  CG   sing N N 333 
TYR CB  HB2  sing N N 334 
TYR CB  HB3  sing N N 335 
TYR CG  CD1  doub Y N 336 
TYR CG  CD2  sing Y N 337 
TYR CD1 CE1  sing Y N 338 
TYR CD1 HD1  sing N N 339 
TYR CD2 CE2  doub Y N 340 
TYR CD2 HD2  sing N N 341 
TYR CE1 CZ   doub Y N 342 
TYR CE1 HE1  sing N N 343 
TYR CE2 CZ   sing Y N 344 
TYR CE2 HE2  sing N N 345 
TYR CZ  OH   sing N N 346 
TYR OH  HH   sing N N 347 
TYR OXT HXT  sing N N 348 
VAL N   CA   sing N N 349 
VAL N   H    sing N N 350 
VAL N   H2   sing N N 351 
VAL CA  C    sing N N 352 
VAL CA  CB   sing N N 353 
VAL CA  HA   sing N N 354 
VAL C   O    doub N N 355 
VAL C   OXT  sing N N 356 
VAL CB  CG1  sing N N 357 
VAL CB  CG2  sing N N 358 
VAL CB  HB   sing N N 359 
VAL CG1 HG11 sing N N 360 
VAL CG1 HG12 sing N N 361 
VAL CG1 HG13 sing N N 362 
VAL CG2 HG21 sing N N 363 
VAL CG2 HG22 sing N N 364 
VAL CG2 HG23 sing N N 365 
VAL OXT HXT  sing N N 366 
# 
_atom_sites.entry_id                    1RTT 
_atom_sites.fract_transf_matrix[1][1]   -0.00779698 
_atom_sites.fract_transf_matrix[1][2]   0.00835886 
_atom_sites.fract_transf_matrix[1][3]   -0.00991992 
_atom_sites.fract_transf_matrix[2][1]   -0.00083192 
_atom_sites.fract_transf_matrix[2][2]   -0.01116108 
_atom_sites.fract_transf_matrix[2][3]   -0.00875082 
_atom_sites.fract_transf_matrix[3][1]   -0.01001481 
_atom_sites.fract_transf_matrix[3][2]   -0.00326689 
_atom_sites.fract_transf_matrix[3][3]   0.00511878 
_atom_sites.fract_transf_vector[1]      0.390440 
_atom_sites.fract_transf_vector[2]      0.304842 
_atom_sites.fract_transf_vector[3]      0.363553 
# 
loop_
_atom_type.symbol 
C 
N 
O 
S 
# 
loop_
_atom_site.group_PDB 
_atom_site.id 
_atom_site.type_symbol 
_atom_site.label_atom_id 
_atom_site.label_alt_id 
_atom_site.label_comp_id 
_atom_site.label_asym_id 
_atom_site.label_entity_id 
_atom_site.label_seq_id 
_atom_site.pdbx_PDB_ins_code 
_atom_site.Cartn_x 
_atom_site.Cartn_y 
_atom_site.Cartn_z 
_atom_site.occupancy 
_atom_site.B_iso_or_equiv 
_atom_site.pdbx_formal_charge 
_atom_site.auth_seq_id 
_atom_site.auth_comp_id 
_atom_site.auth_asym_id 
_atom_site.auth_atom_id 
_atom_site.pdbx_PDB_model_num 
ATOM   1    N N   . ILE A 1 7   ? 15.807  4.106   -7.362  1.00 14.83 ? 7   ILE A N   1 
ATOM   2    C CA  . ILE A 1 7   ? 14.347  3.878   -7.577  1.00 14.58 ? 7   ILE A CA  1 
ATOM   3    C C   . ILE A 1 7   ? 13.576  4.212   -6.303  1.00 13.37 ? 7   ILE A C   1 
ATOM   4    O O   . ILE A 1 7   ? 13.790  3.598   -5.255  1.00 14.63 ? 7   ILE A O   1 
ATOM   5    C CB  . ILE A 1 7   ? 14.070  2.414   -7.970  1.00 16.12 ? 7   ILE A CB  1 
ATOM   6    C CG1 . ILE A 1 7   ? 14.841  2.076   -9.249  1.00 18.12 ? 7   ILE A CG1 1 
ATOM   7    C CG2 . ILE A 1 7   ? 12.576  2.199   -8.176  1.00 16.25 ? 7   ILE A CG2 1 
ATOM   8    C CD1 . ILE A 1 7   ? 14.780  0.622   -9.642  1.00 20.05 ? 7   ILE A CD1 1 
ATOM   9    N N   . LYS A 1 8   ? 12.678  5.186   -6.405  1.00 12.14 ? 8   LYS A N   1 
ATOM   10   C CA  . LYS A 1 8   ? 11.878  5.628   -5.270  1.00 11.74 ? 8   LYS A CA  1 
ATOM   11   C C   . LYS A 1 8   ? 10.537  4.910   -5.214  1.00 10.04 ? 8   LYS A C   1 
ATOM   12   O O   . LYS A 1 8   ? 9.729   5.014   -6.138  1.00 10.01 ? 8   LYS A O   1 
ATOM   13   C CB  . LYS A 1 8   ? 11.642  7.138   -5.357  1.00 13.29 ? 8   LYS A CB  1 
ATOM   14   C CG  . LYS A 1 8   ? 12.916  7.975   -5.384  1.00 18.06 ? 8   LYS A CG  1 
ATOM   15   C CD  . LYS A 1 8   ? 13.658  7.929   -4.053  1.00 22.08 ? 8   LYS A CD  1 
ATOM   16   C CE  . LYS A 1 8   ? 12.860  8.597   -2.941  1.00 24.02 ? 8   LYS A CE  1 
ATOM   17   N NZ  . LYS A 1 8   ? 13.596  8.595   -1.647  1.00 27.33 ? 8   LYS A NZ  1 
ATOM   18   N N   . VAL A 1 9   ? 10.306  4.186   -4.124  1.00 8.62  ? 9   VAL A N   1 
ATOM   19   C CA  . VAL A 1 9   ? 9.060   3.456   -3.940  1.00 7.78  ? 9   VAL A CA  1 
ATOM   20   C C   . VAL A 1 9   ? 8.259   4.096   -2.816  1.00 8.77  ? 9   VAL A C   1 
ATOM   21   O O   . VAL A 1 9   ? 8.799   4.373   -1.745  1.00 10.34 ? 9   VAL A O   1 
ATOM   22   C CB  . VAL A 1 9   ? 9.326   1.980   -3.572  1.00 7.53  ? 9   VAL A CB  1 
ATOM   23   C CG1 . VAL A 1 9   ? 8.007   1.252   -3.340  1.00 9.08  ? 9   VAL A CG1 1 
ATOM   24   C CG2 . VAL A 1 9   ? 10.130  1.304   -4.673  1.00 9.53  ? 9   VAL A CG2 1 
ATOM   25   N N   . LEU A 1 10  ? 6.977   4.345   -3.062  1.00 7.24  ? 10  LEU A N   1 
ATOM   26   C CA  . LEU A 1 10  ? 6.115   4.932   -2.043  1.00 7.19  ? 10  LEU A CA  1 
ATOM   27   C C   . LEU A 1 10  ? 5.291   3.831   -1.394  1.00 7.24  ? 10  LEU A C   1 
ATOM   28   O O   . LEU A 1 10  ? 4.498   3.166   -2.065  1.00 7.28  ? 10  LEU A O   1 
ATOM   29   C CB  . LEU A 1 10  ? 5.172   5.973   -2.655  1.00 7.22  ? 10  LEU A CB  1 
ATOM   30   C CG  . LEU A 1 10  ? 4.249   6.695   -1.663  1.00 7.09  ? 10  LEU A CG  1 
ATOM   31   C CD1 . LEU A 1 10  ? 5.081   7.567   -0.725  1.00 9.39  ? 10  LEU A CD1 1 
ATOM   32   C CD2 . LEU A 1 10  ? 3.237   7.546   -2.424  1.00 8.76  ? 10  LEU A CD2 1 
ATOM   33   N N   . GLY A 1 11  ? 5.492   3.633   -0.094  1.00 6.83  ? 11  GLY A N   1 
ATOM   34   C CA  . GLY A 1 11  ? 4.746   2.623   0.639   1.00 6.50  ? 11  GLY A CA  1 
ATOM   35   C C   . GLY A 1 11  ? 3.456   3.228   1.157   1.00 7.66  ? 11  GLY A C   1 
ATOM   36   O O   . GLY A 1 11  ? 3.466   4.310   1.747   1.00 8.37  ? 11  GLY A O   1 
ATOM   37   N N   . ILE A 1 12  ? 2.345   2.532   0.941   1.00 6.81  ? 12  ILE A N   1 
ATOM   38   C CA  . ILE A 1 12  ? 1.039   3.020   1.365   1.00 7.39  ? 12  ILE A CA  1 
ATOM   39   C C   . ILE A 1 12  ? 0.320   1.998   2.240   1.00 7.54  ? 12  ILE A C   1 
ATOM   40   O O   . ILE A 1 12  ? -0.141  0.967   1.750   1.00 7.41  ? 12  ILE A O   1 
ATOM   41   C CB  . ILE A 1 12  ? 0.150   3.333   0.132   1.00 7.22  ? 12  ILE A CB  1 
ATOM   42   C CG1 . ILE A 1 12  ? 0.891   4.280   -0.821  1.00 8.06  ? 12  ILE A CG1 1 
ATOM   43   C CG2 . ILE A 1 12  ? -1.175  3.948   0.576   1.00 9.62  ? 12  ILE A CG2 1 
ATOM   44   C CD1 . ILE A 1 12  ? 0.215   4.450   -2.178  1.00 8.23  ? 12  ILE A CD1 1 
ATOM   45   N N   . SER A 1 13  ? 0.233   2.278   3.537   1.00 7.63  ? 13  SER A N   1 
ATOM   46   C CA  . SER A 1 13  ? -0.462  1.381   4.453   1.00 7.29  ? 13  SER A CA  1 
ATOM   47   C C   . SER A 1 13  ? -1.929  1.767   4.539   1.00 7.49  ? 13  SER A C   1 
ATOM   48   O O   . SER A 1 13  ? -2.262  2.945   4.682   1.00 8.98  ? 13  SER A O   1 
ATOM   49   C CB  . SER A 1 13  ? 0.138   1.441   5.856   1.00 7.92  ? 13  SER A CB  1 
ATOM   50   O OG  . SER A 1 13  ? -0.681  0.703   6.752   1.00 8.89  ? 13  SER A OG  1 
ATOM   51   N N   . GLY A 1 14  ? -2.802  0.767   4.469   1.00 7.25  ? 14  GLY A N   1 
ATOM   52   C CA  . GLY A 1 14  ? -4.223  1.028   4.536   1.00 6.64  ? 14  GLY A CA  1 
ATOM   53   C C   . GLY A 1 14  ? -4.809  1.040   5.938   1.00 6.65  ? 14  GLY A C   1 
ATOM   54   O O   . GLY A 1 14  ? -6.026  1.102   6.074   1.00 7.13  ? 14  GLY A O   1 
ATOM   55   N N   . SER A 1 15  ? -3.962  1.001   6.967   1.00 7.36  ? 15  SER A N   1 
ATOM   56   C CA  . SER A 1 15  ? -4.433  0.994   8.355   1.00 7.70  ? 15  SER A CA  1 
ATOM   57   C C   . SER A 1 15  ? -3.886  2.159   9.174   1.00 7.97  ? 15  SER A C   1 
ATOM   58   O O   . SER A 1 15  ? -2.725  2.547   9.026   1.00 9.27  ? 15  SER A O   1 
ATOM   59   C CB  . SER A 1 15  ? -4.046  -0.322  9.030   1.00 8.81  ? 15  SER A CB  1 
ATOM   60   O OG  . SER A 1 15  ? -4.409  -0.303  10.402  1.00 8.24  ? 15  SER A OG  1 
ATOM   61   N N   . LEU A 1 16  ? -4.724  2.695   10.059  1.00 8.25  ? 16  LEU A N   1 
ATOM   62   C CA  . LEU A 1 16  ? -4.347  3.827   10.901  1.00 9.38  ? 16  LEU A CA  1 
ATOM   63   C C   . LEU A 1 16  ? -3.933  3.451   12.324  1.00 9.20  ? 16  LEU A C   1 
ATOM   64   O O   . LEU A 1 16  ? -3.386  4.286   13.042  1.00 10.53 ? 16  LEU A O   1 
ATOM   65   C CB  . LEU A 1 16  ? -5.506  4.827   10.984  1.00 10.16 ? 16  LEU A CB  1 
ATOM   66   C CG  . LEU A 1 16  ? -6.081  5.369   9.673   1.00 10.32 ? 16  LEU A CG  1 
ATOM   67   C CD1 . LEU A 1 16  ? -7.235  6.318   9.973   1.00 11.43 ? 16  LEU A CD1 1 
ATOM   68   C CD2 . LEU A 1 16  ? -4.992  6.081   8.885   1.00 11.60 ? 16  LEU A CD2 1 
ATOM   69   N N   . ARG A 1 17  ? -4.183  2.211   12.738  1.00 8.79  ? 17  ARG A N   1 
ATOM   70   C CA  . ARG A 1 17  ? -3.848  1.822   14.106  1.00 9.18  ? 17  ARG A CA  1 
ATOM   71   C C   . ARG A 1 17  ? -2.345  1.722   14.339  1.00 9.91  ? 17  ARG A C   1 
ATOM   72   O O   . ARG A 1 17  ? -1.580  1.371   13.439  1.00 10.50 ? 17  ARG A O   1 
ATOM   73   C CB  . ARG A 1 17  ? -4.551  0.513   14.486  1.00 9.25  ? 17  ARG A CB  1 
ATOM   74   C CG  . ARG A 1 17  ? -3.921  -0.761  13.960  1.00 8.11  ? 17  ARG A CG  1 
ATOM   75   C CD  . ARG A 1 17  ? -4.808  -1.961  14.279  1.00 8.68  ? 17  ARG A CD  1 
ATOM   76   N NE  . ARG A 1 17  ? -4.166  -3.232  13.956  1.00 9.61  ? 17  ARG A NE  1 
ATOM   77   C CZ  . ARG A 1 17  ? -3.369  -3.908  14.779  1.00 10.04 ? 17  ARG A CZ  1 
ATOM   78   N NH1 . ARG A 1 17  ? -3.108  -3.440  15.992  1.00 11.81 ? 17  ARG A NH1 1 
ATOM   79   N NH2 . ARG A 1 17  ? -2.831  -5.056  14.385  1.00 10.75 ? 17  ARG A NH2 1 
ATOM   80   N N   . SER A 1 18  ? -1.929  2.038   15.561  1.00 11.08 ? 18  SER A N   1 
ATOM   81   C CA  . SER A 1 18  ? -0.513  2.027   15.915  1.00 12.37 ? 18  SER A CA  1 
ATOM   82   C C   . SER A 1 18  ? 0.195   0.688   15.737  1.00 13.37 ? 18  SER A C   1 
ATOM   83   O O   . SER A 1 18  ? 1.340   0.648   15.288  1.00 15.44 ? 18  SER A O   1 
ATOM   84   C CB  . SER A 1 18  ? -0.331  2.519   17.356  1.00 15.05 ? 18  SER A CB  1 
ATOM   85   O OG  . SER A 1 18  ? -1.045  1.709   18.270  1.00 18.20 ? 18  SER A OG  1 
ATOM   86   N N   . GLY A 1 19  ? -0.479  -0.403  16.081  1.00 13.05 ? 19  GLY A N   1 
ATOM   87   C CA  . GLY A 1 19  ? 0.140   -1.711  15.950  1.00 11.94 ? 19  GLY A CA  1 
ATOM   88   C C   . GLY A 1 19  ? -0.167  -2.433  14.649  1.00 11.40 ? 19  GLY A C   1 
ATOM   89   O O   . GLY A 1 19  ? -0.005  -3.648  14.563  1.00 11.95 ? 19  GLY A O   1 
ATOM   90   N N   . SER A 1 20  ? -0.593  -1.682  13.636  1.00 10.57 ? 20  SER A N   1 
ATOM   91   C CA  . SER A 1 20  ? -0.943  -2.245  12.332  1.00 8.78  ? 20  SER A CA  1 
ATOM   92   C C   . SER A 1 20  ? 0.058   -3.246  11.758  1.00 8.95  ? 20  SER A C   1 
ATOM   93   O O   . SER A 1 20  ? 1.246   -2.946  11.631  1.00 8.94  ? 20  SER A O   1 
ATOM   94   C CB  . SER A 1 20  ? -1.140  -1.116  11.319  1.00 8.61  ? 20  SER A CB  1 
ATOM   95   O OG  . SER A 1 20  ? -1.200  -1.635  9.999   1.00 8.08  ? 20  SER A OG  1 
ATOM   96   N N   . TYR A 1 21  ? -0.430  -4.432  11.399  1.00 8.97  ? 21  TYR A N   1 
ATOM   97   C CA  . TYR A 1 21  ? 0.424   -5.460  10.810  1.00 8.97  ? 21  TYR A CA  1 
ATOM   98   C C   . TYR A 1 21  ? 0.875   -5.007  9.425   1.00 8.28  ? 21  TYR A C   1 
ATOM   99   O O   . TYR A 1 21  ? 1.991   -5.297  8.994   1.00 9.16  ? 21  TYR A O   1 
ATOM   100  C CB  . TYR A 1 21  ? -0.328  -6.788  10.664  1.00 9.56  ? 21  TYR A CB  1 
ATOM   101  C CG  . TYR A 1 21  ? -0.863  -7.382  11.951  1.00 12.90 ? 21  TYR A CG  1 
ATOM   102  C CD1 . TYR A 1 21  ? -0.032  -7.593  13.051  1.00 15.17 ? 21  TYR A CD1 1 
ATOM   103  C CD2 . TYR A 1 21  ? -2.195  -7.773  12.048  1.00 14.11 ? 21  TYR A CD2 1 
ATOM   104  C CE1 . TYR A 1 21  ? -0.523  -8.185  14.223  1.00 16.97 ? 21  TYR A CE1 1 
ATOM   105  C CE2 . TYR A 1 21  ? -2.694  -8.364  13.208  1.00 16.19 ? 21  TYR A CE2 1 
ATOM   106  C CZ  . TYR A 1 21  ? -1.854  -8.566  14.289  1.00 16.43 ? 21  TYR A CZ  1 
ATOM   107  O OH  . TYR A 1 21  ? -2.354  -9.159  15.430  1.00 18.44 ? 21  TYR A OH  1 
ATOM   108  N N   . ASN A 1 22  ? -0.001  -4.301  8.720   1.00 7.31  ? 22  ASN A N   1 
ATOM   109  C CA  . ASN A 1 22  ? 0.330   -3.823  7.389   1.00 6.73  ? 22  ASN A CA  1 
ATOM   110  C C   . ASN A 1 22  ? 1.365   -2.711  7.426   1.00 7.28  ? 22  ASN A C   1 
ATOM   111  O O   . ASN A 1 22  ? 2.255   -2.664  6.582   1.00 7.36  ? 22  ASN A O   1 
ATOM   112  C CB  . ASN A 1 22  ? -0.948  -3.404  6.668   1.00 6.22  ? 22  ASN A CB  1 
ATOM   113  C CG  . ASN A 1 22  ? -1.761  -4.604  6.244   1.00 5.76  ? 22  ASN A CG  1 
ATOM   114  O OD1 . ASN A 1 22  ? -1.404  -5.285  5.292   1.00 7.00  ? 22  ASN A OD1 1 
ATOM   115  N ND2 . ASN A 1 22  ? -2.832  -4.897  6.975   1.00 6.29  ? 22  ASN A ND2 1 
ATOM   116  N N   . SER A 1 23  ? 1.266   -1.824  8.409   1.00 7.80  ? 23  SER A N   1 
ATOM   117  C CA  . SER A 1 23  ? 2.259   -0.764  8.529   1.00 8.78  ? 23  SER A CA  1 
ATOM   118  C C   . SER A 1 23  ? 3.593   -1.394  8.942   1.00 8.06  ? 23  SER A C   1 
ATOM   119  O O   . SER A 1 23  ? 4.657   -0.974  8.489   1.00 8.83  ? 23  SER A O   1 
ATOM   120  C CB  . SER A 1 23  ? 1.822   0.266   9.570   1.00 8.84  ? 23  SER A CB  1 
ATOM   121  O OG  . SER A 1 23  ? 0.675   0.974   9.132   1.00 8.89  ? 23  SER A OG  1 
ATOM   122  N N   . ALA A 1 24  ? 3.528   -2.409  9.801   1.00 8.07  ? 24  ALA A N   1 
ATOM   123  C CA  . ALA A 1 24  ? 4.736   -3.089  10.256  1.00 8.72  ? 24  ALA A CA  1 
ATOM   124  C C   . ALA A 1 24  ? 5.415   -3.796  9.087   1.00 9.01  ? 24  ALA A C   1 
ATOM   125  O O   . ALA A 1 24  ? 6.642   -3.812  8.991   1.00 9.61  ? 24  ALA A O   1 
ATOM   126  C CB  . ALA A 1 24  ? 4.395   -4.089  11.351  1.00 9.78  ? 24  ALA A CB  1 
ATOM   127  N N   . ALA A 1 25  ? 4.616   -4.378  8.196   1.00 8.27  ? 25  ALA A N   1 
ATOM   128  C CA  . ALA A 1 25  ? 5.154   -5.069  7.029   1.00 8.15  ? 25  ALA A CA  1 
ATOM   129  C C   . ALA A 1 25  ? 5.917   -4.084  6.147   1.00 8.65  ? 25  ALA A C   1 
ATOM   130  O O   . ALA A 1 25  ? 7.006   -4.389  5.654   1.00 8.98  ? 25  ALA A O   1 
ATOM   131  C CB  . ALA A 1 25  ? 4.024   -5.711  6.239   1.00 7.97  ? 25  ALA A CB  1 
ATOM   132  N N   . LEU A 1 26  ? 5.345   -2.900  5.947   1.00 8.73  ? 26  LEU A N   1 
ATOM   133  C CA  . LEU A 1 26  ? 5.995   -1.883  5.129   1.00 9.50  ? 26  LEU A CA  1 
ATOM   134  C C   . LEU A 1 26  ? 7.280   -1.395  5.788   1.00 9.54  ? 26  LEU A C   1 
ATOM   135  O O   . LEU A 1 26  ? 8.285   -1.182  5.110   1.00 9.72  ? 26  LEU A O   1 
ATOM   136  C CB  . LEU A 1 26  ? 5.063   -0.692  4.887   1.00 10.48 ? 26  LEU A CB  1 
ATOM   137  C CG  . LEU A 1 26  ? 3.861   -0.915  3.963   1.00 10.11 ? 26  LEU A CG  1 
ATOM   138  C CD1 . LEU A 1 26  ? 3.082   0.384   3.836   1.00 13.29 ? 26  LEU A CD1 1 
ATOM   139  C CD2 . LEU A 1 26  ? 4.336   -1.390  2.593   1.00 12.48 ? 26  LEU A CD2 1 
ATOM   140  N N   . GLN A 1 27  ? 7.251   -1.216  7.105   1.00 9.47  ? 27  GLN A N   1 
ATOM   141  C CA  . GLN A 1 27  ? 8.438   -0.755  7.819   1.00 10.02 ? 27  GLN A CA  1 
ATOM   142  C C   . GLN A 1 27  ? 9.564   -1.768  7.632   1.00 10.30 ? 27  GLN A C   1 
ATOM   143  O O   . GLN A 1 27  ? 10.721  -1.395  7.448   1.00 11.30 ? 27  GLN A O   1 
ATOM   144  C CB  . GLN A 1 27  ? 8.123   -0.567  9.306   1.00 10.96 ? 27  GLN A CB  1 
ATOM   145  C CG  . GLN A 1 27  ? 9.281   -0.016  10.134  1.00 14.06 ? 27  GLN A CG  1 
ATOM   146  C CD  . GLN A 1 27  ? 9.778   1.332   9.637   1.00 16.20 ? 27  GLN A CD  1 
ATOM   147  O OE1 . GLN A 1 27  ? 8.997   2.262   9.434   1.00 18.22 ? 27  GLN A OE1 1 
ATOM   148  N NE2 . GLN A 1 27  ? 11.090  1.445   9.447   1.00 18.61 ? 27  GLN A NE2 1 
ATOM   149  N N   . GLU A 1 28  ? 9.223   -3.053  7.677   1.00 9.97  ? 28  GLU A N   1 
ATOM   150  C CA  . GLU A 1 28  ? 10.214  -4.107  7.475   1.00 10.36 ? 28  GLU A CA  1 
ATOM   151  C C   . GLU A 1 28  ? 10.690  -4.097  6.024   1.00 10.54 ? 28  GLU A C   1 
ATOM   152  O O   . GLU A 1 28  ? 11.867  -4.316  5.742   1.00 10.35 ? 28  GLU A O   1 
ATOM   153  C CB  . GLU A 1 28  ? 9.609   -5.471  7.814   1.00 11.16 ? 28  GLU A CB  1 
ATOM   154  C CG  . GLU A 1 28  ? 9.471   -5.711  9.304   1.00 11.96 ? 28  GLU A CG  1 
ATOM   155  C CD  . GLU A 1 28  ? 10.810  -5.962  9.971   1.00 11.05 ? 28  GLU A CD  1 
ATOM   156  O OE1 . GLU A 1 28  ? 11.278  -7.119  9.943   1.00 13.01 ? 28  GLU A OE1 1 
ATOM   157  O OE2 . GLU A 1 28  ? 11.402  -5.001  10.509  1.00 14.58 ? 28  GLU A OE2 1 
ATOM   158  N N   . ALA A 1 29  ? 9.767   -3.824  5.109   1.00 9.55  ? 29  ALA A N   1 
ATOM   159  C CA  . ALA A 1 29  ? 10.090  -3.785  3.687   1.00 8.39  ? 29  ALA A CA  1 
ATOM   160  C C   . ALA A 1 29  ? 11.178  -2.760  3.386   1.00 8.72  ? 29  ALA A C   1 
ATOM   161  O O   . ALA A 1 29  ? 12.009  -2.966  2.498   1.00 8.71  ? 29  ALA A O   1 
ATOM   162  C CB  . ALA A 1 29  ? 8.834   -3.474  2.881   1.00 8.77  ? 29  ALA A CB  1 
ATOM   163  N N   . ILE A 1 30  ? 11.174  -1.655  4.125   1.00 8.33  ? 30  ILE A N   1 
ATOM   164  C CA  . ILE A 1 30  ? 12.169  -0.607  3.922   1.00 8.82  ? 30  ILE A CA  1 
ATOM   165  C C   . ILE A 1 30  ? 13.584  -1.176  3.992   1.00 7.98  ? 30  ILE A C   1 
ATOM   166  O O   . ILE A 1 30  ? 14.473  -0.743  3.255   1.00 9.39  ? 30  ILE A O   1 
ATOM   167  C CB  . ILE A 1 30  ? 12.022  0.515   4.973   1.00 9.03  ? 30  ILE A CB  1 
ATOM   168  C CG1 . ILE A 1 30  ? 10.634  1.149   4.860   1.00 9.07  ? 30  ILE A CG1 1 
ATOM   169  C CG2 . ILE A 1 30  ? 13.099  1.575   4.762   1.00 10.60 ? 30  ILE A CG2 1 
ATOM   170  C CD1 . ILE A 1 30  ? 10.360  2.231   5.891   1.00 11.09 ? 30  ILE A CD1 1 
ATOM   171  N N   . GLY A 1 31  ? 13.783  -2.151  4.875   1.00 8.25  ? 31  GLY A N   1 
ATOM   172  C CA  . GLY A 1 31  ? 15.093  -2.760  5.025   1.00 9.47  ? 31  GLY A CA  1 
ATOM   173  C C   . GLY A 1 31  ? 15.330  -3.988  4.166   1.00 10.36 ? 31  GLY A C   1 
ATOM   174  O O   . GLY A 1 31  ? 16.378  -4.630  4.274   1.00 11.01 ? 31  GLY A O   1 
ATOM   175  N N   . LEU A 1 32  ? 14.369  -4.316  3.304   1.00 10.51 ? 32  LEU A N   1 
ATOM   176  C CA  . LEU A 1 32  ? 14.484  -5.486  2.435   1.00 10.91 ? 32  LEU A CA  1 
ATOM   177  C C   . LEU A 1 32  ? 14.654  -5.142  0.960   1.00 10.33 ? 32  LEU A C   1 
ATOM   178  O O   . LEU A 1 32  ? 14.722  -6.034  0.113   1.00 11.89 ? 32  LEU A O   1 
ATOM   179  C CB  . LEU A 1 32  ? 13.260  -6.390  2.609   1.00 12.56 ? 32  LEU A CB  1 
ATOM   180  C CG  . LEU A 1 32  ? 13.124  -7.051  3.982   1.00 12.03 ? 32  LEU A CG  1 
ATOM   181  C CD1 . LEU A 1 32  ? 11.787  -7.773  4.074   1.00 13.87 ? 32  LEU A CD1 1 
ATOM   182  C CD2 . LEU A 1 32  ? 14.276  -8.020  4.206   1.00 13.92 ? 32  LEU A CD2 1 
ATOM   183  N N   . VAL A 1 33  ? 14.716  -3.852  0.650   1.00 9.65  ? 33  VAL A N   1 
ATOM   184  C CA  . VAL A 1 33  ? 14.891  -3.420  -0.730  1.00 10.44 ? 33  VAL A CA  1 
ATOM   185  C C   . VAL A 1 33  ? 16.289  -3.755  -1.227  1.00 11.41 ? 33  VAL A C   1 
ATOM   186  O O   . VAL A 1 33  ? 17.226  -3.872  -0.438  1.00 11.01 ? 33  VAL A O   1 
ATOM   187  C CB  . VAL A 1 33  ? 14.712  -1.895  -0.884  1.00 10.11 ? 33  VAL A CB  1 
ATOM   188  C CG1 . VAL A 1 33  ? 13.276  -1.503  -0.584  1.00 10.29 ? 33  VAL A CG1 1 
ATOM   189  C CG2 . VAL A 1 33  ? 15.681  -1.160  0.041   1.00 10.56 ? 33  VAL A CG2 1 
ATOM   190  N N   . PRO A 1 34  ? 16.445  -3.933  -2.544  1.00 11.38 ? 34  PRO A N   1 
ATOM   191  C CA  . PRO A 1 34  ? 17.769  -4.241  -3.085  1.00 12.05 ? 34  PRO A CA  1 
ATOM   192  C C   . PRO A 1 34  ? 18.539  -2.927  -3.176  1.00 11.82 ? 34  PRO A C   1 
ATOM   193  O O   . PRO A 1 34  ? 17.948  -1.852  -3.099  1.00 12.43 ? 34  PRO A O   1 
ATOM   194  C CB  . PRO A 1 34  ? 17.448  -4.815  -4.461  1.00 12.23 ? 34  PRO A CB  1 
ATOM   195  C CG  . PRO A 1 34  ? 16.236  -4.018  -4.864  1.00 12.26 ? 34  PRO A CG  1 
ATOM   196  C CD  . PRO A 1 34  ? 15.410  -4.028  -3.592  1.00 11.18 ? 34  PRO A CD  1 
ATOM   197  N N   . PRO A 1 35  ? 19.869  -2.988  -3.312  1.00 12.62 ? 35  PRO A N   1 
ATOM   198  C CA  . PRO A 1 35  ? 20.617  -1.731  -3.408  1.00 13.24 ? 35  PRO A CA  1 
ATOM   199  C C   . PRO A 1 35  ? 20.119  -0.923  -4.608  1.00 13.20 ? 35  PRO A C   1 
ATOM   200  O O   . PRO A 1 35  ? 19.780  -1.493  -5.644  1.00 14.93 ? 35  PRO A O   1 
ATOM   201  C CB  . PRO A 1 35  ? 22.056  -2.206  -3.584  1.00 13.50 ? 35  PRO A CB  1 
ATOM   202  C CG  . PRO A 1 35  ? 22.080  -3.474  -2.786  1.00 13.56 ? 35  PRO A CG  1 
ATOM   203  C CD  . PRO A 1 35  ? 20.781  -4.140  -3.201  1.00 13.85 ? 35  PRO A CD  1 
ATOM   204  N N   . GLY A 1 36  ? 20.061  0.395   -4.460  1.00 14.44 ? 36  GLY A N   1 
ATOM   205  C CA  . GLY A 1 36  ? 19.600  1.234   -5.554  1.00 15.40 ? 36  GLY A CA  1 
ATOM   206  C C   . GLY A 1 36  ? 18.115  1.537   -5.496  1.00 15.65 ? 36  GLY A C   1 
ATOM   207  O O   . GLY A 1 36  ? 17.564  2.158   -6.406  1.00 17.44 ? 36  GLY A O   1 
ATOM   208  N N   . MET A 1 37  ? 17.465  1.084   -4.429  1.00 14.79 ? 37  MET A N   1 
ATOM   209  C CA  . MET A 1 37  ? 16.036  1.316   -4.236  1.00 14.08 ? 37  MET A CA  1 
ATOM   210  C C   . MET A 1 37  ? 15.798  1.751   -2.798  1.00 13.32 ? 37  MET A C   1 
ATOM   211  O O   . MET A 1 37  ? 16.527  1.354   -1.890  1.00 14.16 ? 37  MET A O   1 
ATOM   212  C CB  . MET A 1 37  ? 15.233  0.040   -4.515  1.00 13.79 ? 37  MET A CB  1 
ATOM   213  C CG  . MET A 1 37  ? 13.732  0.191   -4.256  1.00 14.15 ? 37  MET A CG  1 
ATOM   214  S SD  . MET A 1 37  ? 12.773  -1.331  -4.444  1.00 14.36 ? 37  MET A SD  1 
ATOM   215  C CE  . MET A 1 37  ? 12.402  -1.290  -6.195  1.00 13.68 ? 37  MET A CE  1 
ATOM   216  N N   . SER A 1 38  ? 14.780  2.576   -2.593  1.00 12.77 ? 38  SER A N   1 
ATOM   217  C CA  . SER A 1 38  ? 14.445  3.033   -1.254  1.00 12.69 ? 38  SER A CA  1 
ATOM   218  C C   . SER A 1 38  ? 12.948  3.252   -1.156  1.00 11.99 ? 38  SER A C   1 
ATOM   219  O O   . SER A 1 38  ? 12.305  3.676   -2.121  1.00 13.14 ? 38  SER A O   1 
ATOM   220  C CB  . SER A 1 38  ? 15.178  4.334   -0.919  1.00 14.78 ? 38  SER A CB  1 
ATOM   221  O OG  . SER A 1 38  ? 14.762  5.390   -1.765  1.00 17.60 ? 38  SER A OG  1 
ATOM   222  N N   . ILE A 1 39  ? 12.401  2.954   0.015   1.00 10.83 ? 39  ILE A N   1 
ATOM   223  C CA  . ILE A 1 39  ? 10.980  3.124   0.264   1.00 11.42 ? 39  ILE A CA  1 
ATOM   224  C C   . ILE A 1 39  ? 10.726  4.307   1.184   1.00 12.61 ? 39  ILE A C   1 
ATOM   225  O O   . ILE A 1 39  ? 11.389  4.465   2.213   1.00 14.03 ? 39  ILE A O   1 
ATOM   226  C CB  . ILE A 1 39  ? 10.371  1.866   0.924   1.00 10.85 ? 39  ILE A CB  1 
ATOM   227  C CG1 . ILE A 1 39  ? 10.333  0.712   -0.080  1.00 9.89  ? 39  ILE A CG1 1 
ATOM   228  C CG2 . ILE A 1 39  ? 8.968   2.174   1.448   1.00 11.32 ? 39  ILE A CG2 1 
ATOM   229  C CD1 . ILE A 1 39  ? 9.924   -0.619  0.525   1.00 9.17  ? 39  ILE A CD1 1 
ATOM   230  N N   . GLU A 1 40  ? 9.777   5.146   0.785   1.00 12.33 ? 40  GLU A N   1 
ATOM   231  C CA  . GLU A 1 40  ? 9.358   6.300   1.570   1.00 13.89 ? 40  GLU A CA  1 
ATOM   232  C C   . GLU A 1 40  ? 7.910   5.979   1.919   1.00 12.91 ? 40  GLU A C   1 
ATOM   233  O O   . GLU A 1 40  ? 7.176   5.452   1.085   1.00 11.01 ? 40  GLU A O   1 
ATOM   234  C CB  . GLU A 1 40  ? 9.423   7.585   0.738   1.00 17.63 ? 40  GLU A CB  1 
ATOM   235  C CG  . GLU A 1 40  ? 8.939   8.821   1.485   1.00 23.14 ? 40  GLU A CG  1 
ATOM   236  C CD  . GLU A 1 40  ? 9.028   10.085  0.650   1.00 25.63 ? 40  GLU A CD  1 
ATOM   237  O OE1 . GLU A 1 40  ? 8.343   10.167  -0.392  1.00 27.72 ? 40  GLU A OE1 1 
ATOM   238  O OE2 . GLU A 1 40  ? 9.788   10.999  1.038   1.00 29.23 ? 40  GLU A OE2 1 
ATOM   239  N N   . LEU A 1 41  ? 7.497   6.285   3.141   1.00 12.69 ? 41  LEU A N   1 
ATOM   240  C CA  . LEU A 1 41  ? 6.138   5.988   3.567   1.00 13.40 ? 41  LEU A CA  1 
ATOM   241  C C   . LEU A 1 41  ? 5.183   7.157   3.405   1.00 13.09 ? 41  LEU A C   1 
ATOM   242  O O   . LEU A 1 41  ? 5.539   8.310   3.652   1.00 15.76 ? 41  LEU A O   1 
ATOM   243  C CB  . LEU A 1 41  ? 6.134   5.549   5.030   1.00 14.61 ? 41  LEU A CB  1 
ATOM   244  C CG  . LEU A 1 41  ? 6.988   4.332   5.387   1.00 14.94 ? 41  LEU A CG  1 
ATOM   245  C CD1 . LEU A 1 41  ? 7.009   4.164   6.896   1.00 16.32 ? 41  LEU A CD1 1 
ATOM   246  C CD2 . LEU A 1 41  ? 6.442   3.086   4.703   1.00 15.92 ? 41  LEU A CD2 1 
ATOM   247  N N   . ALA A 1 42  ? 3.967   6.849   2.977   1.00 11.90 ? 42  ALA A N   1 
ATOM   248  C CA  . ALA A 1 42  ? 2.941   7.865   2.825   1.00 11.95 ? 42  ALA A CA  1 
ATOM   249  C C   . ALA A 1 42  ? 2.165   7.885   4.138   1.00 13.76 ? 42  ALA A C   1 
ATOM   250  O O   . ALA A 1 42  ? 2.007   6.853   4.789   1.00 17.25 ? 42  ALA A O   1 
ATOM   251  C CB  . ALA A 1 42  ? 2.009   7.510   1.669   1.00 11.94 ? 42  ALA A CB  1 
ATOM   252  N N   . ASP A 1 43  ? 1.705   9.062   4.540   1.00 14.04 ? 43  ASP A N   1 
ATOM   253  C CA  . ASP A 1 43  ? 0.922   9.194   5.761   1.00 13.95 ? 43  ASP A CA  1 
ATOM   254  C C   . ASP A 1 43  ? -0.463  9.624   5.303   1.00 12.80 ? 43  ASP A C   1 
ATOM   255  O O   . ASP A 1 43  ? -0.646  10.756  4.859   1.00 14.75 ? 43  ASP A O   1 
ATOM   256  C CB  . ASP A 1 43  ? 1.515   10.269  6.676   1.00 15.39 ? 43  ASP A CB  1 
ATOM   257  C CG  . ASP A 1 43  ? 0.841   10.312  8.039   1.00 17.34 ? 43  ASP A CG  1 
ATOM   258  O OD1 . ASP A 1 43  ? -0.347  9.942   8.129   1.00 16.24 ? 43  ASP A OD1 1 
ATOM   259  O OD2 . ASP A 1 43  ? 1.495   10.723  9.021   1.00 20.85 ? 43  ASP A OD2 1 
ATOM   260  N N   . ILE A 1 44  ? -1.437  8.725   5.398   1.00 11.29 ? 44  ILE A N   1 
ATOM   261  C CA  . ILE A 1 44  ? -2.789  9.053   4.961   1.00 10.57 ? 44  ILE A CA  1 
ATOM   262  C C   . ILE A 1 44  ? -3.732  9.363   6.117   1.00 10.91 ? 44  ILE A C   1 
ATOM   263  O O   . ILE A 1 44  ? -4.925  9.566   5.905   1.00 10.30 ? 44  ILE A O   1 
ATOM   264  C CB  . ILE A 1 44  ? -3.411  7.897   4.125   1.00 11.38 ? 44  ILE A CB  1 
ATOM   265  C CG1 . ILE A 1 44  ? -3.565  6.641   4.987   1.00 11.87 ? 44  ILE A CG1 1 
ATOM   266  C CG2 . ILE A 1 44  ? -2.542  7.608   2.907   1.00 12.26 ? 44  ILE A CG2 1 
ATOM   267  C CD1 . ILE A 1 44  ? -4.383  5.543   4.325   1.00 13.33 ? 44  ILE A CD1 1 
ATOM   268  N N   . SER A 1 45  ? -3.193  9.426   7.331   1.00 9.79  ? 45  SER A N   1 
ATOM   269  C CA  . SER A 1 45  ? -4.015  9.684   8.514   1.00 11.81 ? 45  SER A CA  1 
ATOM   270  C C   . SER A 1 45  ? -4.749  11.026  8.520   1.00 11.89 ? 45  SER A C   1 
ATOM   271  O O   . SER A 1 45  ? -5.763  11.173  9.206   1.00 13.18 ? 45  SER A O   1 
ATOM   272  C CB  . SER A 1 45  ? -3.170  9.565   9.787   1.00 13.58 ? 45  SER A CB  1 
ATOM   273  O OG  . SER A 1 45  ? -2.229  10.616  9.885   1.00 15.43 ? 45  SER A OG  1 
ATOM   274  N N   . GLY A 1 46  ? -4.246  11.998  7.765   1.00 11.14 ? 46  GLY A N   1 
ATOM   275  C CA  . GLY A 1 46  ? -4.887  13.304  7.722   1.00 11.43 ? 46  GLY A CA  1 
ATOM   276  C C   . GLY A 1 46  ? -5.911  13.471  6.611   1.00 10.27 ? 46  GLY A C   1 
ATOM   277  O O   . GLY A 1 46  ? -6.547  14.519  6.496   1.00 11.22 ? 46  GLY A O   1 
ATOM   278  N N   . ILE A 1 47  ? -6.070  12.444  5.784   1.00 9.52  ? 47  ILE A N   1 
ATOM   279  C CA  . ILE A 1 47  ? -7.024  12.490  4.684   1.00 8.86  ? 47  ILE A CA  1 
ATOM   280  C C   . ILE A 1 47  ? -8.442  12.293  5.222   1.00 8.82  ? 47  ILE A C   1 
ATOM   281  O O   . ILE A 1 47  ? -8.741  11.289  5.866   1.00 9.26  ? 47  ILE A O   1 
ATOM   282  C CB  . ILE A 1 47  ? -6.688  11.409  3.637   1.00 8.68  ? 47  ILE A CB  1 
ATOM   283  C CG1 . ILE A 1 47  ? -5.340  11.740  2.986   1.00 8.03  ? 47  ILE A CG1 1 
ATOM   284  C CG2 . ILE A 1 47  ? -7.795  11.317  2.603   1.00 6.69  ? 47  ILE A CG2 1 
ATOM   285  C CD1 . ILE A 1 47  ? -4.886  10.747  1.938   1.00 9.22  ? 47  ILE A CD1 1 
ATOM   286  N N   . PRO A 1 48  ? -9.336  13.259  4.965   1.00 7.87  ? 48  PRO A N   1 
ATOM   287  C CA  . PRO A 1 48  ? -10.718 13.165  5.444   1.00 8.60  ? 48  PRO A CA  1 
ATOM   288  C C   . PRO A 1 48  ? -11.566 12.242  4.583   1.00 7.88  ? 48  PRO A C   1 
ATOM   289  O O   . PRO A 1 48  ? -11.142 11.816  3.509   1.00 7.55  ? 48  PRO A O   1 
ATOM   290  C CB  . PRO A 1 48  ? -11.195 14.607  5.360   1.00 8.92  ? 48  PRO A CB  1 
ATOM   291  C CG  . PRO A 1 48  ? -10.547 15.063  4.077   1.00 9.09  ? 48  PRO A CG  1 
ATOM   292  C CD  . PRO A 1 48  ? -9.134  14.498  4.189   1.00 8.77  ? 48  PRO A CD  1 
ATOM   293  N N   . LEU A 1 49  ? -12.760 11.919  5.058   1.00 8.47  ? 49  LEU A N   1 
ATOM   294  C CA  . LEU A 1 49  ? -13.640 11.080  4.269   1.00 9.63  ? 49  LEU A CA  1 
ATOM   295  C C   . LEU A 1 49  ? -14.001 11.895  3.033   1.00 9.15  ? 49  LEU A C   1 
ATOM   296  O O   . LEU A 1 49  ? -14.191 13.112  3.104   1.00 11.99 ? 49  LEU A O   1 
ATOM   297  C CB  . LEU A 1 49  ? -14.882 10.692  5.075   1.00 14.73 ? 49  LEU A CB  1 
ATOM   298  C CG  . LEU A 1 49  ? -14.605 9.545   6.057   1.00 17.37 ? 49  LEU A CG  1 
ATOM   299  C CD1 . LEU A 1 49  ? -15.768 9.374   7.008   1.00 19.23 ? 49  LEU A CD1 1 
ATOM   300  C CD2 . LEU A 1 49  ? -14.348 8.259   5.281   1.00 17.16 ? 49  LEU A CD2 1 
ATOM   301  N N   . TYR A 1 50  ? -14.076 11.220  1.896   1.00 7.27  ? 50  TYR A N   1 
ATOM   302  C CA  . TYR A 1 50  ? -14.367 11.884  0.638   1.00 6.96  ? 50  TYR A CA  1 
ATOM   303  C C   . TYR A 1 50  ? -15.743 12.523  0.549   1.00 6.90  ? 50  TYR A C   1 
ATOM   304  O O   . TYR A 1 50  ? -16.742 11.952  0.982   1.00 7.51  ? 50  TYR A O   1 
ATOM   305  C CB  . TYR A 1 50  ? -14.209 10.906  -0.530  1.00 8.07  ? 50  TYR A CB  1 
ATOM   306  C CG  . TYR A 1 50  ? -14.389 11.578  -1.866  1.00 7.72  ? 50  TYR A CG  1 
ATOM   307  C CD1 . TYR A 1 50  ? -13.401 12.414  -2.379  1.00 8.89  ? 50  TYR A CD1 1 
ATOM   308  C CD2 . TYR A 1 50  ? -15.572 11.443  -2.586  1.00 9.33  ? 50  TYR A CD2 1 
ATOM   309  C CE1 . TYR A 1 50  ? -13.586 13.103  -3.569  1.00 11.24 ? 50  TYR A CE1 1 
ATOM   310  C CE2 . TYR A 1 50  ? -15.765 12.131  -3.783  1.00 11.33 ? 50  TYR A CE2 1 
ATOM   311  C CZ  . TYR A 1 50  ? -14.770 12.960  -4.264  1.00 11.43 ? 50  TYR A CZ  1 
ATOM   312  O OH  . TYR A 1 50  ? -14.961 13.662  -5.435  1.00 15.86 ? 50  TYR A OH  1 
ATOM   313  N N   . ASN A 1 51  ? -15.776 13.719  -0.029  1.00 7.15  ? 51  ASN A N   1 
ATOM   314  C CA  . ASN A 1 51  ? -17.013 14.458  -0.249  1.00 6.97  ? 51  ASN A CA  1 
ATOM   315  C C   . ASN A 1 51  ? -16.750 15.328  -1.469  1.00 8.06  ? 51  ASN A C   1 
ATOM   316  O O   . ASN A 1 51  ? -15.868 16.188  -1.449  1.00 7.65  ? 51  ASN A O   1 
ATOM   317  C CB  . ASN A 1 51  ? -17.365 15.345  0.948   1.00 8.16  ? 51  ASN A CB  1 
ATOM   318  C CG  . ASN A 1 51  ? -18.735 15.996  0.807   1.00 8.37  ? 51  ASN A CG  1 
ATOM   319  O OD1 . ASN A 1 51  ? -19.228 16.206  -0.301  1.00 9.31  ? 51  ASN A OD1 1 
ATOM   320  N ND2 . ASN A 1 51  ? -19.350 16.328  1.938   1.00 10.04 ? 51  ASN A ND2 1 
ATOM   321  N N   . GLU A 1 52  ? -17.501 15.084  -2.533  1.00 7.83  ? 52  GLU A N   1 
ATOM   322  C CA  . GLU A 1 52  ? -17.353 15.842  -3.769  1.00 8.67  ? 52  GLU A CA  1 
ATOM   323  C C   . GLU A 1 52  ? -17.462 17.346  -3.528  1.00 9.23  ? 52  GLU A C   1 
ATOM   324  O O   . GLU A 1 52  ? -16.778 18.134  -4.183  1.00 9.00  ? 52  GLU A O   1 
ATOM   325  C CB  . GLU A 1 52  ? -18.422 15.401  -4.770  1.00 9.60  ? 52  GLU A CB  1 
ATOM   326  C CG  . GLU A 1 52  ? -18.360 16.078  -6.129  1.00 15.29 ? 52  GLU A CG  1 
ATOM   327  C CD  . GLU A 1 52  ? -17.155 15.657  -6.937  1.00 18.60 ? 52  GLU A CD  1 
ATOM   328  O OE1 . GLU A 1 52  ? -16.858 14.445  -6.967  1.00 22.08 ? 52  GLU A OE1 1 
ATOM   329  O OE2 . GLU A 1 52  ? -16.514 16.534  -7.553  1.00 22.38 ? 52  GLU A OE2 1 
ATOM   330  N N   . ASP A 1 53  ? -18.320 17.746  -2.592  1.00 8.54  ? 53  ASP A N   1 
ATOM   331  C CA  . ASP A 1 53  ? -18.501 19.168  -2.303  1.00 9.42  ? 53  ASP A CA  1 
ATOM   332  C C   . ASP A 1 53  ? -17.240 19.806  -1.737  1.00 9.48  ? 53  ASP A C   1 
ATOM   333  O O   . ASP A 1 53  ? -17.000 20.997  -1.930  1.00 11.09 ? 53  ASP A O   1 
ATOM   334  C CB  . ASP A 1 53  ? -19.669 19.382  -1.336  1.00 10.88 ? 53  ASP A CB  1 
ATOM   335  C CG  . ASP A 1 53  ? -20.990 18.900  -1.903  1.00 10.74 ? 53  ASP A CG  1 
ATOM   336  O OD1 . ASP A 1 53  ? -21.132 18.856  -3.144  1.00 12.61 ? 53  ASP A OD1 1 
ATOM   337  O OD2 . ASP A 1 53  ? -21.893 18.581  -1.102  1.00 11.71 ? 53  ASP A OD2 1 
ATOM   338  N N   . VAL A 1 54  ? -16.435 19.016  -1.033  1.00 9.06  ? 54  VAL A N   1 
ATOM   339  C CA  . VAL A 1 54  ? -15.187 19.516  -0.474  1.00 9.42  ? 54  VAL A CA  1 
ATOM   340  C C   . VAL A 1 54  ? -14.143 19.539  -1.593  1.00 9.83  ? 54  VAL A C   1 
ATOM   341  O O   . VAL A 1 54  ? -13.416 20.517  -1.761  1.00 9.70  ? 54  VAL A O   1 
ATOM   342  C CB  . VAL A 1 54  ? -14.704 18.620  0.689   1.00 9.54  ? 54  VAL A CB  1 
ATOM   343  C CG1 . VAL A 1 54  ? -13.319 19.046  1.150   1.00 10.73 ? 54  VAL A CG1 1 
ATOM   344  C CG2 . VAL A 1 54  ? -15.691 18.711  1.847   1.00 9.98  ? 54  VAL A CG2 1 
ATOM   345  N N   . TYR A 1 55  ? -14.084 18.456  -2.364  1.00 8.80  ? 55  TYR A N   1 
ATOM   346  C CA  . TYR A 1 55  ? -13.154 18.349  -3.482  1.00 8.97  ? 55  TYR A CA  1 
ATOM   347  C C   . TYR A 1 55  ? -13.329 19.513  -4.458  1.00 9.31  ? 55  TYR A C   1 
ATOM   348  O O   . TYR A 1 55  ? -12.350 20.048  -4.980  1.00 9.99  ? 55  TYR A O   1 
ATOM   349  C CB  . TYR A 1 55  ? -13.378 17.024  -4.220  1.00 8.14  ? 55  TYR A CB  1 
ATOM   350  C CG  . TYR A 1 55  ? -12.816 16.992  -5.626  1.00 9.21  ? 55  TYR A CG  1 
ATOM   351  C CD1 . TYR A 1 55  ? -11.441 16.939  -5.853  1.00 7.89  ? 55  TYR A CD1 1 
ATOM   352  C CD2 . TYR A 1 55  ? -13.660 17.038  -6.730  1.00 9.00  ? 55  TYR A CD2 1 
ATOM   353  C CE1 . TYR A 1 55  ? -10.922 16.934  -7.152  1.00 8.77  ? 55  TYR A CE1 1 
ATOM   354  C CE2 . TYR A 1 55  ? -13.154 17.033  -8.028  1.00 9.88  ? 55  TYR A CE2 1 
ATOM   355  C CZ  . TYR A 1 55  ? -11.787 16.980  -8.232  1.00 8.75  ? 55  TYR A CZ  1 
ATOM   356  O OH  . TYR A 1 55  ? -11.296 16.966  -9.518  1.00 10.36 ? 55  TYR A OH  1 
ATOM   357  N N   . ALA A 1 56  ? -14.577 19.898  -4.699  1.00 9.81  ? 56  ALA A N   1 
ATOM   358  C CA  . ALA A 1 56  ? -14.879 20.985  -5.626  1.00 10.68 ? 56  ALA A CA  1 
ATOM   359  C C   . ALA A 1 56  ? -14.202 22.302  -5.258  1.00 12.24 ? 56  ALA A C   1 
ATOM   360  O O   . ALA A 1 56  ? -13.966 23.147  -6.125  1.00 13.84 ? 56  ALA A O   1 
ATOM   361  C CB  . ALA A 1 56  ? -16.385 21.186  -5.711  1.00 11.04 ? 56  ALA A CB  1 
ATOM   362  N N   . LEU A 1 57  ? -13.892 22.476  -3.978  1.00 12.27 ? 57  LEU A N   1 
ATOM   363  C CA  . LEU A 1 57  ? -13.250 23.698  -3.506  1.00 13.98 ? 57  LEU A CA  1 
ATOM   364  C C   . LEU A 1 57  ? -11.730 23.571  -3.470  1.00 14.13 ? 57  LEU A C   1 
ATOM   365  O O   . LEU A 1 57  ? -11.021 24.545  -3.205  1.00 15.32 ? 57  LEU A O   1 
ATOM   366  C CB  . LEU A 1 57  ? -13.776 24.056  -2.115  1.00 16.12 ? 57  LEU A CB  1 
ATOM   367  C CG  . LEU A 1 57  ? -15.286 24.286  -2.014  1.00 18.55 ? 57  LEU A CG  1 
ATOM   368  C CD1 . LEU A 1 57  ? -15.675 24.484  -0.559  1.00 19.68 ? 57  LEU A CD1 1 
ATOM   369  C CD2 . LEU A 1 57  ? -15.686 25.497  -2.846  1.00 19.84 ? 57  LEU A CD2 1 
ATOM   370  N N   . GLY A 1 58  ? -11.232 22.369  -3.741  1.00 12.73 ? 58  GLY A N   1 
ATOM   371  C CA  . GLY A 1 58  ? -9.799  22.143  -3.735  1.00 12.64 ? 58  GLY A CA  1 
ATOM   372  C C   . GLY A 1 58  ? -9.426  20.927  -2.910  1.00 11.20 ? 58  GLY A C   1 
ATOM   373  O O   . GLY A 1 58  ? -10.222 20.442  -2.110  1.00 13.76 ? 58  GLY A O   1 
ATOM   374  N N   . PHE A 1 59  ? -8.212  20.429  -3.111  1.00 11.07 ? 59  PHE A N   1 
ATOM   375  C CA  . PHE A 1 59  ? -7.725  19.266  -2.380  1.00 11.39 ? 59  PHE A CA  1 
ATOM   376  C C   . PHE A 1 59  ? -7.303  19.603  -0.960  1.00 12.55 ? 59  PHE A C   1 
ATOM   377  O O   . PHE A 1 59  ? -6.603  20.591  -0.733  1.00 13.23 ? 59  PHE A O   1 
ATOM   378  C CB  . PHE A 1 59  ? -6.509  18.666  -3.089  1.00 10.38 ? 59  PHE A CB  1 
ATOM   379  C CG  . PHE A 1 59  ? -6.843  17.900  -4.329  1.00 9.44  ? 59  PHE A CG  1 
ATOM   380  C CD1 . PHE A 1 59  ? -7.526  16.690  -4.251  1.00 9.09  ? 59  PHE A CD1 1 
ATOM   381  C CD2 . PHE A 1 59  ? -6.465  18.382  -5.580  1.00 10.30 ? 59  PHE A CD2 1 
ATOM   382  C CE1 . PHE A 1 59  ? -7.829  15.965  -5.405  1.00 9.22  ? 59  PHE A CE1 1 
ATOM   383  C CE2 . PHE A 1 59  ? -6.762  17.666  -6.738  1.00 10.51 ? 59  PHE A CE2 1 
ATOM   384  C CZ  . PHE A 1 59  ? -7.446  16.454  -6.651  1.00 8.61  ? 59  PHE A CZ  1 
ATOM   385  N N   . PRO A 1 60  ? -7.734  18.795  0.022   1.00 12.38 ? 60  PRO A N   1 
ATOM   386  C CA  . PRO A 1 60  ? -7.327  19.079  1.401   1.00 12.37 ? 60  PRO A CA  1 
ATOM   387  C C   . PRO A 1 60  ? -5.801  18.936  1.414   1.00 12.67 ? 60  PRO A C   1 
ATOM   388  O O   . PRO A 1 60  ? -5.248  18.144  0.650   1.00 10.93 ? 60  PRO A O   1 
ATOM   389  C CB  . PRO A 1 60  ? -8.018  17.973  2.194   1.00 13.76 ? 60  PRO A CB  1 
ATOM   390  C CG  . PRO A 1 60  ? -9.275  17.742  1.414   1.00 13.77 ? 60  PRO A CG  1 
ATOM   391  C CD  . PRO A 1 60  ? -8.774  17.752  -0.018  1.00 12.22 ? 60  PRO A CD  1 
ATOM   392  N N   . PRO A 1 61  ? -5.103  19.699  2.266   1.00 12.64 ? 61  PRO A N   1 
ATOM   393  C CA  . PRO A 1 61  ? -3.639  19.615  2.325   1.00 13.09 ? 61  PRO A CA  1 
ATOM   394  C C   . PRO A 1 61  ? -3.053  18.200  2.387   1.00 12.27 ? 61  PRO A C   1 
ATOM   395  O O   . PRO A 1 61  ? -2.061  17.907  1.718   1.00 11.88 ? 61  PRO A O   1 
ATOM   396  C CB  . PRO A 1 61  ? -3.301  20.440  3.562   1.00 14.54 ? 61  PRO A CB  1 
ATOM   397  C CG  . PRO A 1 61  ? -4.347  21.509  3.522   1.00 16.04 ? 61  PRO A CG  1 
ATOM   398  C CD  . PRO A 1 61  ? -5.604  20.721  3.203   1.00 14.71 ? 61  PRO A CD  1 
ATOM   399  N N   . ALA A 1 62  ? -3.658  17.325  3.184   1.00 11.76 ? 62  ALA A N   1 
ATOM   400  C CA  . ALA A 1 62  ? -3.162  15.959  3.314   1.00 10.24 ? 62  ALA A CA  1 
ATOM   401  C C   . ALA A 1 62  ? -3.253  15.190  2.001   1.00 9.31  ? 62  ALA A C   1 
ATOM   402  O O   . ALA A 1 62  ? -2.401  14.353  1.704   1.00 9.72  ? 62  ALA A O   1 
ATOM   403  C CB  . ALA A 1 62  ? -3.935  15.224  4.405   1.00 12.00 ? 62  ALA A CB  1 
ATOM   404  N N   . VAL A 1 63  ? -4.290  15.471  1.217   1.00 9.20  ? 63  VAL A N   1 
ATOM   405  C CA  . VAL A 1 63  ? -4.471  14.797  -0.061  1.00 8.76  ? 63  VAL A CA  1 
ATOM   406  C C   . VAL A 1 63  ? -3.459  15.334  -1.067  1.00 8.66  ? 63  VAL A C   1 
ATOM   407  O O   . VAL A 1 63  ? -2.890  14.573  -1.848  1.00 9.26  ? 63  VAL A O   1 
ATOM   408  C CB  . VAL A 1 63  ? -5.903  14.997  -0.596  1.00 8.21  ? 63  VAL A CB  1 
ATOM   409  C CG1 . VAL A 1 63  ? -6.046  14.357  -1.970  1.00 8.49  ? 63  VAL A CG1 1 
ATOM   410  C CG2 . VAL A 1 63  ? -6.901  14.379  0.373   1.00 9.09  ? 63  VAL A CG2 1 
ATOM   411  N N   . GLU A 1 64  ? -3.222  16.643  -1.038  1.00 9.98  ? 64  GLU A N   1 
ATOM   412  C CA  . GLU A 1 64  ? -2.253  17.243  -1.946  1.00 10.46 ? 64  GLU A CA  1 
ATOM   413  C C   . GLU A 1 64  ? -0.873  16.639  -1.679  1.00 10.04 ? 64  GLU A C   1 
ATOM   414  O O   . GLU A 1 64  ? -0.146  16.303  -2.609  1.00 9.32  ? 64  GLU A O   1 
ATOM   415  C CB  . GLU A 1 64  ? -2.208  18.760  -1.753  1.00 12.84 ? 64  GLU A CB  1 
ATOM   416  C CG  . GLU A 1 64  ? -1.282  19.481  -2.723  1.00 17.60 ? 64  GLU A CG  1 
ATOM   417  C CD  . GLU A 1 64  ? -1.286  20.985  -2.525  1.00 21.13 ? 64  GLU A CD  1 
ATOM   418  O OE1 . GLU A 1 64  ? -2.371  21.593  -2.623  1.00 23.80 ? 64  GLU A OE1 1 
ATOM   419  O OE2 . GLU A 1 64  ? -0.204  21.558  -2.271  1.00 23.98 ? 64  GLU A OE2 1 
ATOM   420  N N   . ARG A 1 65  ? -0.522  16.491  -0.404  1.00 9.21  ? 65  ARG A N   1 
ATOM   421  C CA  . ARG A 1 65  ? 0.771   15.918  -0.036  1.00 10.25 ? 65  ARG A CA  1 
ATOM   422  C C   . ARG A 1 65  ? 0.897   14.490  -0.563  1.00 9.21  ? 65  ARG A C   1 
ATOM   423  O O   . ARG A 1 65  ? 1.937   14.099  -1.091  1.00 9.63  ? 65  ARG A O   1 
ATOM   424  C CB  . ARG A 1 65  ? 0.939   15.928  1.489   1.00 13.32 ? 65  ARG A CB  1 
ATOM   425  C CG  . ARG A 1 65  ? 2.151   15.158  2.005   1.00 20.44 ? 65  ARG A CG  1 
ATOM   426  C CD  . ARG A 1 65  ? 3.467   15.786  1.571   1.00 25.15 ? 65  ARG A CD  1 
ATOM   427  N NE  . ARG A 1 65  ? 4.608   14.976  1.989   1.00 28.88 ? 65  ARG A NE  1 
ATOM   428  C CZ  . ARG A 1 65  ? 5.879   15.307  1.783   1.00 31.05 ? 65  ARG A CZ  1 
ATOM   429  N NH1 . ARG A 1 65  ? 6.179   16.441  1.164   1.00 32.13 ? 65  ARG A NH1 1 
ATOM   430  N NH2 . ARG A 1 65  ? 6.850   14.501  2.192   1.00 32.43 ? 65  ARG A NH2 1 
ATOM   431  N N   . PHE A 1 66  ? -0.176  13.719  -0.418  1.00 8.77  ? 66  PHE A N   1 
ATOM   432  C CA  . PHE A 1 66  ? -0.204  12.334  -0.875  1.00 8.40  ? 66  PHE A CA  1 
ATOM   433  C C   . PHE A 1 66  ? -0.028  12.290  -2.397  1.00 7.42  ? 66  PHE A C   1 
ATOM   434  O O   . PHE A 1 66  ? 0.772   11.507  -2.910  1.00 8.09  ? 66  PHE A O   1 
ATOM   435  C CB  . PHE A 1 66  ? -1.528  11.701  -0.430  1.00 8.05  ? 66  PHE A CB  1 
ATOM   436  C CG  . PHE A 1 66  ? -1.668  10.235  -0.751  1.00 8.03  ? 66  PHE A CG  1 
ATOM   437  C CD1 . PHE A 1 66  ? -0.577  9.369   -0.696  1.00 7.67  ? 66  PHE A CD1 1 
ATOM   438  C CD2 . PHE A 1 66  ? -2.925  9.708   -1.046  1.00 6.89  ? 66  PHE A CD2 1 
ATOM   439  C CE1 . PHE A 1 66  ? -0.744  7.998   -0.930  1.00 8.30  ? 66  PHE A CE1 1 
ATOM   440  C CE2 . PHE A 1 66  ? -3.100  8.347   -1.279  1.00 7.58  ? 66  PHE A CE2 1 
ATOM   441  C CZ  . PHE A 1 66  ? -2.011  7.490   -1.220  1.00 8.29  ? 66  PHE A CZ  1 
ATOM   442  N N   . ARG A 1 67  ? -0.764  13.138  -3.113  1.00 7.78  ? 67  ARG A N   1 
ATOM   443  C CA  . ARG A 1 67  ? -0.653  13.199  -4.569  1.00 8.18  ? 67  ARG A CA  1 
ATOM   444  C C   . ARG A 1 67  ? 0.762   13.592  -5.001  1.00 8.27  ? 67  ARG A C   1 
ATOM   445  O O   . ARG A 1 67  ? 1.282   13.060  -5.981  1.00 8.20  ? 67  ARG A O   1 
ATOM   446  C CB  . ARG A 1 67  ? -1.679  14.186  -5.137  1.00 6.83  ? 67  ARG A CB  1 
ATOM   447  C CG  . ARG A 1 67  ? -3.093  13.613  -5.201  1.00 8.66  ? 67  ARG A CG  1 
ATOM   448  C CD  . ARG A 1 67  ? -4.144  14.691  -5.419  1.00 7.05  ? 67  ARG A CD  1 
ATOM   449  N NE  . ARG A 1 67  ? -4.048  15.395  -6.701  1.00 8.57  ? 67  ARG A NE  1 
ATOM   450  C CZ  . ARG A 1 67  ? -4.609  14.992  -7.837  1.00 7.06  ? 67  ARG A CZ  1 
ATOM   451  N NH1 . ARG A 1 67  ? -5.310  13.864  -7.888  1.00 8.69  ? 67  ARG A NH1 1 
ATOM   452  N NH2 . ARG A 1 67  ? -4.514  15.751  -8.922  1.00 8.91  ? 67  ARG A NH2 1 
ATOM   453  N N   . GLU A 1 68  ? 1.384   14.514  -4.267  1.00 8.31  ? 68  GLU A N   1 
ATOM   454  C CA  . GLU A 1 68  ? 2.745   14.943  -4.578  1.00 8.73  ? 68  GLU A CA  1 
ATOM   455  C C   . GLU A 1 68  ? 3.712   13.767  -4.433  1.00 8.66  ? 68  GLU A C   1 
ATOM   456  O O   . GLU A 1 68  ? 4.618   13.593  -5.249  1.00 9.88  ? 68  GLU A O   1 
ATOM   457  C CB  . GLU A 1 68  ? 3.176   16.085  -3.650  1.00 9.93  ? 68  GLU A CB  1 
ATOM   458  C CG  . GLU A 1 68  ? 2.577   17.442  -4.000  1.00 11.83 ? 68  GLU A CG  1 
ATOM   459  C CD  . GLU A 1 68  ? 3.104   17.990  -5.312  1.00 13.20 ? 68  GLU A CD  1 
ATOM   460  O OE1 . GLU A 1 68  ? 4.335   18.160  -5.440  1.00 14.32 ? 68  GLU A OE1 1 
ATOM   461  O OE2 . GLU A 1 68  ? 2.287   18.251  -6.215  1.00 15.56 ? 68  GLU A OE2 1 
ATOM   462  N N   . GLN A 1 69  ? 3.518   12.962  -3.391  1.00 9.22  ? 69  GLN A N   1 
ATOM   463  C CA  . GLN A 1 69  ? 4.379   11.803  -3.163  1.00 8.83  ? 69  GLN A CA  1 
ATOM   464  C C   . GLN A 1 69  ? 4.205   10.764  -4.262  1.00 8.77  ? 69  GLN A C   1 
ATOM   465  O O   . GLN A 1 69  ? 5.172   10.155  -4.710  1.00 8.84  ? 69  GLN A O   1 
ATOM   466  C CB  . GLN A 1 69  ? 4.074   11.164  -1.809  1.00 10.09 ? 69  GLN A CB  1 
ATOM   467  C CG  . GLN A 1 69  ? 4.529   11.974  -0.619  1.00 12.40 ? 69  GLN A CG  1 
ATOM   468  C CD  . GLN A 1 69  ? 4.250   11.262  0.683   1.00 14.77 ? 69  GLN A CD  1 
ATOM   469  O OE1 . GLN A 1 69  ? 3.101   10.955  1.000   1.00 16.13 ? 69  GLN A OE1 1 
ATOM   470  N NE2 . GLN A 1 69  ? 5.302   10.982  1.443   1.00 17.54 ? 69  GLN A NE2 1 
ATOM   471  N N   . ILE A 1 70  ? 2.967   10.549  -4.690  1.00 8.09  ? 70  ILE A N   1 
ATOM   472  C CA  . ILE A 1 70  ? 2.703   9.588   -5.751  1.00 8.37  ? 70  ILE A CA  1 
ATOM   473  C C   . ILE A 1 70  ? 3.380   10.059  -7.040  1.00 8.43  ? 70  ILE A C   1 
ATOM   474  O O   . ILE A 1 70  ? 4.005   9.269   -7.743  1.00 8.70  ? 70  ILE A O   1 
ATOM   475  C CB  . ILE A 1 70  ? 1.188   9.424   -5.976  1.00 9.29  ? 70  ILE A CB  1 
ATOM   476  C CG1 . ILE A 1 70  ? 0.537   8.884   -4.702  1.00 9.78  ? 70  ILE A CG1 1 
ATOM   477  C CG2 . ILE A 1 70  ? 0.932   8.472   -7.136  1.00 8.02  ? 70  ILE A CG2 1 
ATOM   478  C CD1 . ILE A 1 70  ? -0.972  8.969   -4.711  1.00 8.70  ? 70  ILE A CD1 1 
ATOM   479  N N   . ARG A 1 71  ? 3.269   11.354  -7.335  1.00 9.11  ? 71  ARG A N   1 
ATOM   480  C CA  . ARG A 1 71  ? 3.880   11.922  -8.535  1.00 9.64  ? 71  ARG A CA  1 
ATOM   481  C C   . ARG A 1 71  ? 5.393   11.714  -8.545  1.00 10.70 ? 71  ARG A C   1 
ATOM   482  O O   . ARG A 1 71  ? 5.975   11.382  -9.577  1.00 11.19 ? 71  ARG A O   1 
ATOM   483  C CB  . ARG A 1 71  ? 3.565   13.422  -8.624  1.00 10.17 ? 71  ARG A CB  1 
ATOM   484  C CG  . ARG A 1 71  ? 4.376   14.191  -9.673  1.00 11.54 ? 71  ARG A CG  1 
ATOM   485  C CD  . ARG A 1 71  ? 3.930   15.648  -9.746  1.00 11.57 ? 71  ARG A CD  1 
ATOM   486  N NE  . ARG A 1 71  ? 4.682   16.424  -10.732 1.00 12.21 ? 71  ARG A NE  1 
ATOM   487  C CZ  . ARG A 1 71  ? 5.854   17.011  -10.503 1.00 13.42 ? 71  ARG A CZ  1 
ATOM   488  N NH1 . ARG A 1 71  ? 6.428   16.920  -9.312  1.00 14.52 ? 71  ARG A NH1 1 
ATOM   489  N NH2 . ARG A 1 71  ? 6.453   17.698  -11.469 1.00 13.42 ? 71  ARG A NH2 1 
ATOM   490  N N   . ALA A 1 72  ? 6.020   11.897  -7.386  1.00 9.81  ? 72  ALA A N   1 
ATOM   491  C CA  . ALA A 1 72  ? 7.468   11.761  -7.259  1.00 10.76 ? 72  ALA A CA  1 
ATOM   492  C C   . ALA A 1 72  ? 7.984   10.324  -7.234  1.00 10.39 ? 72  ALA A C   1 
ATOM   493  O O   . ALA A 1 72  ? 9.158   10.076  -7.506  1.00 12.86 ? 72  ALA A O   1 
ATOM   494  C CB  . ALA A 1 72  ? 7.938   12.494  -6.007  1.00 11.70 ? 72  ALA A CB  1 
ATOM   495  N N   . ALA A 1 73  ? 7.113   9.377   -6.911  1.00 9.36  ? 73  ALA A N   1 
ATOM   496  C CA  . ALA A 1 73  ? 7.511   7.975   -6.825  1.00 8.90  ? 73  ALA A CA  1 
ATOM   497  C C   . ALA A 1 73  ? 7.671   7.282   -8.172  1.00 8.98  ? 73  ALA A C   1 
ATOM   498  O O   . ALA A 1 73  ? 6.966   7.592   -9.127  1.00 10.94 ? 73  ALA A O   1 
ATOM   499  C CB  . ALA A 1 73  ? 6.503   7.210   -5.973  1.00 10.35 ? 73  ALA A CB  1 
ATOM   500  N N   . ASP A 1 74  ? 8.612   6.343   -8.237  1.00 8.98  ? 74  ASP A N   1 
ATOM   501  C CA  . ASP A 1 74  ? 8.838   5.563   -9.448  1.00 9.00  ? 74  ASP A CA  1 
ATOM   502  C C   . ASP A 1 74  ? 7.953   4.319   -9.410  1.00 8.27  ? 74  ASP A C   1 
ATOM   503  O O   . ASP A 1 74  ? 7.622   3.748   -10.448 1.00 9.71  ? 74  ASP A O   1 
ATOM   504  C CB  . ASP A 1 74  ? 10.298  5.121   -9.551  1.00 11.00 ? 74  ASP A CB  1 
ATOM   505  C CG  . ASP A 1 74  ? 11.251  6.284   -9.695  1.00 11.50 ? 74  ASP A CG  1 
ATOM   506  O OD1 . ASP A 1 74  ? 11.067  7.094   -10.630 1.00 13.70 ? 74  ASP A OD1 1 
ATOM   507  O OD2 . ASP A 1 74  ? 12.185  6.386   -8.876  1.00 11.58 ? 74  ASP A OD2 1 
ATOM   508  N N   . ALA A 1 75  ? 7.582   3.899   -8.203  1.00 7.63  ? 75  ALA A N   1 
ATOM   509  C CA  . ALA A 1 75  ? 6.746   2.720   -8.025  1.00 6.81  ? 75  ALA A CA  1 
ATOM   510  C C   . ALA A 1 75  ? 5.987   2.828   -6.713  1.00 6.85  ? 75  ALA A C   1 
ATOM   511  O O   . ALA A 1 75  ? 6.352   3.619   -5.840  1.00 7.50  ? 75  ALA A O   1 
ATOM   512  C CB  . ALA A 1 75  ? 7.604   1.464   -8.032  1.00 7.64  ? 75  ALA A CB  1 
ATOM   513  N N   . LEU A 1 76  ? 4.937   2.021   -6.585  1.00 7.32  ? 76  LEU A N   1 
ATOM   514  C CA  . LEU A 1 76  ? 4.095   2.015   -5.397  1.00 6.36  ? 76  LEU A CA  1 
ATOM   515  C C   . LEU A 1 76  ? 4.091   0.648   -4.730  1.00 6.27  ? 76  LEU A C   1 
ATOM   516  O O   . LEU A 1 76  ? 4.195   -0.382  -5.395  1.00 7.55  ? 76  LEU A O   1 
ATOM   517  C CB  . LEU A 1 76  ? 2.655   2.375   -5.772  1.00 7.70  ? 76  LEU A CB  1 
ATOM   518  C CG  . LEU A 1 76  ? 2.465   3.634   -6.620  1.00 7.73  ? 76  LEU A CG  1 
ATOM   519  C CD1 . LEU A 1 76  ? 1.004   3.772   -7.019  1.00 10.82 ? 76  LEU A CD1 1 
ATOM   520  C CD2 . LEU A 1 76  ? 2.937   4.851   -5.842  1.00 10.31 ? 76  LEU A CD2 1 
ATOM   521  N N   . LEU A 1 77  ? 3.969   0.655   -3.408  1.00 6.09  ? 77  LEU A N   1 
ATOM   522  C CA  . LEU A 1 77  ? 3.897   -0.570  -2.620  1.00 5.77  ? 77  LEU A CA  1 
ATOM   523  C C   . LEU A 1 77  ? 2.707   -0.423  -1.677  1.00 6.20  ? 77  LEU A C   1 
ATOM   524  O O   . LEU A 1 77  ? 2.762   0.320   -0.698  1.00 7.42  ? 77  LEU A O   1 
ATOM   525  C CB  . LEU A 1 77  ? 5.185   -0.787  -1.814  1.00 6.69  ? 77  LEU A CB  1 
ATOM   526  C CG  . LEU A 1 77  ? 5.202   -2.010  -0.888  1.00 7.67  ? 77  LEU A CG  1 
ATOM   527  C CD1 . LEU A 1 77  ? 5.020   -3.291  -1.696  1.00 10.13 ? 77  LEU A CD1 1 
ATOM   528  C CD2 . LEU A 1 77  ? 6.524   -2.053  -0.132  1.00 9.51  ? 77  LEU A CD2 1 
ATOM   529  N N   . PHE A 1 78  ? 1.624   -1.126  -1.994  1.00 5.91  ? 78  PHE A N   1 
ATOM   530  C CA  . PHE A 1 78  ? 0.403   -1.089  -1.196  1.00 5.78  ? 78  PHE A CA  1 
ATOM   531  C C   . PHE A 1 78  ? 0.396   -2.191  -0.147  1.00 7.20  ? 78  PHE A C   1 
ATOM   532  O O   . PHE A 1 78  ? 0.696   -3.339  -0.457  1.00 7.74  ? 78  PHE A O   1 
ATOM   533  C CB  . PHE A 1 78  ? -0.829  -1.315  -2.083  1.00 6.67  ? 78  PHE A CB  1 
ATOM   534  C CG  . PHE A 1 78  ? -1.081  -0.232  -3.095  1.00 5.55  ? 78  PHE A CG  1 
ATOM   535  C CD1 . PHE A 1 78  ? -1.869  0.873   -2.774  1.00 7.06  ? 78  PHE A CD1 1 
ATOM   536  C CD2 . PHE A 1 78  ? -0.571  -0.338  -4.385  1.00 6.60  ? 78  PHE A CD2 1 
ATOM   537  C CE1 . PHE A 1 78  ? -2.149  1.857   -3.731  1.00 7.72  ? 78  PHE A CE1 1 
ATOM   538  C CE2 . PHE A 1 78  ? -0.847  0.639   -5.347  1.00 7.29  ? 78  PHE A CE2 1 
ATOM   539  C CZ  . PHE A 1 78  ? -1.638  1.737   -5.019  1.00 8.20  ? 78  PHE A CZ  1 
ATOM   540  N N   . ALA A 1 79  ? 0.053   -1.841  1.088   1.00 6.45  ? 79  ALA A N   1 
ATOM   541  C CA  . ALA A 1 79  ? -0.071  -2.824  2.165   1.00 7.07  ? 79  ALA A CA  1 
ATOM   542  C C   . ALA A 1 79  ? -1.553  -2.727  2.506   1.00 7.16  ? 79  ALA A C   1 
ATOM   543  O O   . ALA A 1 79  ? -1.981  -1.824  3.221   1.00 7.91  ? 79  ALA A O   1 
ATOM   544  C CB  . ALA A 1 79  ? 0.789   -2.439  3.364   1.00 8.08  ? 79  ALA A CB  1 
ATOM   545  N N   . THR A 1 80  ? -2.340  -3.657  1.979   1.00 8.19  ? 80  THR A N   1 
ATOM   546  C CA  . THR A 1 80  ? -3.777  -3.602  2.173   1.00 9.55  ? 80  THR A CA  1 
ATOM   547  C C   . THR A 1 80  ? -4.426  -4.488  3.215   1.00 7.96  ? 80  THR A C   1 
ATOM   548  O O   . THR A 1 80  ? -4.343  -5.713  3.152   1.00 8.39  ? 80  THR A O   1 
ATOM   549  C CB  . THR A 1 80  ? -4.511  -3.867  0.846   1.00 12.15 ? 80  THR A CB  1 
ATOM   550  O OG1 . THR A 1 80  ? -5.928  -3.769  1.054   1.00 16.47 ? 80  THR A OG1 1 
ATOM   551  C CG2 . THR A 1 80  ? -4.162  -5.253  0.318   1.00 13.30 ? 80  THR A CG2 1 
ATOM   552  N N   . PRO A 1 81  ? -5.074  -3.871  4.209   1.00 7.48  ? 81  PRO A N   1 
ATOM   553  C CA  . PRO A 1 81  ? -5.744  -4.671  5.231   1.00 7.57  ? 81  PRO A CA  1 
ATOM   554  C C   . PRO A 1 81  ? -7.019  -5.170  4.555   1.00 6.97  ? 81  PRO A C   1 
ATOM   555  O O   . PRO A 1 81  ? -7.480  -4.579  3.570   1.00 7.80  ? 81  PRO A O   1 
ATOM   556  C CB  . PRO A 1 81  ? -6.085  -3.653  6.319   1.00 7.86  ? 81  PRO A CB  1 
ATOM   557  C CG  . PRO A 1 81  ? -5.141  -2.510  6.068   1.00 8.49  ? 81  PRO A CG  1 
ATOM   558  C CD  . PRO A 1 81  ? -5.072  -2.445  4.569   1.00 6.68  ? 81  PRO A CD  1 
ATOM   559  N N   . GLU A 1 82  ? -7.585  -6.252  5.070   1.00 6.09  ? 82  GLU A N   1 
ATOM   560  C CA  . GLU A 1 82  ? -8.826  -6.767  4.523   1.00 6.14  ? 82  GLU A CA  1 
ATOM   561  C C   . GLU A 1 82  ? -9.876  -6.758  5.618   1.00 6.73  ? 82  GLU A C   1 
ATOM   562  O O   . GLU A 1 82  ? -9.669  -7.346  6.681   1.00 7.02  ? 82  GLU A O   1 
ATOM   563  C CB  . GLU A 1 82  ? -8.667  -8.200  4.007   1.00 5.95  ? 82  GLU A CB  1 
ATOM   564  C CG  . GLU A 1 82  ? -9.966  -8.770  3.445   1.00 6.68  ? 82  GLU A CG  1 
ATOM   565  C CD  . GLU A 1 82  ? -9.851  -10.222 3.039   1.00 6.42  ? 82  GLU A CD  1 
ATOM   566  O OE1 . GLU A 1 82  ? -8.906  -10.558 2.297   1.00 7.29  ? 82  GLU A OE1 1 
ATOM   567  O OE2 . GLU A 1 82  ? -10.716 -11.030 3.449   1.00 6.66  ? 82  GLU A OE2 1 
ATOM   568  N N   . TYR A 1 83  ? -10.979 -6.059  5.374   1.00 6.06  ? 83  TYR A N   1 
ATOM   569  C CA  . TYR A 1 83  ? -12.087 -6.031  6.323   1.00 6.61  ? 83  TYR A CA  1 
ATOM   570  C C   . TYR A 1 83  ? -13.320 -6.439  5.543   1.00 6.13  ? 83  TYR A C   1 
ATOM   571  O O   . TYR A 1 83  ? -13.553 -5.948  4.439   1.00 5.59  ? 83  TYR A O   1 
ATOM   572  C CB  . TYR A 1 83  ? -12.394 -4.636  6.879   1.00 8.49  ? 83  TYR A CB  1 
ATOM   573  C CG  . TYR A 1 83  ? -11.267 -3.839  7.483   1.00 6.17  ? 83  TYR A CG  1 
ATOM   574  C CD1 . TYR A 1 83  ? -10.190 -4.447  8.127   1.00 8.53  ? 83  TYR A CD1 1 
ATOM   575  C CD2 . TYR A 1 83  ? -11.318 -2.449  7.457   1.00 7.38  ? 83  TYR A CD2 1 
ATOM   576  C CE1 . TYR A 1 83  ? -9.185  -3.673  8.732   1.00 9.10  ? 83  TYR A CE1 1 
ATOM   577  C CE2 . TYR A 1 83  ? -10.336 -1.679  8.053   1.00 7.18  ? 83  TYR A CE2 1 
ATOM   578  C CZ  . TYR A 1 83  ? -9.275  -2.289  8.686   1.00 8.42  ? 83  TYR A CZ  1 
ATOM   579  O OH  . TYR A 1 83  ? -8.313  -1.497  9.274   1.00 9.98  ? 83  TYR A OH  1 
ATOM   580  N N   . ASN A 1 84  ? -14.106 -7.343  6.109   1.00 6.19  ? 84  ASN A N   1 
ATOM   581  C CA  . ASN A 1 84  ? -15.344 -7.763  5.477   1.00 5.57  ? 84  ASN A CA  1 
ATOM   582  C C   . ASN A 1 84  ? -15.204 -8.169  4.019   1.00 5.34  ? 84  ASN A C   1 
ATOM   583  O O   . ASN A 1 84  ? -15.963 -7.732  3.151   1.00 5.98  ? 84  ASN A O   1 
ATOM   584  C CB  . ASN A 1 84  ? -16.376 -6.651  5.640   1.00 7.05  ? 84  ASN A CB  1 
ATOM   585  C CG  . ASN A 1 84  ? -16.562 -6.266  7.088   1.00 7.34  ? 84  ASN A CG  1 
ATOM   586  O OD1 . ASN A 1 84  ? -16.866 -7.121  7.922   1.00 9.96  ? 84  ASN A OD1 1 
ATOM   587  N ND2 . ASN A 1 84  ? -16.364 -4.989  7.403   1.00 9.08  ? 84  ASN A ND2 1 
ATOM   588  N N   . TYR A 1 85  ? -14.208 -9.009  3.773   1.00 5.59  ? 85  TYR A N   1 
ATOM   589  C CA  . TYR A 1 85  ? -13.934 -9.571  2.456   1.00 5.15  ? 85  TYR A CA  1 
ATOM   590  C C   . TYR A 1 85  ? -13.555 -8.613  1.331   1.00 5.60  ? 85  TYR A C   1 
ATOM   591  O O   . TYR A 1 85  ? -13.683 -8.950  0.153   1.00 5.78  ? 85  TYR A O   1 
ATOM   592  C CB  . TYR A 1 85  ? -15.119 -10.446 2.021   1.00 5.75  ? 85  TYR A CB  1 
ATOM   593  C CG  . TYR A 1 85  ? -15.274 -11.736 2.812   1.00 5.05  ? 85  TYR A CG  1 
ATOM   594  C CD1 . TYR A 1 85  ? -14.448 -12.025 3.901   1.00 6.06  ? 85  TYR A CD1 1 
ATOM   595  C CD2 . TYR A 1 85  ? -16.242 -12.675 2.462   1.00 5.74  ? 85  TYR A CD2 1 
ATOM   596  C CE1 . TYR A 1 85  ? -14.580 -13.213 4.620   1.00 7.64  ? 85  TYR A CE1 1 
ATOM   597  C CE2 . TYR A 1 85  ? -16.383 -13.872 3.178   1.00 6.47  ? 85  TYR A CE2 1 
ATOM   598  C CZ  . TYR A 1 85  ? -15.544 -14.129 4.253   1.00 6.44  ? 85  TYR A CZ  1 
ATOM   599  O OH  . TYR A 1 85  ? -15.651 -15.302 4.967   1.00 9.83  ? 85  TYR A OH  1 
ATOM   600  N N   . SER A 1 86  ? -13.075 -7.428  1.681   1.00 4.67  ? 86  SER A N   1 
ATOM   601  C CA  . SER A 1 86  ? -12.647 -6.471  0.666   1.00 5.09  ? 86  SER A CA  1 
ATOM   602  C C   . SER A 1 86  ? -11.630 -5.502  1.263   1.00 5.24  ? 86  SER A C   1 
ATOM   603  O O   . SER A 1 86  ? -11.194 -5.665  2.405   1.00 6.07  ? 86  SER A O   1 
ATOM   604  C CB  . SER A 1 86  ? -13.851 -5.708  0.104   1.00 5.88  ? 86  SER A CB  1 
ATOM   605  O OG  . SER A 1 86  ? -13.464 -4.912  -1.005  1.00 6.42  ? 86  SER A OG  1 
ATOM   606  N N   . MET A 1 87  ? -11.232 -4.511  0.472   1.00 5.55  ? 87  MET A N   1 
ATOM   607  C CA  . MET A 1 87  ? -10.276 -3.500  0.918   1.00 6.61  ? 87  MET A CA  1 
ATOM   608  C C   . MET A 1 87  ? -10.790 -2.724  2.122   1.00 5.90  ? 87  MET A C   1 
ATOM   609  O O   . MET A 1 87  ? -11.988 -2.475  2.243   1.00 5.93  ? 87  MET A O   1 
ATOM   610  C CB  . MET A 1 87  ? -10.025 -2.459  -0.176  1.00 8.38  ? 87  MET A CB  1 
ATOM   611  C CG  . MET A 1 87  ? -9.342  -2.936  -1.435  1.00 10.36 ? 87  MET A CG  1 
ATOM   612  S SD  . MET A 1 87  ? -9.247  -1.557  -2.618  1.00 14.35 ? 87  MET A SD  1 
ATOM   613  C CE  . MET A 1 87  ? -10.771 -1.799  -3.530  1.00 15.08 ? 87  MET A CE  1 
ATOM   614  N N   . ALA A 1 88  ? -9.873  -2.316  2.990   1.00 6.48  ? 88  ALA A N   1 
ATOM   615  C CA  . ALA A 1 88  ? -10.241 -1.499  4.134   1.00 6.35  ? 88  ALA A CA  1 
ATOM   616  C C   . ALA A 1 88  ? -10.800 -0.199  3.561   1.00 6.19  ? 88  ALA A C   1 
ATOM   617  O O   . ALA A 1 88  ? -10.225 0.381   2.636   1.00 6.32  ? 88  ALA A O   1 
ATOM   618  C CB  . ALA A 1 88  ? -9.015  -1.205  4.990   1.00 7.81  ? 88  ALA A CB  1 
ATOM   619  N N   . GLY A 1 89  ? -11.923 0.256   4.103   1.00 6.17  ? 89  GLY A N   1 
ATOM   620  C CA  . GLY A 1 89  ? -12.519 1.489   3.626   1.00 5.97  ? 89  GLY A CA  1 
ATOM   621  C C   . GLY A 1 89  ? -11.568 2.674   3.690   1.00 5.64  ? 89  GLY A C   1 
ATOM   622  O O   . GLY A 1 89  ? -11.583 3.529   2.803   1.00 5.61  ? 89  GLY A O   1 
ATOM   623  N N   . VAL A 1 90  ? -10.745 2.741   4.735   1.00 5.93  ? 90  VAL A N   1 
ATOM   624  C CA  . VAL A 1 90  ? -9.800  3.842   4.879   1.00 6.64  ? 90  VAL A CA  1 
ATOM   625  C C   . VAL A 1 90  ? -8.843  3.901   3.694   1.00 5.54  ? 90  VAL A C   1 
ATOM   626  O O   . VAL A 1 90  ? -8.581  4.978   3.155   1.00 6.92  ? 90  VAL A O   1 
ATOM   627  C CB  . VAL A 1 90  ? -8.983  3.712   6.189   1.00 6.91  ? 90  VAL A CB  1 
ATOM   628  C CG1 . VAL A 1 90  ? -7.921  4.806   6.257   1.00 8.17  ? 90  VAL A CG1 1 
ATOM   629  C CG2 . VAL A 1 90  ? -9.917  3.807   7.392   1.00 9.40  ? 90  VAL A CG2 1 
ATOM   630  N N   . LEU A 1 91  ? -8.316  2.750   3.285   1.00 5.92  ? 91  LEU A N   1 
ATOM   631  C CA  . LEU A 1 91  ? -7.396  2.720   2.157   1.00 6.38  ? 91  LEU A CA  1 
ATOM   632  C C   . LEU A 1 91  ? -8.109  3.130   0.872   1.00 5.87  ? 91  LEU A C   1 
ATOM   633  O O   . LEU A 1 91  ? -7.596  3.936   0.095   1.00 5.98  ? 91  LEU A O   1 
ATOM   634  C CB  . LEU A 1 91  ? -6.794  1.321   1.984   1.00 6.83  ? 91  LEU A CB  1 
ATOM   635  C CG  . LEU A 1 91  ? -5.892  1.163   0.755   1.00 7.23  ? 91  LEU A CG  1 
ATOM   636  C CD1 . LEU A 1 91  ? -4.753  2.174   0.817   1.00 10.31 ? 91  LEU A CD1 1 
ATOM   637  C CD2 . LEU A 1 91  ? -5.346  -0.257  0.698   1.00 11.53 ? 91  LEU A CD2 1 
ATOM   638  N N   . LYS A 1 92  ? -9.293  2.572   0.646   1.00 6.26  ? 92  LYS A N   1 
ATOM   639  C CA  . LYS A 1 92  ? -10.049 2.897   -0.556  1.00 6.27  ? 92  LYS A CA  1 
ATOM   640  C C   . LYS A 1 92  ? -10.357 4.390   -0.598  1.00 5.92  ? 92  LYS A C   1 
ATOM   641  O O   . LYS A 1 92  ? -10.258 5.018   -1.649  1.00 6.40  ? 92  LYS A O   1 
ATOM   642  C CB  . LYS A 1 92  ? -11.345 2.082   -0.604  1.00 5.80  ? 92  LYS A CB  1 
ATOM   643  C CG  . LYS A 1 92  ? -12.195 2.312   -1.858  1.00 6.01  ? 92  LYS A CG  1 
ATOM   644  C CD  . LYS A 1 92  ? -11.405 2.103   -3.154  1.00 6.70  ? 92  LYS A CD  1 
ATOM   645  C CE  . LYS A 1 92  ? -12.331 1.955   -4.360  1.00 7.61  ? 92  LYS A CE  1 
ATOM   646  N NZ  . LYS A 1 92  ? -13.332 3.056   -4.470  1.00 5.96  ? 92  LYS A NZ  1 
ATOM   647  N N   . ASN A 1 93  ? -10.714 4.959   0.550   1.00 5.13  ? 93  ASN A N   1 
ATOM   648  C CA  . ASN A 1 93  ? -11.019 6.384   0.628   1.00 5.42  ? 93  ASN A CA  1 
ATOM   649  C C   . ASN A 1 93  ? -9.811  7.239   0.238   1.00 5.76  ? 93  ASN A C   1 
ATOM   650  O O   . ASN A 1 93  ? -9.954  8.246   -0.461  1.00 6.43  ? 93  ASN A O   1 
ATOM   651  C CB  . ASN A 1 93  ? -11.473 6.744   2.043   1.00 5.39  ? 93  ASN A CB  1 
ATOM   652  C CG  . ASN A 1 93  ? -11.844 8.206   2.179   1.00 5.82  ? 93  ASN A CG  1 
ATOM   653  O OD1 . ASN A 1 93  ? -12.868 8.651   1.657   1.00 6.75  ? 93  ASN A OD1 1 
ATOM   654  N ND2 . ASN A 1 93  ? -11.005 8.963   2.877   1.00 6.24  ? 93  ASN A ND2 1 
ATOM   655  N N   . ALA A 1 94  ? -8.624  6.844   0.689   1.00 4.97  ? 94  ALA A N   1 
ATOM   656  C CA  . ALA A 1 94  ? -7.410  7.587   0.367   1.00 5.65  ? 94  ALA A CA  1 
ATOM   657  C C   . ALA A 1 94  ? -7.163  7.532   -1.136  1.00 6.09  ? 94  ALA A C   1 
ATOM   658  O O   . ALA A 1 94  ? -6.797  8.534   -1.754  1.00 6.04  ? 94  ALA A O   1 
ATOM   659  C CB  . ALA A 1 94  ? -6.224  7.008   1.120   1.00 6.52  ? 94  ALA A CB  1 
ATOM   660  N N   . ILE A 1 95  ? -7.358  6.354   -1.720  1.00 5.47  ? 95  ILE A N   1 
ATOM   661  C CA  . ILE A 1 95  ? -7.188  6.173   -3.153  1.00 6.76  ? 95  ILE A CA  1 
ATOM   662  C C   . ILE A 1 95  ? -8.233  7.008   -3.892  1.00 5.79  ? 95  ILE A C   1 
ATOM   663  O O   . ILE A 1 95  ? -7.922  7.649   -4.901  1.00 6.91  ? 95  ILE A O   1 
ATOM   664  C CB  . ILE A 1 95  ? -7.341  4.682   -3.533  1.00 6.32  ? 95  ILE A CB  1 
ATOM   665  C CG1 . ILE A 1 95  ? -6.138  3.899   -3.002  1.00 7.86  ? 95  ILE A CG1 1 
ATOM   666  C CG2 . ILE A 1 95  ? -7.443  4.524   -5.051  1.00 8.32  ? 95  ILE A CG2 1 
ATOM   667  C CD1 . ILE A 1 95  ? -6.273  2.389   -3.124  1.00 8.84  ? 95  ILE A CD1 1 
ATOM   668  N N   . ASP A 1 96  ? -9.464  7.017   -3.385  1.00 6.73  ? 96  ASP A N   1 
ATOM   669  C CA  . ASP A 1 96  ? -10.530 7.788   -4.017  1.00 6.17  ? 96  ASP A CA  1 
ATOM   670  C C   . ASP A 1 96  ? -10.143 9.267   -4.105  1.00 7.62  ? 96  ASP A C   1 
ATOM   671  O O   . ASP A 1 96  ? -10.338 9.909   -5.137  1.00 7.70  ? 96  ASP A O   1 
ATOM   672  C CB  . ASP A 1 96  ? -11.850 7.635   -3.244  1.00 6.95  ? 96  ASP A CB  1 
ATOM   673  C CG  . ASP A 1 96  ? -12.448 6.236   -3.357  1.00 6.93  ? 96  ASP A CG  1 
ATOM   674  O OD1 . ASP A 1 96  ? -12.117 5.500   -4.313  1.00 6.57  ? 96  ASP A OD1 1 
ATOM   675  O OD2 . ASP A 1 96  ? -13.275 5.888   -2.487  1.00 6.99  ? 96  ASP A OD2 1 
ATOM   676  N N   . TRP A 1 97  ? -9.587  9.810   -3.026  1.00 6.86  ? 97  TRP A N   1 
ATOM   677  C CA  . TRP A 1 97  ? -9.174  11.209  -3.012  1.00 5.83  ? 97  TRP A CA  1 
ATOM   678  C C   . TRP A 1 97  ? -8.043  11.482  -3.993  1.00 6.31  ? 97  TRP A C   1 
ATOM   679  O O   . TRP A 1 97  ? -8.118  12.405  -4.802  1.00 6.62  ? 97  TRP A O   1 
ATOM   680  C CB  . TRP A 1 97  ? -8.705  11.617  -1.615  1.00 6.27  ? 97  TRP A CB  1 
ATOM   681  C CG  . TRP A 1 97  ? -9.738  12.311  -0.786  1.00 5.83  ? 97  TRP A CG  1 
ATOM   682  C CD1 . TRP A 1 97  ? -10.295 11.861  0.374   1.00 5.58  ? 97  TRP A CD1 1 
ATOM   683  C CD2 . TRP A 1 97  ? -10.300 13.607  -1.026  1.00 6.71  ? 97  TRP A CD2 1 
ATOM   684  N NE1 . TRP A 1 97  ? -11.167 12.800  0.876   1.00 7.77  ? 97  TRP A NE1 1 
ATOM   685  C CE2 . TRP A 1 97  ? -11.187 13.882  0.034   1.00 6.85  ? 97  TRP A CE2 1 
ATOM   686  C CE3 . TRP A 1 97  ? -10.136 14.567  -2.034  1.00 8.04  ? 97  TRP A CE3 1 
ATOM   687  C CZ2 . TRP A 1 97  ? -11.912 15.078  0.114   1.00 8.83  ? 97  TRP A CZ2 1 
ATOM   688  C CZ3 . TRP A 1 97  ? -10.857 15.755  -1.954  1.00 9.18  ? 97  TRP A CZ3 1 
ATOM   689  C CH2 . TRP A 1 97  ? -11.731 15.999  -0.887  1.00 9.19  ? 97  TRP A CH2 1 
ATOM   690  N N   . ALA A 1 98  ? -6.986  10.685  -3.909  1.00 6.57  ? 98  ALA A N   1 
ATOM   691  C CA  . ALA A 1 98  ? -5.826  10.882  -4.771  1.00 6.37  ? 98  ALA A CA  1 
ATOM   692  C C   . ALA A 1 98  ? -6.080  10.623  -6.251  1.00 7.43  ? 98  ALA A C   1 
ATOM   693  O O   . ALA A 1 98  ? -5.349  11.125  -7.104  1.00 8.11  ? 98  ALA A O   1 
ATOM   694  C CB  . ALA A 1 98  ? -4.674  10.015  -4.286  1.00 7.76  ? 98  ALA A CB  1 
ATOM   695  N N   . SER A 1 99  ? -7.125  9.858   -6.547  1.00 7.04  ? 99  SER A N   1 
ATOM   696  C CA  . SER A 1 99  ? -7.472  9.490   -7.920  1.00 7.25  ? 99  SER A CA  1 
ATOM   697  C C   . SER A 1 99  ? -8.282  10.524  -8.690  1.00 7.32  ? 99  SER A C   1 
ATOM   698  O O   . SER A 1 99  ? -8.574  10.327  -9.869  1.00 7.97  ? 99  SER A O   1 
ATOM   699  C CB  . SER A 1 99  ? -8.268  8.184   -7.916  1.00 8.67  ? 99  SER A CB  1 
ATOM   700  O OG  . SER A 1 99  ? -9.589  8.402   -7.454  1.00 12.60 ? 99  SER A OG  1 
ATOM   701  N N   . ARG A 1 100 ? -8.663  11.610  -8.031  1.00 8.05  ? 100 ARG A N   1 
ATOM   702  C CA  . ARG A 1 100 ? -9.469  12.638  -8.680  1.00 7.24  ? 100 ARG A CA  1 
ATOM   703  C C   . ARG A 1 100 ? -8.717  13.476  -9.703  1.00 7.57  ? 100 ARG A C   1 
ATOM   704  O O   . ARG A 1 100 ? -7.488  13.583  -9.668  1.00 7.75  ? 100 ARG A O   1 
ATOM   705  C CB  . ARG A 1 100 ? -10.059 13.584  -7.632  1.00 9.28  ? 100 ARG A CB  1 
ATOM   706  C CG  . ARG A 1 100 ? -11.092 12.957  -6.706  1.00 11.34 ? 100 ARG A CG  1 
ATOM   707  C CD  . ARG A 1 100 ? -12.354 12.534  -7.463  1.00 17.92 ? 100 ARG A CD  1 
ATOM   708  N NE  . ARG A 1 100 ? -12.845 13.590  -8.346  1.00 24.48 ? 100 ARG A NE  1 
ATOM   709  C CZ  . ARG A 1 100 ? -13.992 13.538  -9.017  1.00 26.19 ? 100 ARG A CZ  1 
ATOM   710  N NH1 . ARG A 1 100 ? -14.781 12.480  -8.907  1.00 30.32 ? 100 ARG A NH1 1 
ATOM   711  N NH2 . ARG A 1 100 ? -14.345 14.542  -9.808  1.00 28.71 ? 100 ARG A NH2 1 
ATOM   712  N N   . PRO A 1 101 ? -9.455  14.071  -10.651 1.00 8.24  ? 101 PRO A N   1 
ATOM   713  C CA  . PRO A 1 101 ? -8.806  14.910  -11.658 1.00 7.99  ? 101 PRO A CA  1 
ATOM   714  C C   . PRO A 1 101 ? -8.217  16.106  -10.907 1.00 8.84  ? 101 PRO A C   1 
ATOM   715  O O   . PRO A 1 101 ? -8.672  16.447  -9.812  1.00 8.42  ? 101 PRO A O   1 
ATOM   716  C CB  . PRO A 1 101 ? -9.963  15.320  -12.564 1.00 9.99  ? 101 PRO A CB  1 
ATOM   717  C CG  . PRO A 1 101 ? -10.885 14.145  -12.486 1.00 10.12 ? 101 PRO A CG  1 
ATOM   718  C CD  . PRO A 1 101 ? -10.865 13.819  -11.006 1.00 9.07  ? 101 PRO A CD  1 
ATOM   719  N N   . PRO A 1 102 ? -7.236  16.790  -11.502 1.00 7.80  ? 102 PRO A N   1 
ATOM   720  C CA  . PRO A 1 102 ? -6.633  16.544  -12.814 1.00 7.60  ? 102 PRO A CA  1 
ATOM   721  C C   . PRO A 1 102 ? -5.471  15.557  -12.817 1.00 7.95  ? 102 PRO A C   1 
ATOM   722  O O   . PRO A 1 102 ? -4.806  15.359  -11.802 1.00 7.85  ? 102 PRO A O   1 
ATOM   723  C CB  . PRO A 1 102 ? -6.183  17.936  -13.229 1.00 7.08  ? 102 PRO A CB  1 
ATOM   724  C CG  . PRO A 1 102 ? -5.670  18.480  -11.926 1.00 9.38  ? 102 PRO A CG  1 
ATOM   725  C CD  . PRO A 1 102 ? -6.745  18.059  -10.933 1.00 8.86  ? 102 PRO A CD  1 
ATOM   726  N N   . GLU A 1 103 ? -5.247  14.948  -13.980 1.00 8.49  ? 103 GLU A N   1 
ATOM   727  C CA  . GLU A 1 103 ? -4.156  14.002  -14.205 1.00 9.13  ? 103 GLU A CA  1 
ATOM   728  C C   . GLU A 1 103 ? -3.768  13.244  -12.940 1.00 8.21  ? 103 GLU A C   1 
ATOM   729  O O   . GLU A 1 103 ? -2.657  13.393  -12.432 1.00 7.96  ? 103 GLU A O   1 
ATOM   730  C CB  . GLU A 1 103 ? -2.943  14.762  -14.754 1.00 11.75 ? 103 GLU A CB  1 
ATOM   731  C CG  . GLU A 1 103 ? -3.251  15.580  -16.002 1.00 16.14 ? 103 GLU A CG  1 
ATOM   732  C CD  . GLU A 1 103 ? -3.705  14.720  -17.168 1.00 17.48 ? 103 GLU A CD  1 
ATOM   733  O OE1 . GLU A 1 103 ? -2.875  13.962  -17.710 1.00 22.44 ? 103 GLU A OE1 1 
ATOM   734  O OE2 . GLU A 1 103 ? -4.896  14.798  -17.537 1.00 21.96 ? 103 GLU A OE2 1 
ATOM   735  N N   . GLN A 1 104 ? -4.683  12.416  -12.439 1.00 7.56  ? 104 GLN A N   1 
ATOM   736  C CA  . GLN A 1 104 ? -4.413  11.672  -11.218 1.00 7.28  ? 104 GLN A CA  1 
ATOM   737  C C   . GLN A 1 104 ? -3.050  10.992  -11.356 1.00 7.60  ? 104 GLN A C   1 
ATOM   738  O O   . GLN A 1 104 ? -2.759  10.323  -12.353 1.00 7.08  ? 104 GLN A O   1 
ATOM   739  C CB  . GLN A 1 104 ? -5.562  10.701  -10.925 1.00 7.36  ? 104 GLN A CB  1 
ATOM   740  C CG  . GLN A 1 104 ? -5.808  9.616   -11.944 1.00 6.52  ? 104 GLN A CG  1 
ATOM   741  C CD  . GLN A 1 104 ? -4.976  8.393   -11.669 1.00 7.55  ? 104 GLN A CD  1 
ATOM   742  O OE1 . GLN A 1 104 ? -4.393  8.264   -10.591 1.00 7.24  ? 104 GLN A OE1 1 
ATOM   743  N NE2 . GLN A 1 104 ? -4.919  7.482   -12.631 1.00 7.94  ? 104 GLN A NE2 1 
ATOM   744  N N   . PRO A 1 105 ? -2.190  11.169  -10.341 1.00 7.75  ? 105 PRO A N   1 
ATOM   745  C CA  . PRO A 1 105 ? -0.830  10.630  -10.301 1.00 7.15  ? 105 PRO A CA  1 
ATOM   746  C C   . PRO A 1 105 ? -0.538  9.140   -10.296 1.00 7.69  ? 105 PRO A C   1 
ATOM   747  O O   . PRO A 1 105 ? 0.606   8.752   -10.519 1.00 7.43  ? 105 PRO A O   1 
ATOM   748  C CB  . PRO A 1 105 ? -0.221  11.347  -9.100  1.00 8.90  ? 105 PRO A CB  1 
ATOM   749  C CG  . PRO A 1 105 ? -1.367  11.451  -8.174  1.00 8.61  ? 105 PRO A CG  1 
ATOM   750  C CD  . PRO A 1 105 ? -2.512  11.862  -9.080  1.00 7.88  ? 105 PRO A CD  1 
ATOM   751  N N   . PHE A 1 106 ? -1.538  8.302   -10.051 1.00 7.36  ? 106 PHE A N   1 
ATOM   752  C CA  . PHE A 1 106 ? -1.302  6.859   -10.061 1.00 6.52  ? 106 PHE A CA  1 
ATOM   753  C C   . PHE A 1 106 ? -1.030  6.364   -11.478 1.00 6.96  ? 106 PHE A C   1 
ATOM   754  O O   . PHE A 1 106 ? -0.379  5.338   -11.669 1.00 7.53  ? 106 PHE A O   1 
ATOM   755  C CB  . PHE A 1 106 ? -2.525  6.095   -9.546  1.00 7.17  ? 106 PHE A CB  1 
ATOM   756  C CG  . PHE A 1 106 ? -2.792  6.250   -8.075  1.00 7.14  ? 106 PHE A CG  1 
ATOM   757  C CD1 . PHE A 1 106 ? -1.973  5.641   -7.131  1.00 8.58  ? 106 PHE A CD1 1 
ATOM   758  C CD2 . PHE A 1 106 ? -3.911  6.955   -7.634  1.00 7.89  ? 106 PHE A CD2 1 
ATOM   759  C CE1 . PHE A 1 106 ? -2.269  5.725   -5.767  1.00 9.35  ? 106 PHE A CE1 1 
ATOM   760  C CE2 . PHE A 1 106 ? -4.216  7.045   -6.276  1.00 8.45  ? 106 PHE A CE2 1 
ATOM   761  C CZ  . PHE A 1 106 ? -3.394  6.428   -5.341  1.00 8.76  ? 106 PHE A CZ  1 
ATOM   762  N N   . SER A 1 107 ? -1.538  7.098   -12.463 1.00 8.12  ? 107 SER A N   1 
ATOM   763  C CA  . SER A 1 107 ? -1.418  6.717   -13.867 1.00 8.14  ? 107 SER A CA  1 
ATOM   764  C C   . SER A 1 107 ? -0.054  6.240   -14.347 1.00 7.79  ? 107 SER A C   1 
ATOM   765  O O   . SER A 1 107 ? 0.937   6.966   -14.260 1.00 9.38  ? 107 SER A O   1 
ATOM   766  C CB  . SER A 1 107 ? -1.882  7.869   -14.759 1.00 9.40  ? 107 SER A CB  1 
ATOM   767  O OG  . SER A 1 107 ? -1.893  7.480   -16.120 1.00 15.93 ? 107 SER A OG  1 
ATOM   768  N N   . GLY A 1 108 ? -0.028  5.012   -14.861 1.00 7.83  ? 108 GLY A N   1 
ATOM   769  C CA  . GLY A 1 108 ? 1.188   4.425   -15.397 1.00 9.03  ? 108 GLY A CA  1 
ATOM   770  C C   . GLY A 1 108 ? 2.221   3.896   -14.420 1.00 8.98  ? 108 GLY A C   1 
ATOM   771  O O   . GLY A 1 108 ? 3.244   3.364   -14.837 1.00 11.19 ? 108 GLY A O   1 
ATOM   772  N N   . LYS A 1 109 ? 1.959   4.015   -13.125 1.00 8.29  ? 109 LYS A N   1 
ATOM   773  C CA  . LYS A 1 109 ? 2.916   3.561   -12.119 1.00 8.92  ? 109 LYS A CA  1 
ATOM   774  C C   . LYS A 1 109 ? 2.990   2.052   -11.917 1.00 7.70  ? 109 LYS A C   1 
ATOM   775  O O   . LYS A 1 109 ? 1.962   1.371   -11.864 1.00 7.50  ? 109 LYS A O   1 
ATOM   776  C CB  . LYS A 1 109 ? 2.584   4.166   -10.751 1.00 9.98  ? 109 LYS A CB  1 
ATOM   777  C CG  . LYS A 1 109 ? 2.512   5.679   -10.682 1.00 10.21 ? 109 LYS A CG  1 
ATOM   778  C CD  . LYS A 1 109 ? 3.881   6.330   -10.740 1.00 11.85 ? 109 LYS A CD  1 
ATOM   779  C CE  . LYS A 1 109 ? 3.741   7.832   -10.590 1.00 11.88 ? 109 LYS A CE  1 
ATOM   780  N NZ  . LYS A 1 109 ? 5.042   8.541   -10.654 1.00 11.92 ? 109 LYS A NZ  1 
ATOM   781  N N   . PRO A 1 110 ? 4.213   1.504   -11.828 1.00 7.38  ? 110 PRO A N   1 
ATOM   782  C CA  . PRO A 1 110 ? 4.340   0.063   -11.596 1.00 7.23  ? 110 PRO A CA  1 
ATOM   783  C C   . PRO A 1 110 ? 4.108   -0.072  -10.088 1.00 7.00  ? 110 PRO A C   1 
ATOM   784  O O   . PRO A 1 110 ? 4.336   0.883   -9.338  1.00 7.42  ? 110 PRO A O   1 
ATOM   785  C CB  . PRO A 1 110 ? 5.784   -0.230  -11.994 1.00 9.19  ? 110 PRO A CB  1 
ATOM   786  C CG  . PRO A 1 110 ? 6.488   1.052   -11.683 1.00 10.50 ? 110 PRO A CG  1 
ATOM   787  C CD  . PRO A 1 110 ? 5.515   2.096   -12.183 1.00 8.72  ? 110 PRO A CD  1 
ATOM   788  N N   . ALA A 1 111 ? 3.658   -1.233  -9.634  1.00 6.18  ? 111 ALA A N   1 
ATOM   789  C CA  . ALA A 1 111 ? 3.395   -1.400  -8.213  1.00 6.24  ? 111 ALA A CA  1 
ATOM   790  C C   . ALA A 1 111 ? 3.486   -2.837  -7.742  1.00 6.29  ? 111 ALA A C   1 
ATOM   791  O O   . ALA A 1 111 ? 3.533   -3.773  -8.539  1.00 7.46  ? 111 ALA A O   1 
ATOM   792  C CB  . ALA A 1 111 ? 2.007   -0.853  -7.882  1.00 7.61  ? 111 ALA A CB  1 
ATOM   793  N N   . ALA A 1 112 ? 3.521   -2.985  -6.423  1.00 6.35  ? 112 ALA A N   1 
ATOM   794  C CA  . ALA A 1 112 ? 3.525   -4.287  -5.777  1.00 5.66  ? 112 ALA A CA  1 
ATOM   795  C C   . ALA A 1 112 ? 2.471   -4.174  -4.686  1.00 6.33  ? 112 ALA A C   1 
ATOM   796  O O   . ALA A 1 112 ? 2.259   -3.093  -4.126  1.00 6.80  ? 112 ALA A O   1 
ATOM   797  C CB  . ALA A 1 112 ? 4.881   -4.595  -5.163  1.00 7.24  ? 112 ALA A CB  1 
ATOM   798  N N   . ILE A 1 113 ? 1.811   -5.289  -4.401  1.00 6.57  ? 113 ILE A N   1 
ATOM   799  C CA  . ILE A 1 113 ? 0.777   -5.352  -3.385  1.00 6.38  ? 113 ILE A CA  1 
ATOM   800  C C   . ILE A 1 113 ? 1.152   -6.430  -2.383  1.00 5.92  ? 113 ILE A C   1 
ATOM   801  O O   . ILE A 1 113 ? 1.613   -7.504  -2.769  1.00 5.89  ? 113 ILE A O   1 
ATOM   802  C CB  . ILE A 1 113 ? -0.586  -5.763  -3.996  1.00 6.97  ? 113 ILE A CB  1 
ATOM   803  C CG1 . ILE A 1 113 ? -0.994  -4.787  -5.100  1.00 6.81  ? 113 ILE A CG1 1 
ATOM   804  C CG2 . ILE A 1 113 ? -1.646  -5.836  -2.909  1.00 7.78  ? 113 ILE A CG2 1 
ATOM   805  C CD1 . ILE A 1 113 ? -2.176  -5.273  -5.932  1.00 8.78  ? 113 ILE A CD1 1 
ATOM   806  N N   . LEU A 1 114 ? 0.974   -6.134  -1.104  1.00 6.11  ? 114 LEU A N   1 
ATOM   807  C CA  . LEU A 1 114 ? 1.213   -7.117  -0.054  1.00 5.95  ? 114 LEU A CA  1 
ATOM   808  C C   . LEU A 1 114 ? 0.172   -6.844  1.022   1.00 6.69  ? 114 LEU A C   1 
ATOM   809  O O   . LEU A 1 114 ? -0.501  -5.815  0.993   1.00 6.95  ? 114 LEU A O   1 
ATOM   810  C CB  . LEU A 1 114 ? 2.643   -7.021  0.510   1.00 8.04  ? 114 LEU A CB  1 
ATOM   811  C CG  . LEU A 1 114 ? 3.159   -5.775  1.236   1.00 8.00  ? 114 LEU A CG  1 
ATOM   812  C CD1 . LEU A 1 114 ? 2.540   -5.663  2.620   1.00 10.15 ? 114 LEU A CD1 1 
ATOM   813  C CD2 . LEU A 1 114 ? 4.673   -5.872  1.359   1.00 9.49  ? 114 LEU A CD2 1 
ATOM   814  N N   . GLY A 1 115 ? 0.015   -7.773  1.956   1.00 6.73  ? 115 GLY A N   1 
ATOM   815  C CA  . GLY A 1 115 ? -0.959  -7.564  3.006   1.00 7.02  ? 115 GLY A CA  1 
ATOM   816  C C   . GLY A 1 115 ? -0.791  -8.564  4.121   1.00 7.48  ? 115 GLY A C   1 
ATOM   817  O O   . GLY A 1 115 ? -0.248  -9.649  3.919   1.00 8.76  ? 115 GLY A O   1 
ATOM   818  N N   . ALA A 1 116 ? -1.255  -8.181  5.303   1.00 7.06  ? 116 ALA A N   1 
ATOM   819  C CA  . ALA A 1 116 ? -1.184  -9.028  6.481   1.00 7.60  ? 116 ALA A CA  1 
ATOM   820  C C   . ALA A 1 116 ? -2.529  -8.997  7.189   1.00 9.27  ? 116 ALA A C   1 
ATOM   821  O O   . ALA A 1 116 ? -3.181  -7.954  7.269   1.00 9.77  ? 116 ALA A O   1 
ATOM   822  C CB  . ALA A 1 116 ? -0.087  -8.529  7.419   1.00 8.11  ? 116 ALA A CB  1 
ATOM   823  N N   . SER A 1 117 ? -2.948  -10.148 7.696   1.00 9.28  ? 117 SER A N   1 
ATOM   824  C CA  . SER A 1 117 ? -4.215  -10.253 8.406   1.00 9.72  ? 117 SER A CA  1 
ATOM   825  C C   . SER A 1 117 ? -4.111  -11.341 9.461   1.00 9.24  ? 117 SER A C   1 
ATOM   826  O O   . SER A 1 117 ? -3.287  -12.247 9.348   1.00 8.97  ? 117 SER A O   1 
ATOM   827  C CB  . SER A 1 117 ? -5.343  -10.606 7.432   1.00 10.01 ? 117 SER A CB  1 
ATOM   828  O OG  . SER A 1 117 ? -6.558  -10.863 8.121   1.00 12.75 ? 117 SER A OG  1 
ATOM   829  N N   . ALA A 1 118 ? -4.939  -11.244 10.495  1.00 10.72 ? 118 ALA A N   1 
ATOM   830  C CA  . ALA A 1 118 ? -4.950  -12.266 11.529  1.00 11.55 ? 118 ALA A CA  1 
ATOM   831  C C   . ALA A 1 118 ? -5.704  -13.450 10.930  1.00 11.81 ? 118 ALA A C   1 
ATOM   832  O O   . ALA A 1 118 ? -5.552  -14.589 11.367  1.00 14.74 ? 118 ALA A O   1 
ATOM   833  C CB  . ALA A 1 118 ? -5.674  -11.756 12.767  1.00 13.74 ? 118 ALA A CB  1 
ATOM   834  N N   . GLY A 1 119 ? -6.500  -13.157 9.904   1.00 11.20 ? 119 GLY A N   1 
ATOM   835  C CA  . GLY A 1 119 ? -7.300  -14.171 9.242   1.00 10.72 ? 119 GLY A CA  1 
ATOM   836  C C   . GLY A 1 119 ? -6.543  -15.179 8.402   1.00 9.21  ? 119 GLY A C   1 
ATOM   837  O O   . GLY A 1 119 ? -5.401  -14.961 7.996   1.00 10.75 ? 119 GLY A O   1 
ATOM   838  N N   . ARG A 1 120 ? -7.221  -16.286 8.122   1.00 9.64  ? 120 ARG A N   1 
ATOM   839  C CA  . ARG A 1 120 ? -6.679  -17.393 7.351   1.00 9.20  ? 120 ARG A CA  1 
ATOM   840  C C   . ARG A 1 120 ? -6.177  -17.052 5.948   1.00 8.68  ? 120 ARG A C   1 
ATOM   841  O O   . ARG A 1 120 ? -5.168  -17.596 5.507   1.00 8.94  ? 120 ARG A O   1 
ATOM   842  C CB  . ARG A 1 120 ? -7.738  -18.496 7.255   1.00 10.65 ? 120 ARG A CB  1 
ATOM   843  C CG  . ARG A 1 120 ? -7.333  -19.700 6.424   1.00 9.35  ? 120 ARG A CG  1 
ATOM   844  C CD  . ARG A 1 120 ? -8.499  -20.659 6.263   1.00 10.13 ? 120 ARG A CD  1 
ATOM   845  N NE  . ARG A 1 120 ? -8.148  -21.802 5.431   1.00 10.25 ? 120 ARG A NE  1 
ATOM   846  C CZ  . ARG A 1 120 ? -9.026  -22.685 4.966   1.00 10.22 ? 120 ARG A CZ  1 
ATOM   847  N NH1 . ARG A 1 120 ? -10.314 -22.555 5.252   1.00 9.31  ? 120 ARG A NH1 1 
ATOM   848  N NH2 . ARG A 1 120 ? -8.612  -23.695 4.216   1.00 11.09 ? 120 ARG A NH2 1 
ATOM   849  N N   . PHE A 1 121 ? -6.858  -16.153 5.245   1.00 7.99  ? 121 PHE A N   1 
ATOM   850  C CA  . PHE A 1 121 ? -6.437  -15.858 3.880   1.00 10.23 ? 121 PHE A CA  1 
ATOM   851  C C   . PHE A 1 121 ? -5.489  -14.684 3.653   1.00 8.65  ? 121 PHE A C   1 
ATOM   852  O O   . PHE A 1 121 ? -5.254  -14.271 2.515   1.00 8.40  ? 121 PHE A O   1 
ATOM   853  C CB  . PHE A 1 121 ? -7.667  -15.762 2.977   1.00 13.54 ? 121 PHE A CB  1 
ATOM   854  C CG  . PHE A 1 121 ? -8.439  -17.055 2.880   1.00 16.20 ? 121 PHE A CG  1 
ATOM   855  C CD1 . PHE A 1 121 ? -7.773  -18.265 2.671   1.00 18.21 ? 121 PHE A CD1 1 
ATOM   856  C CD2 . PHE A 1 121 ? -9.823  -17.067 3.006   1.00 18.37 ? 121 PHE A CD2 1 
ATOM   857  C CE1 . PHE A 1 121 ? -8.482  -19.472 2.587   1.00 19.40 ? 121 PHE A CE1 1 
ATOM   858  C CE2 . PHE A 1 121 ? -10.541 -18.266 2.923   1.00 20.27 ? 121 PHE A CE2 1 
ATOM   859  C CZ  . PHE A 1 121 ? -9.867  -19.468 2.714   1.00 17.72 ? 121 PHE A CZ  1 
ATOM   860  N N   . GLY A 1 122 ? -4.938  -14.165 4.746   1.00 8.19  ? 122 GLY A N   1 
ATOM   861  C CA  . GLY A 1 122 ? -3.958  -13.089 4.690   1.00 7.57  ? 122 GLY A CA  1 
ATOM   862  C C   . GLY A 1 122 ? -4.124  -11.943 3.712   1.00 6.58  ? 122 GLY A C   1 
ATOM   863  O O   . GLY A 1 122 ? -3.151  -11.535 3.074   1.00 7.73  ? 122 GLY A O   1 
ATOM   864  N N   . THR A 1 123 ? -5.348  -11.425 3.633   1.00 6.16  ? 123 THR A N   1 
ATOM   865  C CA  . THR A 1 123 ? -5.771  -10.302 2.779   1.00 5.69  ? 123 THR A CA  1 
ATOM   866  C C   . THR A 1 123 ? -5.999  -10.610 1.300   1.00 5.28  ? 123 THR A C   1 
ATOM   867  O O   . THR A 1 123 ? -6.220  -9.697  0.504   1.00 5.47  ? 123 THR A O   1 
ATOM   868  C CB  . THR A 1 123 ? -4.819  -9.054  2.886   1.00 5.82  ? 123 THR A CB  1 
ATOM   869  O OG1 . THR A 1 123 ? -3.607  -9.275  2.154   1.00 6.14  ? 123 THR A OG1 1 
ATOM   870  C CG2 . THR A 1 123 ? -4.495  -8.751  4.340   1.00 6.43  ? 123 THR A CG2 1 
ATOM   871  N N   . ALA A 1 124 ? -5.992  -11.887 0.932   1.00 6.06  ? 124 ALA A N   1 
ATOM   872  C CA  . ALA A 1 124 ? -6.199  -12.280 -0.460  1.00 6.18  ? 124 ALA A CA  1 
ATOM   873  C C   . ALA A 1 124 ? -7.403  -11.606 -1.126  1.00 5.45  ? 124 ALA A C   1 
ATOM   874  O O   . ALA A 1 124 ? -7.290  -11.077 -2.231  1.00 6.08  ? 124 ALA A O   1 
ATOM   875  C CB  . ALA A 1 124 ? -6.347  -13.799 -0.551  1.00 6.89  ? 124 ALA A CB  1 
ATOM   876  N N   . ARG A 1 125 ? -8.558  -11.629 -0.464  1.00 5.55  ? 125 ARG A N   1 
ATOM   877  C CA  . ARG A 1 125 ? -9.761  -11.029 -1.039  1.00 5.67  ? 125 ARG A CA  1 
ATOM   878  C C   . ARG A 1 125 ? -9.602  -9.534  -1.303  1.00 6.23  ? 125 ARG A C   1 
ATOM   879  O O   . ARG A 1 125 ? -10.021 -9.038  -2.348  1.00 6.46  ? 125 ARG A O   1 
ATOM   880  C CB  . ARG A 1 125 ? -10.967 -11.288 -0.128  1.00 6.78  ? 125 ARG A CB  1 
ATOM   881  C CG  . ARG A 1 125 ? -11.377 -12.753 -0.078  1.00 9.26  ? 125 ARG A CG  1 
ATOM   882  C CD  . ARG A 1 125 ? -12.414 -13.011 0.997   1.00 11.61 ? 125 ARG A CD  1 
ATOM   883  N NE  . ARG A 1 125 ? -11.791 -13.013 2.314   1.00 18.63 ? 125 ARG A NE  1 
ATOM   884  C CZ  . ARG A 1 125 ? -11.805 -14.044 3.153   1.00 17.07 ? 125 ARG A CZ  1 
ATOM   885  N NH1 . ARG A 1 125 ? -12.419 -15.175 2.825   1.00 18.92 ? 125 ARG A NH1 1 
ATOM   886  N NH2 . ARG A 1 125 ? -11.196 -13.944 4.324   1.00 21.09 ? 125 ARG A NH2 1 
ATOM   887  N N   . ALA A 1 126 ? -9.000  -8.818  -0.358  1.00 5.61  ? 126 ALA A N   1 
ATOM   888  C CA  . ALA A 1 126 ? -8.781  -7.387  -0.525  1.00 5.44  ? 126 ALA A CA  1 
ATOM   889  C C   . ALA A 1 126 ? -7.845  -7.123  -1.705  1.00 5.77  ? 126 ALA A C   1 
ATOM   890  O O   . ALA A 1 126 ? -8.044  -6.176  -2.465  1.00 5.12  ? 126 ALA A O   1 
ATOM   891  C CB  . ALA A 1 126 ? -8.194  -6.793  0.752   1.00 6.06  ? 126 ALA A CB  1 
ATOM   892  N N   . GLN A 1 127 ? -6.835  -7.973  -1.877  1.00 5.45  ? 127 GLN A N   1 
ATOM   893  C CA  . GLN A 1 127 ? -5.879  -7.786  -2.963  1.00 4.87  ? 127 GLN A CA  1 
ATOM   894  C C   . GLN A 1 127 ? -6.498  -7.888  -4.353  1.00 4.67  ? 127 GLN A C   1 
ATOM   895  O O   . GLN A 1 127 ? -6.197  -7.075  -5.224  1.00 4.84  ? 127 GLN A O   1 
ATOM   896  C CB  . GLN A 1 127 ? -4.713  -8.770  -2.819  1.00 5.68  ? 127 GLN A CB  1 
ATOM   897  C CG  . GLN A 1 127 ? -3.873  -8.492  -1.576  1.00 5.95  ? 127 GLN A CG  1 
ATOM   898  C CD  . GLN A 1 127 ? -2.555  -9.242  -1.551  1.00 5.56  ? 127 GLN A CD  1 
ATOM   899  O OE1 . GLN A 1 127 ? -2.024  -9.631  -2.589  1.00 6.21  ? 127 GLN A OE1 1 
ATOM   900  N NE2 . GLN A 1 127 ? -2.007  -9.427  -0.359  1.00 6.80  ? 127 GLN A NE2 1 
ATOM   901  N N   . TYR A 1 128 ? -7.368  -8.868  -4.572  1.00 5.74  ? 128 TYR A N   1 
ATOM   902  C CA  . TYR A 1 128 ? -7.969  -8.996  -5.889  1.00 5.21  ? 128 TYR A CA  1 
ATOM   903  C C   . TYR A 1 128 ? -8.964  -7.872  -6.164  1.00 4.66  ? 128 TYR A C   1 
ATOM   904  O O   . TYR A 1 128 ? -9.125  -7.464  -7.310  1.00 6.23  ? 128 TYR A O   1 
ATOM   905  C CB  . TYR A 1 128 ? -8.591  -10.388 -6.054  1.00 5.89  ? 128 TYR A CB  1 
ATOM   906  C CG  . TYR A 1 128 ? -7.541  -11.470 -5.927  1.00 4.71  ? 128 TYR A CG  1 
ATOM   907  C CD1 . TYR A 1 128 ? -6.442  -11.503 -6.784  1.00 5.75  ? 128 TYR A CD1 1 
ATOM   908  C CD2 . TYR A 1 128 ? -7.586  -12.389 -4.885  1.00 6.36  ? 128 TYR A CD2 1 
ATOM   909  C CE1 . TYR A 1 128 ? -5.401  -12.421 -6.597  1.00 6.16  ? 128 TYR A CE1 1 
ATOM   910  C CE2 . TYR A 1 128 ? -6.554  -13.306 -4.690  1.00 5.78  ? 128 TYR A CE2 1 
ATOM   911  C CZ  . TYR A 1 128 ? -5.465  -13.317 -5.543  1.00 5.94  ? 128 TYR A CZ  1 
ATOM   912  O OH  . TYR A 1 128 ? -4.439  -14.204 -5.315  1.00 7.21  ? 128 TYR A OH  1 
ATOM   913  N N   . HIS A 1 129 ? -9.617  -7.360  -5.124  1.00 6.07  ? 129 HIS A N   1 
ATOM   914  C CA  . HIS A 1 129 ? -10.530 -6.236  -5.311  1.00 5.36  ? 129 HIS A CA  1 
ATOM   915  C C   . HIS A 1 129 ? -9.679  -5.006  -5.660  1.00 5.23  ? 129 HIS A C   1 
ATOM   916  O O   . HIS A 1 129 ? -10.034 -4.233  -6.546  1.00 6.04  ? 129 HIS A O   1 
ATOM   917  C CB  . HIS A 1 129 ? -11.323 -5.964  -4.033  1.00 6.03  ? 129 HIS A CB  1 
ATOM   918  C CG  . HIS A 1 129 ? -12.617 -6.714  -3.934  1.00 5.15  ? 129 HIS A CG  1 
ATOM   919  N ND1 . HIS A 1 129 ? -12.961 -7.756  -4.770  1.00 7.53  ? 129 HIS A ND1 1 
ATOM   920  C CD2 . HIS A 1 129 ? -13.650 -6.566  -3.074  1.00 3.47  ? 129 HIS A CD2 1 
ATOM   921  C CE1 . HIS A 1 129 ? -14.152 -8.216  -4.425  1.00 5.09  ? 129 HIS A CE1 1 
ATOM   922  N NE2 . HIS A 1 129 ? -14.591 -7.510  -3.399  1.00 8.49  ? 129 HIS A NE2 1 
ATOM   923  N N   . LEU A 1 130 ? -8.562  -4.820  -4.958  1.00 4.57  ? 130 LEU A N   1 
ATOM   924  C CA  . LEU A 1 130 ? -7.682  -3.688  -5.237  1.00 5.52  ? 130 LEU A CA  1 
ATOM   925  C C   . LEU A 1 130 ? -7.171  -3.765  -6.672  1.00 5.11  ? 130 LEU A C   1 
ATOM   926  O O   . LEU A 1 130 ? -7.081  -2.747  -7.356  1.00 5.53  ? 130 LEU A O   1 
ATOM   927  C CB  . LEU A 1 130 ? -6.487  -3.669  -4.278  1.00 6.12  ? 130 LEU A CB  1 
ATOM   928  C CG  . LEU A 1 130 ? -5.402  -2.623  -4.566  1.00 7.08  ? 130 LEU A CG  1 
ATOM   929  C CD1 . LEU A 1 130 ? -5.987  -1.213  -4.493  1.00 8.53  ? 130 LEU A CD1 1 
ATOM   930  C CD2 . LEU A 1 130 ? -4.266  -2.781  -3.559  1.00 9.29  ? 130 LEU A CD2 1 
ATOM   931  N N   . ARG A 1 131 ? -6.832  -4.965  -7.133  1.00 4.78  ? 131 ARG A N   1 
ATOM   932  C CA  . ARG A 1 131 ? -6.336  -5.113  -8.494  1.00 5.81  ? 131 ARG A CA  1 
ATOM   933  C C   . ARG A 1 131 ? -7.357  -4.627  -9.525  1.00 5.17  ? 131 ARG A C   1 
ATOM   934  O O   . ARG A 1 131 ? -6.982  -4.149  -10.591 1.00 7.42  ? 131 ARG A O   1 
ATOM   935  C CB  . ARG A 1 131 ? -5.947  -6.568  -8.769  1.00 4.55  ? 131 ARG A CB  1 
ATOM   936  C CG  . ARG A 1 131 ? -4.626  -6.984  -8.121  1.00 5.14  ? 131 ARG A CG  1 
ATOM   937  C CD  . ARG A 1 131 ? -4.378  -8.474  -8.313  1.00 4.59  ? 131 ARG A CD  1 
ATOM   938  N NE  . ARG A 1 131 ? -3.137  -8.930  -7.688  1.00 5.65  ? 131 ARG A NE  1 
ATOM   939  C CZ  . ARG A 1 131 ? -1.928  -8.807  -8.233  1.00 5.45  ? 131 ARG A CZ  1 
ATOM   940  N NH1 . ARG A 1 131 ? -1.779  -8.243  -9.426  1.00 5.91  ? 131 ARG A NH1 1 
ATOM   941  N NH2 . ARG A 1 131 ? -0.859  -9.246  -7.580  1.00 6.54  ? 131 ARG A NH2 1 
ATOM   942  N N   . GLN A 1 132 ? -8.646  -4.745  -9.219  1.00 4.70  ? 132 GLN A N   1 
ATOM   943  C CA  . GLN A 1 132 ? -9.668  -4.267  -10.148 1.00 4.74  ? 132 GLN A CA  1 
ATOM   944  C C   . GLN A 1 132 ? -9.653  -2.736  -10.149 1.00 4.85  ? 132 GLN A C   1 
ATOM   945  O O   . GLN A 1 132 ? -9.739  -2.099  -11.197 1.00 6.15  ? 132 GLN A O   1 
ATOM   946  C CB  . GLN A 1 132 ? -11.041 -4.795  -9.740  1.00 4.43  ? 132 GLN A CB  1 
ATOM   947  C CG  . GLN A 1 132 ? -12.162 -4.334  -10.651 1.00 5.27  ? 132 GLN A CG  1 
ATOM   948  C CD  . GLN A 1 132 ? -13.426 -5.137  -10.447 1.00 5.98  ? 132 GLN A CD  1 
ATOM   949  O OE1 . GLN A 1 132 ? -13.418 -6.359  -10.575 1.00 6.98  ? 132 GLN A OE1 1 
ATOM   950  N NE2 . GLN A 1 132 ? -14.521 -4.457  -10.130 1.00 6.18  ? 132 GLN A NE2 1 
ATOM   951  N N   . THR A 1 133 ? -9.545  -2.153  -8.961  1.00 4.47  ? 133 THR A N   1 
ATOM   952  C CA  . THR A 1 133 ? -9.465  -0.706  -8.826  1.00 5.14  ? 133 THR A CA  1 
ATOM   953  C C   . THR A 1 133 ? -8.243  -0.163  -9.589  1.00 4.66  ? 133 THR A C   1 
ATOM   954  O O   . THR A 1 133 ? -8.319  0.883   -10.244 1.00 6.10  ? 133 THR A O   1 
ATOM   955  C CB  . THR A 1 133 ? -9.383  -0.326  -7.325  1.00 4.95  ? 133 THR A CB  1 
ATOM   956  O OG1 . THR A 1 133 ? -10.694 -0.402  -6.754  1.00 7.29  ? 133 THR A OG1 1 
ATOM   957  C CG2 . THR A 1 133 ? -8.807  1.075   -7.127  1.00 7.13  ? 133 THR A CG2 1 
ATOM   958  N N   . LEU A 1 134 ? -7.126  -0.885  -9.523  1.00 5.20  ? 134 LEU A N   1 
ATOM   959  C CA  . LEU A 1 134 ? -5.906  -0.461  -10.205 1.00 5.73  ? 134 LEU A CA  1 
ATOM   960  C C   . LEU A 1 134 ? -6.062  -0.353  -11.720 1.00 5.14  ? 134 LEU A C   1 
ATOM   961  O O   . LEU A 1 134 ? -5.334  0.409   -12.367 1.00 5.94  ? 134 LEU A O   1 
ATOM   962  C CB  . LEU A 1 134 ? -4.743  -1.401  -9.867  1.00 6.53  ? 134 LEU A CB  1 
ATOM   963  C CG  . LEU A 1 134 ? -4.313  -1.421  -8.397  1.00 6.44  ? 134 LEU A CG  1 
ATOM   964  C CD1 . LEU A 1 134 ? -3.068  -2.288  -8.256  1.00 7.91  ? 134 LEU A CD1 1 
ATOM   965  C CD2 . LEU A 1 134 ? -4.034  -0.007  -7.901  1.00 7.68  ? 134 LEU A CD2 1 
ATOM   966  N N   . VAL A 1 135 ? -7.003  -1.099  -12.291 1.00 5.28  ? 135 VAL A N   1 
ATOM   967  C CA  . VAL A 1 135 ? -7.232  -1.029  -13.730 1.00 5.56  ? 135 VAL A CA  1 
ATOM   968  C C   . VAL A 1 135 ? -7.663  0.388   -14.114 1.00 4.47  ? 135 VAL A C   1 
ATOM   969  O O   . VAL A 1 135 ? -7.115  0.986   -15.042 1.00 5.68  ? 135 VAL A O   1 
ATOM   970  C CB  . VAL A 1 135 ? -8.336  -2.011  -14.199 1.00 5.37  ? 135 VAL A CB  1 
ATOM   971  C CG1 . VAL A 1 135 ? -8.576  -1.853  -15.697 1.00 6.57  ? 135 VAL A CG1 1 
ATOM   972  C CG2 . VAL A 1 135 ? -7.929  -3.441  -13.885 1.00 6.03  ? 135 VAL A CG2 1 
ATOM   973  N N   . PHE A 1 136 ? -8.635  0.936   -13.393 1.00 5.63  ? 136 PHE A N   1 
ATOM   974  C CA  . PHE A 1 136 ? -9.107  2.275   -13.717 1.00 6.03  ? 136 PHE A CA  1 
ATOM   975  C C   . PHE A 1 136 ? -8.028  3.338   -13.511 1.00 6.23  ? 136 PHE A C   1 
ATOM   976  O O   . PHE A 1 136 ? -7.988  4.334   -14.232 1.00 6.90  ? 136 PHE A O   1 
ATOM   977  C CB  . PHE A 1 136 ? -10.346 2.630   -12.893 1.00 7.35  ? 136 PHE A CB  1 
ATOM   978  C CG  . PHE A 1 136 ? -10.979 3.931   -13.299 1.00 8.64  ? 136 PHE A CG  1 
ATOM   979  C CD1 . PHE A 1 136 ? -11.535 4.087   -14.569 1.00 9.18  ? 136 PHE A CD1 1 
ATOM   980  C CD2 . PHE A 1 136 ? -10.999 5.012   -12.423 1.00 10.53 ? 136 PHE A CD2 1 
ATOM   981  C CE1 . PHE A 1 136 ? -12.104 5.306   -14.961 1.00 11.73 ? 136 PHE A CE1 1 
ATOM   982  C CE2 . PHE A 1 136 ? -11.563 6.233   -12.805 1.00 11.55 ? 136 PHE A CE2 1 
ATOM   983  C CZ  . PHE A 1 136 ? -12.115 6.377   -14.076 1.00 12.98 ? 136 PHE A CZ  1 
ATOM   984  N N   . LEU A 1 137 ? -7.156  3.124   -12.531 1.00 5.88  ? 137 LEU A N   1 
ATOM   985  C CA  . LEU A 1 137 ? -6.078  4.067   -12.233 1.00 6.58  ? 137 LEU A CA  1 
ATOM   986  C C   . LEU A 1 137 ? -4.884  3.897   -13.168 1.00 6.14  ? 137 LEU A C   1 
ATOM   987  O O   . LEU A 1 137 ? -3.954  4.702   -13.152 1.00 6.20  ? 137 LEU A O   1 
ATOM   988  C CB  . LEU A 1 137 ? -5.606  3.862   -10.793 1.00 7.77  ? 137 LEU A CB  1 
ATOM   989  C CG  . LEU A 1 137 ? -6.659  3.957   -9.688  1.00 10.14 ? 137 LEU A CG  1 
ATOM   990  C CD1 . LEU A 1 137 ? -6.012  3.661   -8.346  1.00 11.74 ? 137 LEU A CD1 1 
ATOM   991  C CD2 . LEU A 1 137 ? -7.285  5.338   -9.689  1.00 11.91 ? 137 LEU A CD2 1 
ATOM   992  N N   . ASP A 1 138 ? -4.927  2.846   -13.978 1.00 6.05  ? 138 ASP A N   1 
ATOM   993  C CA  . ASP A 1 138 ? -3.858  2.484   -14.910 1.00 5.90  ? 138 ASP A CA  1 
ATOM   994  C C   . ASP A 1 138 ? -2.533  2.213   -14.199 1.00 5.22  ? 138 ASP A C   1 
ATOM   995  O O   . ASP A 1 138 ? -1.466  2.678   -14.620 1.00 6.41  ? 138 ASP A O   1 
ATOM   996  C CB  . ASP A 1 138 ? -3.658  3.534   -16.009 1.00 6.27  ? 138 ASP A CB  1 
ATOM   997  C CG  . ASP A 1 138 ? -2.806  3.002   -17.162 1.00 8.03  ? 138 ASP A CG  1 
ATOM   998  O OD1 . ASP A 1 138 ? -2.739  1.765   -17.330 1.00 7.80  ? 138 ASP A OD1 1 
ATOM   999  O OD2 . ASP A 1 138 ? -2.211  3.808   -17.909 1.00 10.97 ? 138 ASP A OD2 1 
ATOM   1000 N N   . VAL A 1 139 ? -2.615  1.463   -13.107 1.00 5.91  ? 139 VAL A N   1 
ATOM   1001 C CA  . VAL A 1 139 ? -1.439  1.069   -12.348 1.00 6.59  ? 139 VAL A CA  1 
ATOM   1002 C C   . VAL A 1 139 ? -1.111  -0.345  -12.821 1.00 6.03  ? 139 VAL A C   1 
ATOM   1003 O O   . VAL A 1 139 ? -2.011  -1.118  -13.161 1.00 6.81  ? 139 VAL A O   1 
ATOM   1004 C CB  . VAL A 1 139 ? -1.736  1.078   -10.833 1.00 5.65  ? 139 VAL A CB  1 
ATOM   1005 C CG1 . VAL A 1 139 ? -0.629  0.365   -10.064 1.00 6.90  ? 139 VAL A CG1 1 
ATOM   1006 C CG2 . VAL A 1 139 ? -1.863  2.519   -10.350 1.00 6.55  ? 139 VAL A CG2 1 
ATOM   1007 N N   . HIS A 1 140 ? 0.173   -0.680  -12.855 1.00 6.81  ? 140 HIS A N   1 
ATOM   1008 C CA  . HIS A 1 140 ? 0.610   -1.998  -13.308 1.00 7.29  ? 140 HIS A CA  1 
ATOM   1009 C C   . HIS A 1 140 ? 1.258   -2.777  -12.175 1.00 7.05  ? 140 HIS A C   1 
ATOM   1010 O O   . HIS A 1 140 ? 2.457   -2.654  -11.924 1.00 8.09  ? 140 HIS A O   1 
ATOM   1011 C CB  . HIS A 1 140 ? 1.599   -1.849  -14.464 1.00 10.94 ? 140 HIS A CB  1 
ATOM   1012 C CG  . HIS A 1 140 ? 1.022   -1.154  -15.656 1.00 11.96 ? 140 HIS A CG  1 
ATOM   1013 N ND1 . HIS A 1 140 ? 0.058   -1.723  -16.457 1.00 13.90 ? 140 HIS A ND1 1 
ATOM   1014 C CD2 . HIS A 1 140 ? 1.247   0.085   -16.159 1.00 13.84 ? 140 HIS A CD2 1 
ATOM   1015 C CE1 . HIS A 1 140 ? -0.290  -0.866  -17.402 1.00 13.45 ? 140 HIS A CE1 1 
ATOM   1016 N NE2 . HIS A 1 140 ? 0.416   0.238   -17.241 1.00 14.76 ? 140 HIS A NE2 1 
ATOM   1017 N N   . PRO A 1 141 ? 0.469   -3.600  -11.477 1.00 7.62  ? 141 PRO A N   1 
ATOM   1018 C CA  . PRO A 1 141 ? 0.995   -4.388  -10.363 1.00 7.71  ? 141 PRO A CA  1 
ATOM   1019 C C   . PRO A 1 141 ? 1.684   -5.685  -10.767 1.00 8.35  ? 141 PRO A C   1 
ATOM   1020 O O   . PRO A 1 141 ? 1.359   -6.290  -11.789 1.00 9.49  ? 141 PRO A O   1 
ATOM   1021 C CB  . PRO A 1 141 ? -0.252  -4.665  -9.538  1.00 8.55  ? 141 PRO A CB  1 
ATOM   1022 C CG  . PRO A 1 141 ? -1.270  -4.916  -10.622 1.00 9.18  ? 141 PRO A CG  1 
ATOM   1023 C CD  . PRO A 1 141 ? -0.990  -3.777  -11.599 1.00 8.70  ? 141 PRO A CD  1 
ATOM   1024 N N   . LEU A 1 142 ? 2.645   -6.105  -9.954  1.00 7.96  ? 142 LEU A N   1 
ATOM   1025 C CA  . LEU A 1 142 ? 3.324   -7.370  -10.190 1.00 7.66  ? 142 LEU A CA  1 
ATOM   1026 C C   . LEU A 1 142 ? 2.275   -8.453  -9.979  1.00 6.78  ? 142 LEU A C   1 
ATOM   1027 O O   . LEU A 1 142 ? 1.314   -8.259  -9.229  1.00 6.46  ? 142 LEU A O   1 
ATOM   1028 C CB  . LEU A 1 142 ? 4.424   -7.602  -9.153  1.00 9.60  ? 142 LEU A CB  1 
ATOM   1029 C CG  . LEU A 1 142 ? 5.646   -6.693  -9.078  1.00 9.53  ? 142 LEU A CG  1 
ATOM   1030 C CD1 . LEU A 1 142 ? 6.503   -7.089  -7.880  1.00 11.04 ? 142 LEU A CD1 1 
ATOM   1031 C CD2 . LEU A 1 142 ? 6.448   -6.813  -10.363 1.00 11.43 ? 142 LEU A CD2 1 
ATOM   1032 N N   . ASN A 1 143 ? 2.463   -9.588  -10.642 1.00 6.71  ? 143 ASN A N   1 
ATOM   1033 C CA  . ASN A 1 143 ? 1.576   -10.737 -10.485 1.00 6.03  ? 143 ASN A CA  1 
ATOM   1034 C C   . ASN A 1 143 ? 2.267   -11.738 -9.571  1.00 8.35  ? 143 ASN A C   1 
ATOM   1035 O O   . ASN A 1 143 ? 1.617   -12.526 -8.885  1.00 9.33  ? 143 ASN A O   1 
ATOM   1036 C CB  . ASN A 1 143 ? 1.323   -11.425 -11.823 1.00 6.48  ? 143 ASN A CB  1 
ATOM   1037 C CG  . ASN A 1 143 ? 0.524   -10.578 -12.773 1.00 6.20  ? 143 ASN A CG  1 
ATOM   1038 O OD1 . ASN A 1 143 ? 0.836   -10.503 -13.960 1.00 9.45  ? 143 ASN A OD1 1 
ATOM   1039 N ND2 . ASN A 1 143 ? -0.525  -9.945  -12.265 1.00 5.52  ? 143 ASN A ND2 1 
ATOM   1040 N N   . LYS A 1 144 ? 3.595   -11.712 -9.583  1.00 8.18  ? 144 LYS A N   1 
ATOM   1041 C CA  . LYS A 1 144 ? 4.376   -12.633 -8.776  1.00 9.71  ? 144 LYS A CA  1 
ATOM   1042 C C   . LYS A 1 144 ? 5.645   -11.983 -8.251  1.00 9.33  ? 144 LYS A C   1 
ATOM   1043 O O   . LYS A 1 144 ? 6.270   -11.175 -8.934  1.00 11.01 ? 144 LYS A O   1 
ATOM   1044 C CB  . LYS A 1 144 ? 4.720   -13.880 -9.597  1.00 13.98 ? 144 LYS A CB  1 
ATOM   1045 C CG  . LYS A 1 144 ? 3.486   -14.668 -10.037 1.00 16.41 ? 144 LYS A CG  1 
ATOM   1046 C CD  . LYS A 1 144 ? 3.831   -15.888 -10.866 1.00 18.43 ? 144 LYS A CD  1 
ATOM   1047 C CE  . LYS A 1 144 ? 2.569   -16.534 -11.426 1.00 16.08 ? 144 LYS A CE  1 
ATOM   1048 N NZ  . LYS A 1 144 ? 1.633   -17.016 -10.368 1.00 12.81 ? 144 LYS A NZ  1 
ATOM   1049 N N   . PRO A 1 145 ? 6.021   -12.304 -7.003  1.00 8.23  ? 145 PRO A N   1 
ATOM   1050 C CA  . PRO A 1 145 ? 5.277   -13.222 -6.136  1.00 7.49  ? 145 PRO A CA  1 
ATOM   1051 C C   . PRO A 1 145 ? 4.136   -12.478 -5.461  1.00 7.72  ? 145 PRO A C   1 
ATOM   1052 O O   . PRO A 1 145 ? 4.023   -11.258 -5.577  1.00 8.57  ? 145 PRO A O   1 
ATOM   1053 C CB  . PRO A 1 145 ? 6.329   -13.655 -5.123  1.00 8.69  ? 145 PRO A CB  1 
ATOM   1054 C CG  . PRO A 1 145 ? 7.100   -12.374 -4.929  1.00 9.55  ? 145 PRO A CG  1 
ATOM   1055 C CD  . PRO A 1 145 ? 7.268   -11.862 -6.351  1.00 7.91  ? 145 PRO A CD  1 
ATOM   1056 N N   . GLU A 1 146 ? 3.283   -13.221 -4.775  1.00 7.01  ? 146 GLU A N   1 
ATOM   1057 C CA  . GLU A 1 146 ? 2.201   -12.614 -4.028  1.00 6.39  ? 146 GLU A CA  1 
ATOM   1058 C C   . GLU A 1 146 ? 2.570   -12.771 -2.566  1.00 7.07  ? 146 GLU A C   1 
ATOM   1059 O O   . GLU A 1 146 ? 3.211   -13.756 -2.179  1.00 8.81  ? 146 GLU A O   1 
ATOM   1060 C CB  . GLU A 1 146 ? 0.870   -13.298 -4.329  1.00 6.83  ? 146 GLU A CB  1 
ATOM   1061 C CG  . GLU A 1 146 ? 0.250   -12.823 -5.627  1.00 8.02  ? 146 GLU A CG  1 
ATOM   1062 C CD  . GLU A 1 146 ? -0.982  -13.610 -5.993  1.00 7.73  ? 146 GLU A CD  1 
ATOM   1063 O OE1 . GLU A 1 146 ? -0.830  -14.792 -6.362  1.00 9.37  ? 146 GLU A OE1 1 
ATOM   1064 O OE2 . GLU A 1 146 ? -2.100  -13.059 -5.904  1.00 7.81  ? 146 GLU A OE2 1 
ATOM   1065 N N   . VAL A 1 147 ? 2.188   -11.784 -1.766  1.00 6.46  ? 147 VAL A N   1 
ATOM   1066 C CA  . VAL A 1 147 ? 2.489   -11.788 -0.349  1.00 7.18  ? 147 VAL A CA  1 
ATOM   1067 C C   . VAL A 1 147 ? 1.201   -11.607 0.434   1.00 6.34  ? 147 VAL A C   1 
ATOM   1068 O O   . VAL A 1 147 ? 0.615   -10.525 0.448   1.00 6.39  ? 147 VAL A O   1 
ATOM   1069 C CB  . VAL A 1 147 ? 3.483   -10.657 0.000   1.00 7.35  ? 147 VAL A CB  1 
ATOM   1070 C CG1 . VAL A 1 147 ? 3.777   -10.650 1.498   1.00 8.66  ? 147 VAL A CG1 1 
ATOM   1071 C CG2 . VAL A 1 147 ? 4.772   -10.843 -0.793  1.00 7.72  ? 147 VAL A CG2 1 
ATOM   1072 N N   . MET A 1 148 ? 0.765   -12.690 1.064   1.00 6.60  ? 148 MET A N   1 
ATOM   1073 C CA  . MET A 1 148 ? -0.444  -12.705 1.871   1.00 7.59  ? 148 MET A CA  1 
ATOM   1074 C C   . MET A 1 148 ? -0.075  -13.338 3.205   1.00 6.95  ? 148 MET A C   1 
ATOM   1075 O O   . MET A 1 148 ? -0.004  -14.561 3.336   1.00 8.84  ? 148 MET A O   1 
ATOM   1076 C CB  . MET A 1 148 ? -1.530  -13.512 1.153   1.00 9.41  ? 148 MET A CB  1 
ATOM   1077 C CG  . MET A 1 148 ? -2.048  -12.809 -0.097  1.00 13.83 ? 148 MET A CG  1 
ATOM   1078 S SD  . MET A 1 148 ? -2.949  -13.848 -1.268  1.00 16.32 ? 148 MET A SD  1 
ATOM   1079 C CE  . MET A 1 148 ? -2.875  -12.864 -2.721  1.00 12.20 ? 148 MET A CE  1 
ATOM   1080 N N   . ILE A 1 149 ? 0.184   -12.491 4.192   1.00 7.61  ? 149 ILE A N   1 
ATOM   1081 C CA  . ILE A 1 149 ? 0.571   -12.956 5.515   1.00 8.52  ? 149 ILE A CA  1 
ATOM   1082 C C   . ILE A 1 149 ? -0.660  -13.227 6.368   1.00 8.46  ? 149 ILE A C   1 
ATOM   1083 O O   . ILE A 1 149 ? -1.383  -12.305 6.744   1.00 9.53  ? 149 ILE A O   1 
ATOM   1084 C CB  . ILE A 1 149 ? 1.461   -11.908 6.213   1.00 8.66  ? 149 ILE A CB  1 
ATOM   1085 C CG1 . ILE A 1 149 ? 2.705   -11.646 5.359   1.00 10.48 ? 149 ILE A CG1 1 
ATOM   1086 C CG2 . ILE A 1 149 ? 1.852   -12.394 7.605   1.00 10.67 ? 149 ILE A CG2 1 
ATOM   1087 C CD1 . ILE A 1 149 ? 3.553   -10.488 5.838   1.00 12.80 ? 149 ILE A CD1 1 
ATOM   1088 N N   . SER A 1 150 ? -0.902  -14.502 6.656   1.00 9.45  ? 150 SER A N   1 
ATOM   1089 C CA  . SER A 1 150 ? -2.041  -14.895 7.475   1.00 9.55  ? 150 SER A CA  1 
ATOM   1090 C C   . SER A 1 150 ? -1.580  -15.117 8.914   1.00 10.17 ? 150 SER A C   1 
ATOM   1091 O O   . SER A 1 150 ? -0.379  -15.225 9.174   1.00 10.61 ? 150 SER A O   1 
ATOM   1092 C CB  . SER A 1 150 ? -2.691  -16.164 6.910   1.00 10.03 ? 150 SER A CB  1 
ATOM   1093 O OG  . SER A 1 150 ? -1.757  -17.217 6.763   1.00 10.25 ? 150 SER A OG  1 
ATOM   1094 N N   . SER A 1 151 ? -2.531  -15.178 9.843   1.00 11.53 ? 151 SER A N   1 
ATOM   1095 C CA  . SER A 1 151 ? -2.209  -15.355 11.261  1.00 13.11 ? 151 SER A CA  1 
ATOM   1096 C C   . SER A 1 151 ? -1.100  -14.374 11.635  1.00 13.27 ? 151 SER A C   1 
ATOM   1097 O O   . SER A 1 151 ? -0.150  -14.724 12.337  1.00 12.74 ? 151 SER A O   1 
ATOM   1098 C CB  . SER A 1 151 ? -1.748  -16.789 11.533  1.00 14.31 ? 151 SER A CB  1 
ATOM   1099 O OG  . SER A 1 151 ? -2.789  -17.714 11.270  1.00 15.69 ? 151 SER A OG  1 
ATOM   1100 N N   . ALA A 1 152 ? -1.240  -13.140 11.162  1.00 12.40 ? 152 ALA A N   1 
ATOM   1101 C CA  . ALA A 1 152 ? -0.255  -12.088 11.392  1.00 12.54 ? 152 ALA A CA  1 
ATOM   1102 C C   . ALA A 1 152 ? 0.109   -11.839 12.852  1.00 14.19 ? 152 ALA A C   1 
ATOM   1103 O O   . ALA A 1 152 ? 1.179   -11.301 13.135  1.00 14.88 ? 152 ALA A O   1 
ATOM   1104 C CB  . ALA A 1 152 ? -0.732  -10.787 10.748  1.00 12.46 ? 152 ALA A CB  1 
ATOM   1105 N N   . GLN A 1 153 ? -0.765  -12.219 13.779  1.00 14.95 ? 153 GLN A N   1 
ATOM   1106 C CA  . GLN A 1 153 ? -0.480  -12.008 15.195  1.00 17.56 ? 153 GLN A CA  1 
ATOM   1107 C C   . GLN A 1 153 ? 0.766   -12.778 15.629  1.00 17.90 ? 153 GLN A C   1 
ATOM   1108 O O   . GLN A 1 153 ? 1.389   -12.446 16.639  1.00 20.20 ? 153 GLN A O   1 
ATOM   1109 C CB  . GLN A 1 153 ? -1.669  -12.434 16.066  1.00 18.17 ? 153 GLN A CB  1 
ATOM   1110 C CG  . GLN A 1 153 ? -1.965  -13.921 16.040  1.00 19.48 ? 153 GLN A CG  1 
ATOM   1111 C CD  . GLN A 1 153 ? -3.005  -14.296 15.003  1.00 20.50 ? 153 GLN A CD  1 
ATOM   1112 O OE1 . GLN A 1 153 ? -2.986  -13.798 13.879  1.00 18.88 ? 153 GLN A OE1 1 
ATOM   1113 N NE2 . GLN A 1 153 ? -3.915  -15.189 15.377  1.00 22.25 ? 153 GLN A NE2 1 
ATOM   1114 N N   . ASN A 1 154 ? 1.129   -13.801 14.860  1.00 18.16 ? 154 ASN A N   1 
ATOM   1115 C CA  . ASN A 1 154 ? 2.297   -14.619 15.173  1.00 18.97 ? 154 ASN A CA  1 
ATOM   1116 C C   . ASN A 1 154 ? 3.461   -14.338 14.229  1.00 19.40 ? 154 ASN A C   1 
ATOM   1117 O O   . ASN A 1 154 ? 4.522   -14.954 14.341  1.00 18.92 ? 154 ASN A O   1 
ATOM   1118 C CB  . ASN A 1 154 ? 1.937   -16.104 15.096  1.00 21.30 ? 154 ASN A CB  1 
ATOM   1119 C CG  . ASN A 1 154 ? 0.783   -16.471 16.000  1.00 22.47 ? 154 ASN A CG  1 
ATOM   1120 O OD1 . ASN A 1 154 ? 0.812   -16.203 17.201  1.00 24.97 ? 154 ASN A OD1 1 
ATOM   1121 N ND2 . ASN A 1 154 ? -0.243  -17.093 15.429  1.00 24.57 ? 154 ASN A ND2 1 
ATOM   1122 N N   . ALA A 1 155 ? 3.260   -13.407 13.302  1.00 18.81 ? 155 ALA A N   1 
ATOM   1123 C CA  . ALA A 1 155 ? 4.291   -13.062 12.332  1.00 18.83 ? 155 ALA A CA  1 
ATOM   1124 C C   . ALA A 1 155 ? 5.235   -11.983 12.845  1.00 18.83 ? 155 ALA A C   1 
ATOM   1125 O O   . ALA A 1 155 ? 6.375   -11.886 12.392  1.00 18.73 ? 155 ALA A O   1 
ATOM   1126 C CB  . ALA A 1 155 ? 3.646   -12.611 11.028  1.00 18.76 ? 155 ALA A CB  1 
ATOM   1127 N N   . PHE A 1 156 ? 4.758   -11.170 13.785  1.00 20.13 ? 156 PHE A N   1 
ATOM   1128 C CA  . PHE A 1 156 ? 5.577   -10.102 14.345  1.00 21.93 ? 156 PHE A CA  1 
ATOM   1129 C C   . PHE A 1 156 ? 5.761   -10.229 15.853  1.00 24.03 ? 156 PHE A C   1 
ATOM   1130 O O   . PHE A 1 156 ? 4.929   -10.816 16.546  1.00 25.34 ? 156 PHE A O   1 
ATOM   1131 C CB  . PHE A 1 156 ? 4.961   -8.732  14.046  1.00 21.85 ? 156 PHE A CB  1 
ATOM   1132 C CG  . PHE A 1 156 ? 4.718   -8.474  12.585  1.00 21.14 ? 156 PHE A CG  1 
ATOM   1133 C CD1 . PHE A 1 156 ? 3.593   -8.995  11.950  1.00 21.01 ? 156 PHE A CD1 1 
ATOM   1134 C CD2 . PHE A 1 156 ? 5.600   -7.687  11.848  1.00 19.95 ? 156 PHE A CD2 1 
ATOM   1135 C CE1 . PHE A 1 156 ? 3.345   -8.734  10.599  1.00 20.19 ? 156 PHE A CE1 1 
ATOM   1136 C CE2 . PHE A 1 156 ? 5.364   -7.418  10.497  1.00 18.80 ? 156 PHE A CE2 1 
ATOM   1137 C CZ  . PHE A 1 156 ? 4.235   -7.942  9.872   1.00 19.02 ? 156 PHE A CZ  1 
ATOM   1138 N N   . ASP A 1 157 ? 6.857   -9.661  16.348  1.00 25.13 ? 157 ASP A N   1 
ATOM   1139 C CA  . ASP A 1 157 ? 7.182   -9.673  17.773  1.00 26.77 ? 157 ASP A CA  1 
ATOM   1140 C C   . ASP A 1 157 ? 6.958   -8.267  18.321  1.00 27.79 ? 157 ASP A C   1 
ATOM   1141 O O   . ASP A 1 157 ? 5.972   -7.612  17.974  1.00 28.37 ? 157 ASP A O   1 
ATOM   1142 C CB  . ASP A 1 157 ? 8.644   -10.072 17.973  1.00 27.00 ? 157 ASP A CB  1 
ATOM   1143 C CG  . ASP A 1 157 ? 9.589   -9.257  17.107  1.00 27.89 ? 157 ASP A CG  1 
ATOM   1144 O OD1 . ASP A 1 157 ? 9.558   -9.443  15.873  1.00 29.75 ? 157 ASP A OD1 1 
ATOM   1145 O OD2 . ASP A 1 157 ? 10.348  -8.429  17.654  1.00 28.09 ? 157 ASP A OD2 1 
ATOM   1146 N N   . ALA A 1 158 ? 7.872   -7.806  19.171  1.00 27.97 ? 158 ALA A N   1 
ATOM   1147 C CA  . ALA A 1 158 ? 7.774   -6.466  19.735  1.00 28.04 ? 158 ALA A CA  1 
ATOM   1148 C C   . ALA A 1 158 ? 7.889   -5.460  18.601  1.00 28.08 ? 158 ALA A C   1 
ATOM   1149 O O   . ALA A 1 158 ? 8.631   -5.675  17.642  1.00 30.04 ? 158 ALA A O   1 
ATOM   1150 C CB  . ALA A 1 158 ? 8.884   -6.242  20.751  1.00 27.96 ? 158 ALA A CB  1 
ATOM   1151 N N   . GLN A 1 159 ? 7.145   -4.367  18.710  1.00 28.57 ? 159 GLN A N   1 
ATOM   1152 C CA  . GLN A 1 159 ? 7.144   -3.322  17.686  1.00 28.45 ? 159 GLN A CA  1 
ATOM   1153 C C   . GLN A 1 159 ? 6.618   -3.860  16.355  1.00 28.86 ? 159 GLN A C   1 
ATOM   1154 O O   . GLN A 1 159 ? 5.404   -3.881  16.129  1.00 30.15 ? 159 GLN A O   1 
ATOM   1155 C CB  . GLN A 1 159 ? 8.552   -2.744  17.495  1.00 27.79 ? 159 GLN A CB  1 
ATOM   1156 C CG  . GLN A 1 159 ? 8.581   -1.488  16.626  1.00 27.51 ? 159 GLN A CG  1 
ATOM   1157 C CD  . GLN A 1 159 ? 9.975   -0.920  16.448  1.00 27.87 ? 159 GLN A CD  1 
ATOM   1158 O OE1 . GLN A 1 159 ? 10.825  -1.522  15.790  1.00 29.29 ? 159 GLN A OE1 1 
ATOM   1159 N NE2 . GLN A 1 159 ? 10.217  0.246   17.036  1.00 28.32 ? 159 GLN A NE2 1 
ATOM   1160 N N   . GLY A 1 160 ? 7.520   -4.296  15.479  1.00 29.02 ? 160 GLY A N   1 
ATOM   1161 C CA  . GLY A 1 160 ? 7.072   -4.808  14.204  1.00 28.11 ? 160 GLY A CA  1 
ATOM   1162 C C   . GLY A 1 160 ? 8.059   -5.582  13.360  1.00 27.91 ? 160 GLY A C   1 
ATOM   1163 O O   . GLY A 1 160 ? 8.025   -5.478  12.131  1.00 27.40 ? 160 GLY A O   1 
ATOM   1164 N N   . ARG A 1 161 ? 8.931   -6.372  13.982  1.00 27.10 ? 161 ARG A N   1 
ATOM   1165 C CA  . ARG A 1 161 ? 9.896   -7.166  13.211  1.00 27.35 ? 161 ARG A CA  1 
ATOM   1166 C C   . ARG A 1 161 ? 9.194   -8.410  12.664  1.00 25.44 ? 161 ARG A C   1 
ATOM   1167 O O   . ARG A 1 161 ? 8.287   -8.950  13.293  1.00 26.11 ? 161 ARG A O   1 
ATOM   1168 C CB  . ARG A 1 161 ? 11.057  -7.643  14.082  1.00 28.04 ? 161 ARG A CB  1 
ATOM   1169 C CG  . ARG A 1 161 ? 11.870  -6.566  14.764  1.00 30.57 ? 161 ARG A CG  1 
ATOM   1170 C CD  . ARG A 1 161 ? 13.064  -7.212  15.452  1.00 33.06 ? 161 ARG A CD  1 
ATOM   1171 N NE  . ARG A 1 161 ? 13.457  -6.497  16.660  1.00 35.67 ? 161 ARG A NE  1 
ATOM   1172 C CZ  . ARG A 1 161 ? 14.488  -6.832  17.428  1.00 36.71 ? 161 ARG A CZ  1 
ATOM   1173 N NH1 . ARG A 1 161 ? 15.247  -7.877  17.118  1.00 37.48 ? 161 ARG A NH1 1 
ATOM   1174 N NH2 . ARG A 1 161 ? 14.755  -6.128  18.520  1.00 37.70 ? 161 ARG A NH2 1 
ATOM   1175 N N   . LEU A 1 162 ? 9.622   -8.864  11.494  1.00 22.74 ? 162 LEU A N   1 
ATOM   1176 C CA  . LEU A 1 162 ? 9.049   -10.057 10.880  1.00 22.17 ? 162 LEU A CA  1 
ATOM   1177 C C   . LEU A 1 162 ? 9.798   -11.303 11.330  1.00 22.25 ? 162 LEU A C   1 
ATOM   1178 O O   . LEU A 1 162 ? 11.016  -11.386 11.199  1.00 21.66 ? 162 LEU A O   1 
ATOM   1179 C CB  . LEU A 1 162 ? 9.096   -9.967  9.349   1.00 20.90 ? 162 LEU A CB  1 
ATOM   1180 C CG  . LEU A 1 162 ? 7.879   -9.343  8.665   1.00 19.70 ? 162 LEU A CG  1 
ATOM   1181 C CD1 . LEU A 1 162 ? 8.155   -9.158  7.179   1.00 19.58 ? 162 LEU A CD1 1 
ATOM   1182 C CD2 . LEU A 1 162 ? 6.669   -10.240 8.881   1.00 19.95 ? 162 LEU A CD2 1 
ATOM   1183 N N   . LEU A 1 163 ? 9.050   -12.260 11.868  1.00 22.33 ? 163 LEU A N   1 
ATOM   1184 C CA  . LEU A 1 163 ? 9.611   -13.514 12.339  1.00 22.51 ? 163 LEU A CA  1 
ATOM   1185 C C   . LEU A 1 163 ? 9.505   -14.551 11.224  1.00 23.21 ? 163 LEU A C   1 
ATOM   1186 O O   . LEU A 1 163 ? 10.174  -15.588 11.245  1.00 23.83 ? 163 LEU A O   1 
ATOM   1187 C CB  . LEU A 1 163 ? 8.853   -14.002 13.576  1.00 22.73 ? 163 LEU A CB  1 
ATOM   1188 C CG  . LEU A 1 163 ? 8.833   -13.073 14.789  1.00 21.83 ? 163 LEU A CG  1 
ATOM   1189 C CD1 . LEU A 1 163 ? 7.862   -13.614 15.826  1.00 22.53 ? 163 LEU A CD1 1 
ATOM   1190 C CD2 . LEU A 1 163 ? 10.233  -12.943 15.375  1.00 22.94 ? 163 LEU A CD2 1 
ATOM   1191 N N   . ASP A 1 164 ? 8.653   -14.259 10.247  1.00 23.98 ? 164 ASP A N   1 
ATOM   1192 C CA  . ASP A 1 164 ? 8.441   -15.148 9.115   1.00 24.91 ? 164 ASP A CA  1 
ATOM   1193 C C   . ASP A 1 164 ? 9.458   -14.815 8.026   1.00 24.74 ? 164 ASP A C   1 
ATOM   1194 O O   . ASP A 1 164 ? 9.271   -13.869 7.258   1.00 24.88 ? 164 ASP A O   1 
ATOM   1195 C CB  . ASP A 1 164 ? 7.021   -14.972 8.574   1.00 26.32 ? 164 ASP A CB  1 
ATOM   1196 C CG  . ASP A 1 164 ? 6.611   -16.091 7.639   1.00 27.07 ? 164 ASP A CG  1 
ATOM   1197 O OD1 . ASP A 1 164 ? 7.339   -16.347 6.657   1.00 27.48 ? 164 ASP A OD1 1 
ATOM   1198 O OD2 . ASP A 1 164 ? 5.556   -16.714 7.880   1.00 29.22 ? 164 ASP A OD2 1 
ATOM   1199 N N   . ASP A 1 165 ? 10.535  -15.592 7.968   1.00 25.23 ? 165 ASP A N   1 
ATOM   1200 C CA  . ASP A 1 165 ? 11.580  -15.372 6.975   1.00 25.36 ? 165 ASP A CA  1 
ATOM   1201 C C   . ASP A 1 165 ? 11.089  -15.622 5.555   1.00 24.71 ? 165 ASP A C   1 
ATOM   1202 O O   . ASP A 1 165 ? 11.592  -15.021 4.605   1.00 24.27 ? 165 ASP A O   1 
ATOM   1203 C CB  . ASP A 1 165 ? 12.794  -16.255 7.278   1.00 27.48 ? 165 ASP A CB  1 
ATOM   1204 C CG  . ASP A 1 165 ? 13.479  -15.873 8.576   1.00 28.65 ? 165 ASP A CG  1 
ATOM   1205 O OD1 . ASP A 1 165 ? 13.805  -14.679 8.745   1.00 29.91 ? 165 ASP A OD1 1 
ATOM   1206 O OD2 . ASP A 1 165 ? 13.694  -16.762 9.424   1.00 30.89 ? 165 ASP A OD2 1 
ATOM   1207 N N   . LYS A 1 166 ? 10.110  -16.510 5.410   1.00 23.68 ? 166 LYS A N   1 
ATOM   1208 C CA  . LYS A 1 166 ? 9.550   -16.804 4.096   1.00 24.09 ? 166 LYS A CA  1 
ATOM   1209 C C   . LYS A 1 166 ? 8.919   -15.521 3.572   1.00 21.52 ? 166 LYS A C   1 
ATOM   1210 O O   . LYS A 1 166 ? 9.087   -15.155 2.407   1.00 21.69 ? 166 LYS A O   1 
ATOM   1211 C CB  . LYS A 1 166 ? 8.474   -17.884 4.197   1.00 25.92 ? 166 LYS A CB  1 
ATOM   1212 C CG  . LYS A 1 166 ? 7.845   -18.245 2.859   1.00 28.91 ? 166 LYS A CG  1 
ATOM   1213 C CD  . LYS A 1 166 ? 6.456   -18.841 3.032   1.00 31.30 ? 166 LYS A CD  1 
ATOM   1214 C CE  . LYS A 1 166 ? 5.477   -17.799 3.560   1.00 32.72 ? 166 LYS A CE  1 
ATOM   1215 N NZ  . LYS A 1 166 ? 4.091   -18.331 3.678   1.00 34.47 ? 166 LYS A NZ  1 
ATOM   1216 N N   . ALA A 1 167 ? 8.182   -14.844 4.449   1.00 20.99 ? 167 ALA A N   1 
ATOM   1217 C CA  . ALA A 1 167 ? 7.517   -13.595 4.103   1.00 19.00 ? 167 ALA A CA  1 
ATOM   1218 C C   . ALA A 1 167 ? 8.559   -12.544 3.740   1.00 16.03 ? 167 ALA A C   1 
ATOM   1219 O O   . ALA A 1 167 ? 8.389   -11.802 2.773   1.00 16.94 ? 167 ALA A O   1 
ATOM   1220 C CB  . ALA A 1 167 ? 6.670   -13.112 5.275   1.00 19.60 ? 167 ALA A CB  1 
ATOM   1221 N N   . ARG A 1 168 ? 9.639   -12.490 4.513   1.00 17.99 ? 168 ARG A N   1 
ATOM   1222 C CA  . ARG A 1 168 ? 10.708  -11.529 4.261   1.00 17.27 ? 168 ARG A CA  1 
ATOM   1223 C C   . ARG A 1 168 ? 11.328  -11.772 2.887   1.00 16.55 ? 168 ARG A C   1 
ATOM   1224 O O   . ARG A 1 168 ? 11.640  -10.826 2.165   1.00 16.63 ? 168 ARG A O   1 
ATOM   1225 C CB  . ARG A 1 168 ? 11.787  -11.632 5.344   1.00 16.75 ? 168 ARG A CB  1 
ATOM   1226 C CG  . ARG A 1 168 ? 11.308  -11.286 6.749   1.00 16.75 ? 168 ARG A CG  1 
ATOM   1227 C CD  . ARG A 1 168 ? 12.427  -11.458 7.766   1.00 16.48 ? 168 ARG A CD  1 
ATOM   1228 N NE  . ARG A 1 168 ? 13.497  -10.478 7.591   1.00 15.25 ? 168 ARG A NE  1 
ATOM   1229 C CZ  . ARG A 1 168 ? 14.784  -10.731 7.810   1.00 14.63 ? 168 ARG A CZ  1 
ATOM   1230 N NH1 . ARG A 1 168 ? 15.168  -11.938 8.211   1.00 15.26 ? 168 ARG A NH1 1 
ATOM   1231 N NH2 . ARG A 1 168 ? 15.688  -9.775  7.634   1.00 14.12 ? 168 ARG A NH2 1 
ATOM   1232 N N   . GLU A 1 169 ? 11.490  -13.043 2.525   1.00 18.42 ? 169 GLU A N   1 
ATOM   1233 C CA  . GLU A 1 169 ? 12.065  -13.413 1.233   1.00 19.32 ? 169 GLU A CA  1 
ATOM   1234 C C   . GLU A 1 169 ? 11.172  -12.978 0.072   1.00 18.24 ? 169 GLU A C   1 
ATOM   1235 O O   . GLU A 1 169 ? 11.651  -12.405 -0.908  1.00 18.23 ? 169 GLU A O   1 
ATOM   1236 C CB  . GLU A 1 169 ? 12.291  -14.929 1.165   1.00 22.89 ? 169 GLU A CB  1 
ATOM   1237 C CG  . GLU A 1 169 ? 13.351  -15.452 2.124   1.00 27.11 ? 169 GLU A CG  1 
ATOM   1238 C CD  . GLU A 1 169 ? 13.519  -16.960 2.051   1.00 30.12 ? 169 GLU A CD  1 
ATOM   1239 O OE1 . GLU A 1 169 ? 13.766  -17.481 0.942   1.00 32.12 ? 169 GLU A OE1 1 
ATOM   1240 O OE2 . GLU A 1 169 ? 13.407  -17.624 3.102   1.00 32.50 ? 169 GLU A OE2 1 
ATOM   1241 N N   . LEU A 1 170 ? 9.875   -13.252 0.186   1.00 17.62 ? 170 LEU A N   1 
ATOM   1242 C CA  . LEU A 1 170 ? 8.918   -12.886 -0.857  1.00 17.27 ? 170 LEU A CA  1 
ATOM   1243 C C   . LEU A 1 170 ? 8.856   -11.374 -1.036  1.00 14.95 ? 170 LEU A C   1 
ATOM   1244 O O   . LEU A 1 170 ? 8.797   -10.871 -2.161  1.00 15.26 ? 170 LEU A O   1 
ATOM   1245 C CB  . LEU A 1 170 ? 7.525   -13.422 -0.514  1.00 18.66 ? 170 LEU A CB  1 
ATOM   1246 C CG  . LEU A 1 170 ? 7.346   -14.943 -0.517  1.00 19.15 ? 170 LEU A CG  1 
ATOM   1247 C CD1 . LEU A 1 170 ? 5.948   -15.290 -0.024  1.00 20.22 ? 170 LEU A CD1 1 
ATOM   1248 C CD2 . LEU A 1 170 ? 7.572   -15.489 -1.921  1.00 19.23 ? 170 LEU A CD2 1 
ATOM   1249 N N   . ILE A 1 171 ? 8.860   -10.647 0.077   1.00 16.11 ? 171 ILE A N   1 
ATOM   1250 C CA  . ILE A 1 171 ? 8.824   -9.194  0.024   1.00 15.81 ? 171 ILE A CA  1 
ATOM   1251 C C   . ILE A 1 171 ? 10.092  -8.714  -0.681  1.00 13.90 ? 171 ILE A C   1 
ATOM   1252 O O   . ILE A 1 171 ? 10.056  -7.792  -1.493  1.00 16.30 ? 171 ILE A O   1 
ATOM   1253 C CB  . ILE A 1 171 ? 8.745   -8.596  1.447   1.00 14.43 ? 171 ILE A CB  1 
ATOM   1254 C CG1 . ILE A 1 171 ? 7.399   -8.965  2.081   1.00 14.97 ? 171 ILE A CG1 1 
ATOM   1255 C CG2 . ILE A 1 171 ? 8.918   -7.087  1.393   1.00 14.72 ? 171 ILE A CG2 1 
ATOM   1256 C CD1 . ILE A 1 171 ? 7.265   -8.562  3.532   1.00 14.40 ? 171 ILE A CD1 1 
ATOM   1257 N N   . GLN A 1 172 ? 11.206  -9.367  -0.372  1.00 18.03 ? 172 GLN A N   1 
ATOM   1258 C CA  . GLN A 1 172 ? 12.487  -9.033  -0.978  1.00 19.27 ? 172 GLN A CA  1 
ATOM   1259 C C   . GLN A 1 172 ? 12.395  -9.258  -2.491  1.00 18.31 ? 172 GLN A C   1 
ATOM   1260 O O   . GLN A 1 172 ? 12.954  -8.496  -3.279  1.00 19.49 ? 172 GLN A O   1 
ATOM   1261 C CB  . GLN A 1 172 ? 13.582  -9.910  -0.366  1.00 21.89 ? 172 GLN A CB  1 
ATOM   1262 C CG  . GLN A 1 172 ? 14.997  -9.549  -0.770  1.00 26.04 ? 172 GLN A CG  1 
ATOM   1263 C CD  . GLN A 1 172 ? 16.030  -10.361 -0.011  1.00 28.27 ? 172 GLN A CD  1 
ATOM   1264 O OE1 . GLN A 1 172 ? 16.028  -11.591 -0.062  1.00 30.69 ? 172 GLN A OE1 1 
ATOM   1265 N NE2 . GLN A 1 172 ? 16.918  -9.675  0.701   1.00 30.11 ? 172 GLN A NE2 1 
ATOM   1266 N N   . GLN A 1 173 ? 11.662  -10.297 -2.885  1.00 18.98 ? 173 GLN A N   1 
ATOM   1267 C CA  . GLN A 1 173 ? 11.474  -10.633 -4.296  1.00 18.59 ? 173 GLN A CA  1 
ATOM   1268 C C   . GLN A 1 173 ? 10.657  -9.585  -5.051  1.00 17.29 ? 173 GLN A C   1 
ATOM   1269 O O   . GLN A 1 173 ? 10.988  -9.235  -6.185  1.00 16.56 ? 173 GLN A O   1 
ATOM   1270 C CB  . GLN A 1 173 ? 10.791  -11.998 -4.428  1.00 21.63 ? 173 GLN A CB  1 
ATOM   1271 C CG  . GLN A 1 173 ? 11.620  -13.170 -3.930  1.00 23.41 ? 173 GLN A CG  1 
ATOM   1272 C CD  . GLN A 1 173 ? 10.868  -14.488 -4.009  1.00 26.13 ? 173 GLN A CD  1 
ATOM   1273 O OE1 . GLN A 1 173 ? 10.403  -14.888 -5.077  1.00 27.90 ? 173 GLN A OE1 1 
ATOM   1274 N NE2 . GLN A 1 173 ? 10.746  -15.170 -2.875  1.00 27.32 ? 173 GLN A NE2 1 
ATOM   1275 N N   . GLN A 1 174 ? 9.587   -9.090  -4.431  1.00 14.95 ? 174 GLN A N   1 
ATOM   1276 C CA  . GLN A 1 174 ? 8.750   -8.078  -5.070  1.00 15.10 ? 174 GLN A CA  1 
ATOM   1277 C C   . GLN A 1 174 ? 9.549   -6.827  -5.358  1.00 13.53 ? 174 GLN A C   1 
ATOM   1278 O O   . GLN A 1 174 ? 9.467   -6.260  -6.447  1.00 15.17 ? 174 GLN A O   1 
ATOM   1279 C CB  . GLN A 1 174 ? 7.578   -7.681  -4.177  1.00 13.21 ? 174 GLN A CB  1 
ATOM   1280 C CG  . GLN A 1 174 ? 6.536   -8.743  -3.962  1.00 10.95 ? 174 GLN A CG  1 
ATOM   1281 C CD  . GLN A 1 174 ? 5.329   -8.193  -3.239  1.00 9.23  ? 174 GLN A CD  1 
ATOM   1282 O OE1 . GLN A 1 174 ? 5.457   -7.487  -2.235  1.00 9.72  ? 174 GLN A OE1 1 
ATOM   1283 N NE2 . GLN A 1 174 ? 4.144   -8.515  -3.742  1.00 8.00  ? 174 GLN A NE2 1 
ATOM   1284 N N   . LEU A 1 175 ? 10.306  -6.386  -4.356  1.00 15.18 ? 175 LEU A N   1 
ATOM   1285 C CA  . LEU A 1 175 ? 11.118  -5.188  -4.479  1.00 14.26 ? 175 LEU A CA  1 
ATOM   1286 C C   . LEU A 1 175 ? 12.175  -5.370  -5.565  1.00 11.74 ? 175 LEU A C   1 
ATOM   1287 O O   . LEU A 1 175 ? 12.477  -4.436  -6.303  1.00 14.51 ? 175 LEU A O   1 
ATOM   1288 C CB  . LEU A 1 175 ? 11.753  -4.862  -3.123  1.00 13.43 ? 175 LEU A CB  1 
ATOM   1289 C CG  . LEU A 1 175 ? 10.714  -4.599  -2.022  1.00 16.01 ? 175 LEU A CG  1 
ATOM   1290 C CD1 . LEU A 1 175 ? 11.392  -4.502  -0.663  1.00 14.72 ? 175 LEU A CD1 1 
ATOM   1291 C CD2 . LEU A 1 175 ? 9.950   -3.320  -2.339  1.00 16.72 ? 175 LEU A CD2 1 
ATOM   1292 N N   . GLN A 1 176 ? 12.723  -6.576  -5.672  1.00 16.20 ? 176 GLN A N   1 
ATOM   1293 C CA  . GLN A 1 176 ? 13.717  -6.850  -6.703  1.00 18.20 ? 176 GLN A CA  1 
ATOM   1294 C C   . GLN A 1 176 ? 13.036  -6.837  -8.072  1.00 18.50 ? 176 GLN A C   1 
ATOM   1295 O O   . GLN A 1 176 ? 13.660  -6.518  -9.081  1.00 20.73 ? 176 GLN A O   1 
ATOM   1296 C CB  . GLN A 1 176 ? 14.384  -8.207  -6.470  1.00 19.97 ? 176 GLN A CB  1 
ATOM   1297 C CG  . GLN A 1 176 ? 15.328  -8.245  -5.276  1.00 24.10 ? 176 GLN A CG  1 
ATOM   1298 C CD  . GLN A 1 176 ? 16.069  -9.564  -5.162  1.00 26.39 ? 176 GLN A CD  1 
ATOM   1299 O OE1 . GLN A 1 176 ? 16.805  -9.956  -6.068  1.00 29.53 ? 176 GLN A OE1 1 
ATOM   1300 N NE2 . GLN A 1 176 ? 15.878  -10.256 -4.045  1.00 28.66 ? 176 GLN A NE2 1 
ATOM   1301 N N   . ALA A 1 177 ? 11.748  -7.172  -8.094  1.00 19.11 ? 177 ALA A N   1 
ATOM   1302 C CA  . ALA A 1 177 ? 10.979  -7.190  -9.337  1.00 19.21 ? 177 ALA A CA  1 
ATOM   1303 C C   . ALA A 1 177 ? 10.666  -5.766  -9.792  1.00 19.24 ? 177 ALA A C   1 
ATOM   1304 O O   . ALA A 1 177 ? 10.780  -5.445  -10.977 1.00 19.29 ? 177 ALA A O   1 
ATOM   1305 C CB  . ALA A 1 177 ? 9.690   -7.975  -9.141  1.00 20.60 ? 177 ALA A CB  1 
ATOM   1306 N N   . LEU A 1 178 ? 10.271  -4.913  -8.850  1.00 18.05 ? 178 LEU A N   1 
ATOM   1307 C CA  . LEU A 1 178 ? 9.962   -3.521  -9.164  1.00 18.94 ? 178 LEU A CA  1 
ATOM   1308 C C   . LEU A 1 178 ? 11.189  -2.837  -9.730  1.00 19.40 ? 178 LEU A C   1 
ATOM   1309 O O   . LEU A 1 178 ? 11.096  -2.030  -10.656 1.00 20.53 ? 178 LEU A O   1 
ATOM   1310 C CB  . LEU A 1 178 ? 9.514   -2.769  -7.911  1.00 17.12 ? 178 LEU A CB  1 
ATOM   1311 C CG  . LEU A 1 178 ? 8.147   -3.109  -7.330  1.00 14.69 ? 178 LEU A CG  1 
ATOM   1312 C CD1 . LEU A 1 178 ? 7.919   -2.292  -6.070  1.00 12.76 ? 178 LEU A CD1 1 
ATOM   1313 C CD2 . LEU A 1 178 ? 7.071   -2.819  -8.357  1.00 13.03 ? 178 LEU A CD2 1 
ATOM   1314 N N   . GLN A 1 179 ? 12.343  -3.155  -9.151  1.00 20.59 ? 179 GLN A N   1 
ATOM   1315 C CA  . GLN A 1 179 ? 13.602  -2.581  -9.593  1.00 21.64 ? 179 GLN A CA  1 
ATOM   1316 C C   . GLN A 1 179 ? 13.786  -2.912  -11.068 1.00 21.47 ? 179 GLN A C   1 
ATOM   1317 O O   . GLN A 1 179 ? 14.096  -2.040  -11.881 1.00 22.73 ? 179 GLN A O   1 
ATOM   1318 C CB  . GLN A 1 179 ? 14.752  -3.165  -8.772  1.00 21.93 ? 179 GLN A CB  1 
ATOM   1319 C CG  . GLN A 1 179 ? 16.118  -2.637  -9.147  1.00 23.58 ? 179 GLN A CG  1 
ATOM   1320 C CD  . GLN A 1 179 ? 17.209  -3.205  -8.267  1.00 24.19 ? 179 GLN A CD  1 
ATOM   1321 O OE1 . GLN A 1 179 ? 17.398  -4.419  -8.200  1.00 25.44 ? 179 GLN A OE1 1 
ATOM   1322 N NE2 . GLN A 1 179 ? 17.933  -2.328  -7.583  1.00 26.41 ? 179 GLN A NE2 1 
ATOM   1323 N N   . LEU A 1 180 ? 13.581  -4.183  -11.401 1.00 22.87 ? 180 LEU A N   1 
ATOM   1324 C CA  . LEU A 1 180 ? 13.706  -4.653  -12.774 1.00 24.14 ? 180 LEU A CA  1 
ATOM   1325 C C   . LEU A 1 180 ? 12.648  -3.992  -13.648 1.00 24.93 ? 180 LEU A C   1 
ATOM   1326 O O   . LEU A 1 180 ? 13.025  -3.369  -14.663 1.00 24.92 ? 180 LEU A O   1 
ATOM   1327 C CB  . LEU A 1 180 ? 13.541  -6.175  -12.827 1.00 23.96 ? 180 LEU A CB  1 
ATOM   1328 C CG  . LEU A 1 180 ? 14.618  -7.023  -12.142 1.00 25.12 ? 180 LEU A CG  1 
ATOM   1329 C CD1 . LEU A 1 180 ? 14.211  -8.489  -12.160 1.00 25.75 ? 180 LEU A CD1 1 
ATOM   1330 C CD2 . LEU A 1 180 ? 15.950  -6.829  -12.850 1.00 25.39 ? 180 LEU A CD2 1 
HETATM 1331 S S   . SO4 B 2 .   ? -3.956  -3.997  10.422  1.00 7.98  ? 194 SO4 A S   1 
HETATM 1332 O O1  . SO4 B 2 .   ? -4.936  -4.783  9.653   1.00 8.87  ? 194 SO4 A O1  1 
HETATM 1333 O O2  . SO4 B 2 .   ? -2.943  -3.455  9.497   1.00 8.50  ? 194 SO4 A O2  1 
HETATM 1334 O O3  . SO4 B 2 .   ? -3.302  -4.849  11.429  1.00 8.87  ? 194 SO4 A O3  1 
HETATM 1335 O O4  . SO4 B 2 .   ? -4.627  -2.882  11.105  1.00 7.58  ? 194 SO4 A O4  1 
HETATM 1336 O O   . HOH C 3 .   ? -11.665 -10.731 -3.945  1.00 6.02  ? 195 HOH A O   1 
HETATM 1337 O O   . HOH C 3 .   ? 0.587   -9.932  -3.244  1.00 5.88  ? 196 HOH A O   1 
HETATM 1338 O O   . HOH C 3 .   ? -4.405  -4.690  -11.625 1.00 7.31  ? 197 HOH A O   1 
HETATM 1339 O O   . HOH C 3 .   ? -14.683 -8.792  -10.618 1.00 5.87  ? 198 HOH A O   1 
HETATM 1340 O O   . HOH C 3 .   ? -14.456 7.369   -0.405  1.00 6.05  ? 199 HOH A O   1 
HETATM 1341 O O   . HOH C 3 .   ? -8.034  0.807   7.864   1.00 8.19  ? 200 HOH A O   1 
HETATM 1342 O O   . HOH C 3 .   ? -2.414  -10.371 -5.364  1.00 6.80  ? 201 HOH A O   1 
HETATM 1343 O O   . HOH C 3 .   ? -3.671  -7.378  -11.458 1.00 6.62  ? 202 HOH A O   1 
HETATM 1344 O O   . HOH C 3 .   ? -8.618  7.733   3.839   1.00 8.59  ? 203 HOH A O   1 
HETATM 1345 O O   . HOH C 3 .   ? -19.275 12.848  -2.531  1.00 7.72  ? 204 HOH A O   1 
HETATM 1346 O O   . HOH C 3 .   ? -18.999 11.138  -0.311  1.00 8.08  ? 205 HOH A O   1 
HETATM 1347 O O   . HOH C 3 .   ? -2.548  0.232   -19.627 1.00 8.52  ? 206 HOH A O   1 
HETATM 1348 O O   . HOH C 3 .   ? -7.229  -2.401  11.468  1.00 8.01  ? 207 HOH A O   1 
HETATM 1349 O O   . HOH C 3 .   ? 1.627   -9.652  -5.842  1.00 7.18  ? 208 HOH A O   1 
HETATM 1350 O O   . HOH C 3 .   ? 1.793   -7.086  -6.617  1.00 7.82  ? 209 HOH A O   1 
HETATM 1351 O O   . HOH C 3 .   ? -12.282 -10.031 5.552   1.00 8.41  ? 210 HOH A O   1 
HETATM 1352 O O   . HOH C 3 .   ? -7.457  -6.412  -12.538 1.00 8.38  ? 211 HOH A O   1 
HETATM 1353 O O   . HOH C 3 .   ? -9.370  -14.023 6.439   1.00 28.50 ? 212 HOH A O   1 
HETATM 1354 O O   . HOH C 3 .   ? -16.592 -11.907 -8.179  1.00 10.48 ? 213 HOH A O   1 
HETATM 1355 O O   . HOH C 3 .   ? 13.998  -5.355  7.048   1.00 11.98 ? 214 HOH A O   1 
HETATM 1356 O O   . HOH C 3 .   ? -7.281  12.256  -13.803 1.00 11.51 ? 215 HOH A O   1 
HETATM 1357 O O   . HOH C 3 .   ? 5.674   15.774  -6.704  1.00 13.16 ? 216 HOH A O   1 
HETATM 1358 O O   . HOH C 3 .   ? -0.758  2.397   11.007  1.00 13.16 ? 217 HOH A O   1 
HETATM 1359 O O   . HOH C 3 .   ? 14.017  -5.455  10.937  1.00 14.02 ? 218 HOH A O   1 
HETATM 1360 O O   . HOH C 3 .   ? -9.285  11.001  -12.437 1.00 13.55 ? 219 HOH A O   1 
HETATM 1361 O O   . HOH C 3 .   ? 19.016  -5.501  3.330   1.00 14.20 ? 220 HOH A O   1 
HETATM 1362 O O   . HOH C 3 .   ? 14.309  1.602   1.737   1.00 13.14 ? 221 HOH A O   1 
HETATM 1363 O O   . HOH C 3 .   ? -21.572 18.326  1.556   1.00 15.14 ? 222 HOH A O   1 
HETATM 1364 O O   . HOH C 3 .   ? -17.624 11.919  -7.154  1.00 32.62 ? 223 HOH A O   1 
HETATM 1365 O O   . HOH C 3 .   ? 0.160   -15.097 -8.939  1.00 13.48 ? 224 HOH A O   1 
HETATM 1366 O O   . HOH C 3 .   ? 2.063   -15.251 0.999   1.00 13.84 ? 225 HOH A O   1 
HETATM 1367 O O   . HOH C 3 .   ? -2.202  -8.235  -13.591 1.00 10.14 ? 226 HOH A O   1 
HETATM 1368 O O   . HOH C 3 .   ? 1.316   -16.411 6.111   1.00 15.68 ? 227 HOH A O   1 
HETATM 1369 O O   . HOH C 3 .   ? 3.763   -16.032 -5.006  1.00 16.80 ? 228 HOH A O   1 
HETATM 1370 O O   . HOH C 3 .   ? 12.783  -7.716  7.768   1.00 14.07 ? 229 HOH A O   1 
HETATM 1371 O O   . HOH C 3 .   ? -13.010 -8.976  8.167   1.00 15.93 ? 230 HOH A O   1 
HETATM 1372 O O   . HOH C 3 .   ? -23.162 17.799  -4.574  1.00 15.10 ? 231 HOH A O   1 
HETATM 1373 O O   . HOH C 3 .   ? -3.566  -19.799 4.964   1.00 15.05 ? 232 HOH A O   1 
HETATM 1374 O O   . HOH C 3 .   ? -7.852  -12.511 4.071   1.00 16.02 ? 233 HOH A O   1 
HETATM 1375 O O   . HOH C 3 .   ? -3.235  10.856  -15.027 1.00 18.09 ? 234 HOH A O   1 
HETATM 1376 O O   . HOH C 3 .   ? 16.222  -6.984  7.227   1.00 18.51 ? 235 HOH A O   1 
HETATM 1377 O O   . HOH C 3 .   ? -2.147  12.604  6.083   1.00 17.91 ? 236 HOH A O   1 
HETATM 1378 O O   . HOH C 3 .   ? 7.953   -2.839  11.660  1.00 18.97 ? 237 HOH A O   1 
HETATM 1379 O O   . HOH C 3 .   ? -6.156  -7.329  7.264   1.00 15.09 ? 238 HOH A O   1 
HETATM 1380 O O   . HOH C 3 .   ? 13.262  -1.575  8.334   1.00 18.83 ? 239 HOH A O   1 
HETATM 1381 O O   . HOH C 3 .   ? -8.105  -9.404  -9.453  1.00 15.08 ? 240 HOH A O   1 
HETATM 1382 O O   . HOH C 3 .   ? 10.984  -0.975  -13.357 1.00 23.04 ? 241 HOH A O   1 
HETATM 1383 O O   . HOH C 3 .   ? 2.672   -1.190  13.189  1.00 17.47 ? 242 HOH A O   1 
HETATM 1384 O O   . HOH C 3 .   ? -2.087  16.163  -11.237 1.00 13.52 ? 243 HOH A O   1 
HETATM 1385 O O   . HOH C 3 .   ? 15.022  -7.008  -2.518  1.00 18.46 ? 244 HOH A O   1 
HETATM 1386 O O   . HOH C 3 .   ? 0.160   16.795  -6.941  1.00 15.31 ? 245 HOH A O   1 
HETATM 1387 O O   . HOH C 3 .   ? -13.195 12.793  7.783   1.00 18.70 ? 246 HOH A O   1 
HETATM 1388 O O   . HOH C 3 .   ? 1.956   4.177   4.795   1.00 18.11 ? 247 HOH A O   1 
HETATM 1389 O O   . HOH C 3 .   ? -11.431 21.895  -0.017  1.00 17.74 ? 248 HOH A O   1 
HETATM 1390 O O   . HOH C 3 .   ? -9.867  -16.706 9.436   1.00 20.83 ? 249 HOH A O   1 
HETATM 1391 O O   . HOH C 3 .   ? -2.366  17.634  -6.432  1.00 22.07 ? 250 HOH A O   1 
HETATM 1392 O O   . HOH C 3 .   ? 6.853   14.772  -2.559  1.00 30.83 ? 251 HOH A O   1 
HETATM 1393 O O   . HOH C 3 .   ? 1.249   9.564   -13.637 1.00 22.49 ? 252 HOH A O   1 
HETATM 1394 O O   . HOH C 3 .   ? 0.182   2.614   -18.629 1.00 20.43 ? 253 HOH A O   1 
HETATM 1395 O O   . HOH C 3 .   ? -0.873  6.717   7.386   1.00 20.99 ? 254 HOH A O   1 
HETATM 1396 O O   . HOH C 3 .   ? 7.437   9.629   -3.201  1.00 21.18 ? 255 HOH A O   1 
HETATM 1397 O O   . HOH C 3 .   ? -18.774 22.736  -3.064  1.00 20.50 ? 256 HOH A O   1 
HETATM 1398 O O   . HOH C 3 .   ? 19.293  -5.393  0.408   1.00 18.19 ? 257 HOH A O   1 
HETATM 1399 O O   . HOH C 3 .   ? -2.449  4.079   -20.654 1.00 23.13 ? 258 HOH A O   1 
HETATM 1400 O O   . HOH C 3 .   ? 2.625   10.528  -11.499 1.00 18.11 ? 259 HOH A O   1 
HETATM 1401 O O   . HOH C 3 .   ? -0.592  13.047  3.263   1.00 19.77 ? 260 HOH A O   1 
HETATM 1402 O O   . HOH C 3 .   ? 10.693  -2.636  11.465  1.00 20.24 ? 261 HOH A O   1 
HETATM 1403 O O   . HOH C 3 .   ? -12.072 18.558  -11.791 1.00 22.23 ? 262 HOH A O   1 
HETATM 1404 O O   . HOH C 3 .   ? -11.998 -20.613 6.646   1.00 25.97 ? 263 HOH A O   1 
HETATM 1405 O O   . HOH C 3 .   ? 1.488   11.398  3.030   1.00 32.04 ? 264 HOH A O   1 
HETATM 1406 O O   . HOH C 3 .   ? -1.847  4.175   7.053   1.00 19.61 ? 265 HOH A O   1 
HETATM 1407 O O   . HOH C 3 .   ? 7.971   4.539   -13.053 1.00 23.71 ? 266 HOH A O   1 
HETATM 1408 O O   . HOH C 3 .   ? 18.878  0.618   -0.648  1.00 23.52 ? 267 HOH A O   1 
HETATM 1409 O O   . HOH C 3 .   ? -14.095 15.788  2.636   1.00 24.70 ? 268 HOH A O   1 
HETATM 1410 O O   . HOH C 3 .   ? -17.988 15.754  4.459   1.00 24.33 ? 269 HOH A O   1 
HETATM 1411 O O   . HOH C 3 .   ? -1.797  -18.892 8.859   1.00 22.94 ? 270 HOH A O   1 
HETATM 1412 O O   . HOH C 3 .   ? -7.382  14.870  -15.804 1.00 45.19 ? 271 HOH A O   1 
HETATM 1413 O O   . HOH C 3 .   ? -5.591  18.177  5.164   1.00 26.51 ? 272 HOH A O   1 
HETATM 1414 O O   . HOH C 3 .   ? 13.419  -12.832 10.891  1.00 24.51 ? 273 HOH A O   1 
HETATM 1415 O O   . HOH C 3 .   ? 2.949   -16.359 -1.383  1.00 21.04 ? 274 HOH A O   1 
HETATM 1416 O O   . HOH C 3 .   ? -4.034  21.735  -0.240  1.00 26.60 ? 275 HOH A O   1 
HETATM 1417 O O   . HOH C 3 .   ? -11.634 24.704  -7.293  1.00 30.35 ? 276 HOH A O   1 
HETATM 1418 O O   . HOH C 3 .   ? -2.892  6.946   12.233  1.00 20.81 ? 277 HOH A O   1 
HETATM 1419 O O   . HOH C 3 .   ? -1.652  -6.061  16.983  1.00 26.34 ? 278 HOH A O   1 
HETATM 1420 O O   . HOH C 3 .   ? 0.043   -6.638  -14.589 1.00 27.74 ? 279 HOH A O   1 
HETATM 1421 O O   . HOH C 3 .   ? 3.827   -14.785 3.000   1.00 40.65 ? 280 HOH A O   1 
HETATM 1422 O O   . HOH C 3 .   ? 6.855   7.715   -12.843 1.00 30.31 ? 281 HOH A O   1 
HETATM 1423 O O   . HOH C 3 .   ? 4.942   1.748   8.128   1.00 23.62 ? 282 HOH A O   1 
HETATM 1424 O O   . HOH C 3 .   ? -19.015 14.364  -8.984  1.00 43.44 ? 283 HOH A O   1 
HETATM 1425 O O   . HOH C 3 .   ? 2.950   -19.689 -9.479  1.00 30.89 ? 284 HOH A O   1 
HETATM 1426 O O   . HOH C 3 .   ? -0.609  6.085   -18.103 1.00 33.49 ? 285 HOH A O   1 
HETATM 1427 O O   . HOH C 3 .   ? -11.857 9.720   -9.608  1.00 48.80 ? 286 HOH A O   1 
HETATM 1428 O O   . HOH C 3 .   ? 18.239  6.071   -6.647  1.00 32.39 ? 287 HOH A O   1 
HETATM 1429 O O   . HOH C 3 .   ? 9.851   6.547   -13.096 1.00 31.53 ? 288 HOH A O   1 
HETATM 1430 O O   . HOH C 3 .   ? 8.112   -11.256 -10.977 1.00 33.45 ? 289 HOH A O   1 
HETATM 1431 O O   . HOH C 3 .   ? 3.901   6.843   -14.455 1.00 29.98 ? 290 HOH A O   1 
HETATM 1432 O O   . HOH C 3 .   ? 9.162   7.726   4.938   1.00 27.69 ? 291 HOH A O   1 
HETATM 1433 O O   . HOH C 3 .   ? -6.717  21.642  -5.540  1.00 28.63 ? 292 HOH A O   1 
HETATM 1434 O O   . HOH C 3 .   ? 13.959  5.183   3.000   1.00 33.00 ? 293 HOH A O   1 
HETATM 1435 O O   . HOH C 3 .   ? 9.600   -6.687  -15.532 1.00 38.19 ? 294 HOH A O   1 
HETATM 1436 O O   . HOH C 3 .   ? -17.657 18.915  -8.407  1.00 37.85 ? 295 HOH A O   1 
HETATM 1437 O O   . HOH C 3 .   ? 5.645   18.862  -3.132  1.00 30.38 ? 296 HOH A O   1 
HETATM 1438 O O   . HOH C 3 .   ? 6.445   2.904   10.280  1.00 29.27 ? 297 HOH A O   1 
HETATM 1439 O O   . HOH C 3 .   ? -6.278  9.633   11.775  1.00 30.71 ? 298 HOH A O   1 
HETATM 1440 O O   . HOH C 3 .   ? -17.662 -8.137  10.341  1.00 23.90 ? 299 HOH A O   1 
HETATM 1441 O O   . HOH C 3 .   ? -20.265 20.882  -5.014  1.00 31.65 ? 300 HOH A O   1 
HETATM 1442 O O   . HOH C 3 .   ? -17.804 21.913  0.754   1.00 27.98 ? 301 HOH A O   1 
HETATM 1443 O O   . HOH C 3 .   ? -0.115  13.999  -12.842 1.00 23.11 ? 302 HOH A O   1 
HETATM 1444 O O   . HOH C 3 .   ? 4.773   10.845  4.601   1.00 42.67 ? 303 HOH A O   1 
HETATM 1445 O O   . HOH C 3 .   ? 19.119  -8.398  2.475   1.00 32.75 ? 304 HOH A O   1 
HETATM 1446 O O   . HOH C 3 .   ? 8.891   9.016   -10.939 1.00 35.95 ? 305 HOH A O   1 
HETATM 1447 O O   . HOH C 3 .   ? 3.295   13.326  5.007   1.00 44.99 ? 306 HOH A O   1 
HETATM 1448 O O   . HOH C 3 .   ? 0.540   -18.951 13.498  1.00 35.07 ? 307 HOH A O   1 
HETATM 1449 O O   . HOH C 3 .   ? -15.650 14.371  5.204   1.00 41.92 ? 308 HOH A O   1 
HETATM 1450 O O   . HOH C 3 .   ? 1.344   -16.670 -6.456  1.00 36.07 ? 309 HOH A O   1 
HETATM 1451 O O   . HOH C 3 .   ? -6.600  -4.322  -1.375  1.00 46.11 ? 310 HOH A O   1 
HETATM 1452 O O   . HOH C 3 .   ? 10.627  -18.209 9.152   1.00 34.45 ? 311 HOH A O   1 
HETATM 1453 O O   . HOH C 3 .   ? 17.563  -8.063  -2.080  1.00 35.44 ? 312 HOH A O   1 
HETATM 1454 O O   . HOH C 3 .   ? -15.294 22.993  -8.737  1.00 28.61 ? 313 HOH A O   1 
HETATM 1455 O O   . HOH C 3 .   ? 15.681  10.615  -2.564  1.00 43.24 ? 314 HOH A O   1 
HETATM 1456 O O   . HOH C 3 .   ? -13.986 -2.075  -0.578  1.00 41.79 ? 315 HOH A O   1 
HETATM 1457 O O   . HOH C 3 .   ? -7.501  8.735   6.215   1.00 10.30 ? 316 HOH A O   1 
HETATM 1458 O O   . HOH C 3 .   ? 4.884   -4.078  -13.112 1.00 24.01 ? 317 HOH A O   1 
HETATM 1459 O O   . HOH C 3 .   ? -6.017  10.630  -15.770 1.00 20.00 ? 318 HOH A O   1 
HETATM 1460 O O   . HOH C 3 .   ? 14.897  -3.598  8.977   1.00 16.46 ? 319 HOH A O   1 
HETATM 1461 O O   . HOH C 3 .   ? 2.890   3.307   7.273   1.00 21.50 ? 320 HOH A O   1 
HETATM 1462 O O   . HOH C 3 .   ? -13.385 17.583  4.779   1.00 19.95 ? 321 HOH A O   1 
HETATM 1463 O O   . HOH C 3 .   ? 11.506  1.234   -11.960 1.00 22.98 ? 322 HOH A O   1 
HETATM 1464 O O   . HOH C 3 .   ? -7.338  17.134  -17.366 1.00 27.05 ? 323 HOH A O   1 
HETATM 1465 O O   . HOH C 3 .   ? -1.137  15.270  -8.818  1.00 18.43 ? 324 HOH A O   1 
HETATM 1466 O O   . HOH C 3 .   ? 4.014   18.367  -0.714  1.00 26.69 ? 325 HOH A O   1 
HETATM 1467 O O   . HOH C 3 .   ? 2.105   13.171  -11.696 1.00 19.78 ? 326 HOH A O   1 
HETATM 1468 O O   . HOH C 3 .   ? -17.799 18.681  4.860   1.00 22.58 ? 327 HOH A O   1 
HETATM 1469 O O   . HOH C 3 .   ? 15.337  -4.409  13.083  1.00 23.67 ? 328 HOH A O   1 
HETATM 1470 O O   . HOH C 3 .   ? -0.100  11.740  -14.755 1.00 26.91 ? 329 HOH A O   1 
HETATM 1471 O O   . HOH C 3 .   ? 15.523  9.216   -8.023  1.00 43.40 ? 330 HOH A O   1 
HETATM 1472 O O   . HOH C 3 .   ? -4.553  -7.108  17.291  1.00 52.55 ? 331 HOH A O   1 
HETATM 1473 O O   . HOH C 3 .   ? 18.332  4.796   -9.269  1.00 29.88 ? 332 HOH A O   1 
HETATM 1474 O O   . HOH C 3 .   ? 4.847   -0.693  -15.172 1.00 40.03 ? 333 HOH A O   1 
HETATM 1475 O O   . HOH C 3 .   ? 9.499   -9.059  -12.062 1.00 23.37 ? 334 HOH A O   1 
HETATM 1476 O O   . HOH C 3 .   ? 17.559  2.462   0.937   1.00 34.60 ? 335 HOH A O   1 
HETATM 1477 O O   . HOH C 3 .   ? -20.304 12.262  -7.738  1.00 50.09 ? 336 HOH A O   1 
HETATM 1478 O O   . HOH C 3 .   ? 19.653  -7.711  -3.814  1.00 28.38 ? 337 HOH A O   1 
HETATM 1479 O O   . HOH C 3 .   ? 4.892   -0.038  11.976  1.00 30.19 ? 338 HOH A O   1 
HETATM 1480 O O   . HOH C 3 .   ? -1.172  -20.611 6.325   1.00 30.87 ? 339 HOH A O   1 
HETATM 1481 O O   . HOH C 3 .   ? -9.720  25.636  -5.630  1.00 33.73 ? 340 HOH A O   1 
HETATM 1482 O O   . HOH C 3 .   ? 14.619  9.832   -10.665 1.00 29.41 ? 341 HOH A O   1 
HETATM 1483 O O   . HOH C 3 .   ? 1.057   -19.159 5.442   1.00 31.08 ? 342 HOH A O   1 
HETATM 1484 O O   . HOH C 3 .   ? 12.619  -0.672  11.536  1.00 28.78 ? 343 HOH A O   1 
HETATM 1485 O O   . HOH C 3 .   ? -0.753  6.877   10.318  1.00 29.40 ? 344 HOH A O   1 
HETATM 1486 O O   . HOH C 3 .   ? -13.415 22.761  1.718   1.00 31.26 ? 345 HOH A O   1 
HETATM 1487 O O   . HOH C 3 .   ? 1.607   21.323  -6.588  1.00 41.15 ? 346 HOH A O   1 
HETATM 1488 O O   . HOH C 3 .   ? 7.304   -0.806  13.309  1.00 30.62 ? 347 HOH A O   1 
HETATM 1489 O O   . HOH C 3 .   ? -13.190 10.241  -5.039  1.00 48.82 ? 348 HOH A O   1 
HETATM 1490 O O   . HOH C 3 .   ? -15.464 20.027  -9.596  1.00 33.49 ? 349 HOH A O   1 
HETATM 1491 O O   . HOH C 3 .   ? 15.246  -11.673 15.222  1.00 39.14 ? 350 HOH A O   1 
HETATM 1492 O O   . HOH C 3 .   ? -13.472 28.134  -3.662  1.00 37.31 ? 351 HOH A O   1 
HETATM 1493 O O   . HOH C 3 .   ? -0.800  14.892  7.111   1.00 35.52 ? 352 HOH A O   1 
HETATM 1494 O O   . HOH C 3 .   ? -18.719 24.720  -5.039  1.00 36.04 ? 353 HOH A O   1 
HETATM 1495 O O   . HOH C 3 .   ? 4.846   10.159  -13.673 1.00 47.99 ? 354 HOH A O   1 
HETATM 1496 O O   . HOH C 3 .   ? 13.687  -1.442  -16.885 1.00 29.13 ? 355 HOH A O   1 
HETATM 1497 O O   . HOH C 3 .   ? -0.838  17.640  5.415   1.00 29.28 ? 356 HOH A O   1 
HETATM 1498 O O   . HOH C 3 .   ? -10.871 18.629  4.458   1.00 23.84 ? 357 HOH A O   1 
HETATM 1499 O O   . HOH C 3 .   ? -12.812 16.846  7.879   1.00 32.39 ? 358 HOH A O   1 
# 
